data_6YUR
#
_entry.id   6YUR
#
_cell.length_a   90.349
_cell.length_b   94.560
_cell.length_c   94.781
_cell.angle_alpha   98.47
_cell.angle_beta   111.71
_cell.angle_gamma   97.42
#
_symmetry.space_group_name_H-M   'P 1'
#
loop_
_entity.id
_entity.type
_entity.pdbx_description
1 polymer 'Enoyl-[acyl-carrier-protein] reductase [NADPH]'
2 non-polymer 'NADP NICOTINAMIDE-ADENINE-DINUCLEOTIDE PHOSPHATE'
3 non-polymer 6-[4-(4-hexyl-2-oxidanyl-phenoxy)phenoxy]pyridin-2-ol
4 water water
#
_entity_poly.entity_id   1
_entity_poly.type   'polypeptide(L)'
_entity_poly.pdbx_seq_one_letter_code
;MKHHHHHHPMSDYDIPTTENLYFQGAMVNLENKTYVIMGIANKRSIAFGVAKVLDQLGAKLVFTYRKERSRKELEKLLEQ
LNQPEAHLYQIDVQSDEEVINGFEQIGKDVGNIDGVYHSIAFANMEDLRGRFSETSREGFLLAQDISSYSLTIVAHEAKK
LMPEGGSIVATTYLGGEFAVQNYNVMGVAKASLEANVKYLALDLGPDNIRVNAISAGPIRTLSAKGVGGFNTILKEIEER
APLKRNVDQVEVGKTAAYLLSDLSSGVTGENIHVDSGFHAIK
;
_entity_poly.pdbx_strand_id   A,B,C,D,E,F,G,H
#
# COMPACT_ATOMS: atom_id res chain seq x y z
N VAL A 28 -48.51 -7.85 10.62
CA VAL A 28 -47.08 -8.34 10.68
C VAL A 28 -46.35 -7.90 11.98
N ASN A 29 -46.72 -8.32 13.22
CA ASN A 29 -45.71 -8.40 14.29
C ASN A 29 -44.72 -9.54 14.00
N LEU A 30 -43.46 -9.18 13.87
CA LEU A 30 -42.42 -10.17 13.70
C LEU A 30 -41.56 -10.27 14.96
N GLU A 31 -42.06 -9.93 16.14
CA GLU A 31 -41.35 -10.23 17.38
C GLU A 31 -41.12 -11.74 17.54
N ASN A 32 -39.97 -12.14 18.08
CA ASN A 32 -39.65 -13.57 18.27
C ASN A 32 -39.42 -14.28 16.93
N LYS A 33 -39.34 -13.53 15.84
CA LYS A 33 -38.89 -14.08 14.56
C LYS A 33 -37.42 -13.68 14.33
N THR A 34 -36.73 -14.46 13.51
CA THR A 34 -35.33 -14.21 13.23
C THR A 34 -35.09 -14.38 11.74
N TYR A 35 -34.46 -13.39 11.11
CA TYR A 35 -34.28 -13.42 9.66
C TYR A 35 -32.79 -13.18 9.36
N VAL A 36 -32.30 -13.86 8.36
CA VAL A 36 -30.95 -13.62 7.87
C VAL A 36 -31.08 -12.71 6.64
N ILE A 37 -30.39 -11.57 6.64
CA ILE A 37 -30.37 -10.68 5.48
C ILE A 37 -28.98 -10.69 4.87
N MET A 38 -28.90 -11.12 3.62
CA MET A 38 -27.68 -11.27 2.91
C MET A 38 -27.55 -10.17 1.85
N GLY A 39 -26.50 -9.34 1.94
CA GLY A 39 -26.12 -8.44 0.82
C GLY A 39 -26.30 -6.95 1.11
N ILE A 40 -26.27 -6.53 2.37
CA ILE A 40 -26.10 -5.11 2.66
C ILE A 40 -24.63 -4.71 2.44
N ALA A 41 -24.39 -3.68 1.61
CA ALA A 41 -23.04 -3.01 1.43
C ALA A 41 -23.02 -1.62 2.06
N ASN A 42 -24.15 -0.90 2.04
CA ASN A 42 -24.21 0.49 2.51
C ASN A 42 -25.68 0.88 2.74
N LYS A 43 -25.90 2.12 3.16
CA LYS A 43 -27.25 2.61 3.47
C LYS A 43 -28.19 2.59 2.24
N ARG A 44 -27.70 2.56 1.01
CA ARG A 44 -28.55 2.59 -0.20
C ARG A 44 -28.90 1.15 -0.67
N SER A 45 -28.31 0.13 -0.03
CA SER A 45 -28.57 -1.24 -0.45
C SER A 45 -30.07 -1.57 -0.28
N ILE A 46 -30.62 -2.24 -1.28
CA ILE A 46 -32.04 -2.79 -1.16
C ILE A 46 -32.19 -3.56 0.14
N ALA A 47 -31.20 -4.38 0.49
CA ALA A 47 -31.27 -5.18 1.71
C ALA A 47 -31.34 -4.33 2.97
N PHE A 48 -30.82 -3.11 2.94
CA PHE A 48 -30.97 -2.23 4.13
C PHE A 48 -32.41 -1.71 4.21
N GLY A 49 -33.08 -1.54 3.07
CA GLY A 49 -34.55 -1.26 3.09
C GLY A 49 -35.31 -2.39 3.83
N VAL A 50 -35.04 -3.60 3.37
CA VAL A 50 -35.56 -4.78 4.02
C VAL A 50 -35.22 -4.75 5.51
N ALA A 51 -33.98 -4.51 5.87
CA ALA A 51 -33.59 -4.55 7.27
C ALA A 51 -34.38 -3.53 8.08
N LYS A 52 -34.54 -2.31 7.56
CA LYS A 52 -35.22 -1.25 8.34
C LYS A 52 -36.69 -1.62 8.57
N VAL A 53 -37.32 -2.23 7.58
CA VAL A 53 -38.73 -2.60 7.73
C VAL A 53 -38.85 -3.75 8.75
N LEU A 54 -38.03 -4.81 8.58
CA LEU A 54 -38.12 -5.99 9.47
C LEU A 54 -37.75 -5.57 10.90
N ASP A 55 -36.74 -4.74 11.04
CA ASP A 55 -36.31 -4.26 12.35
C ASP A 55 -37.40 -3.48 13.03
N GLN A 56 -38.05 -2.61 12.26
CA GLN A 56 -39.16 -1.77 12.76
C GLN A 56 -40.34 -2.64 13.19
N LEU A 57 -40.51 -3.82 12.59
CA LEU A 57 -41.59 -4.75 12.96
C LEU A 57 -41.16 -5.71 14.08
N GLY A 58 -39.96 -5.54 14.67
CA GLY A 58 -39.57 -6.30 15.86
C GLY A 58 -38.79 -7.58 15.56
N ALA A 59 -38.41 -7.85 14.32
CA ALA A 59 -37.63 -9.06 14.02
C ALA A 59 -36.24 -8.97 14.65
N LYS A 60 -35.69 -10.14 14.96
CA LYS A 60 -34.28 -10.26 15.20
C LYS A 60 -33.62 -10.50 13.85
N LEU A 61 -32.50 -9.81 13.64
CA LEU A 61 -31.85 -9.79 12.33
C LEU A 61 -30.39 -10.24 12.45
N VAL A 62 -29.96 -10.93 11.41
CA VAL A 62 -28.64 -11.49 11.30
C VAL A 62 -28.17 -11.09 9.91
N PHE A 63 -26.95 -10.56 9.80
CA PHE A 63 -26.49 -9.98 8.55
C PHE A 63 -25.27 -10.74 8.02
N THR A 64 -25.22 -10.94 6.72
CA THR A 64 -24.04 -11.50 6.11
C THR A 64 -23.49 -10.55 5.04
N TYR A 65 -22.16 -10.55 4.90
CA TYR A 65 -21.45 -9.60 4.02
C TYR A 65 -20.28 -10.33 3.34
N ARG A 66 -19.76 -9.80 2.22
CA ARG A 66 -18.53 -10.32 1.62
C ARG A 66 -17.35 -9.43 2.03
N LYS A 67 -17.38 -8.13 1.69
CA LYS A 67 -16.22 -7.27 1.84
C LYS A 67 -16.11 -6.68 3.24
N GLU A 68 -14.89 -6.47 3.70
CA GLU A 68 -14.62 -5.93 5.02
C GLU A 68 -15.35 -4.59 5.15
N ARG A 69 -15.34 -3.79 4.08
CA ARG A 69 -15.99 -2.48 4.07
C ARG A 69 -17.50 -2.65 4.34
N SER A 70 -18.12 -3.67 3.78
CA SER A 70 -19.56 -3.92 4.02
C SER A 70 -19.79 -4.19 5.54
N ARG A 71 -18.90 -4.95 6.22
CA ARG A 71 -19.05 -5.15 7.69
CA ARG A 71 -19.05 -5.15 7.69
C ARG A 71 -18.98 -3.77 8.38
N LYS A 72 -18.01 -2.94 7.99
CA LYS A 72 -17.86 -1.60 8.61
C LYS A 72 -19.16 -0.79 8.45
N GLU A 73 -19.71 -0.77 7.23
CA GLU A 73 -20.99 -0.09 6.99
C GLU A 73 -22.07 -0.69 7.88
N LEU A 74 -22.12 -2.02 8.00
CA LEU A 74 -23.12 -2.66 8.84
C LEU A 74 -22.96 -2.25 10.31
N GLU A 75 -21.74 -2.19 10.84
CA GLU A 75 -21.59 -1.84 12.25
C GLU A 75 -22.11 -0.43 12.50
N LYS A 76 -21.94 0.47 11.52
CA LYS A 76 -22.40 1.88 11.58
C LYS A 76 -23.93 1.96 11.37
N LEU A 77 -24.46 1.19 10.41
CA LEU A 77 -25.91 1.18 10.11
C LEU A 77 -26.70 0.55 11.26
N LEU A 78 -26.12 -0.40 12.00
CA LEU A 78 -26.84 -1.00 13.13
C LEU A 78 -27.18 0.05 14.21
N GLU A 79 -26.50 1.17 14.23
CA GLU A 79 -26.80 2.26 15.19
C GLU A 79 -28.20 2.83 14.94
N GLN A 80 -28.67 2.83 13.69
CA GLN A 80 -30.05 3.30 13.28
C GLN A 80 -31.13 2.25 13.64
N LEU A 81 -30.80 0.96 13.65
CA LEU A 81 -31.77 -0.10 13.95
C LEU A 81 -31.93 -0.27 15.46
N ASN A 82 -32.95 -1.02 15.86
CA ASN A 82 -33.24 -1.26 17.25
C ASN A 82 -32.61 -2.58 17.70
N GLN A 83 -31.96 -3.29 16.80
CA GLN A 83 -31.28 -4.55 17.15
C GLN A 83 -30.34 -4.31 18.33
N PRO A 84 -30.51 -5.05 19.43
CA PRO A 84 -29.63 -4.85 20.60
C PRO A 84 -28.30 -5.64 20.50
N GLU A 85 -28.09 -6.40 19.42
CA GLU A 85 -26.91 -7.22 19.25
C GLU A 85 -26.57 -7.30 17.77
N ALA A 86 -25.31 -7.06 17.45
CA ALA A 86 -24.86 -7.22 16.07
C ALA A 86 -24.62 -8.70 15.79
N HIS A 87 -25.33 -9.31 14.86
CA HIS A 87 -24.99 -10.64 14.44
C HIS A 87 -24.47 -10.56 13.01
N LEU A 88 -23.15 -10.50 12.84
CA LEU A 88 -22.52 -10.27 11.52
C LEU A 88 -21.68 -11.49 11.11
N TYR A 89 -21.81 -11.96 9.87
CA TYR A 89 -21.13 -13.16 9.47
C TYR A 89 -20.63 -12.90 8.05
N GLN A 90 -19.36 -13.17 7.83
CA GLN A 90 -18.78 -12.99 6.53
C GLN A 90 -19.11 -14.21 5.68
N ILE A 91 -19.82 -14.04 4.58
CA ILE A 91 -20.11 -15.16 3.70
C ILE A 91 -19.97 -14.68 2.25
N ASP A 92 -18.98 -15.22 1.59
CA ASP A 92 -18.85 -15.05 0.17
C ASP A 92 -19.52 -16.31 -0.45
N VAL A 93 -20.57 -16.07 -1.21
CA VAL A 93 -21.44 -17.17 -1.71
C VAL A 93 -20.75 -17.91 -2.87
N GLN A 94 -19.55 -17.49 -3.27
CA GLN A 94 -18.76 -18.26 -4.23
C GLN A 94 -18.08 -19.47 -3.56
N SER A 95 -18.04 -19.47 -2.23
CA SER A 95 -17.45 -20.54 -1.45
C SER A 95 -18.52 -21.35 -0.73
N ASP A 96 -18.65 -22.64 -1.09
CA ASP A 96 -19.53 -23.55 -0.35
C ASP A 96 -19.22 -23.57 1.14
N GLU A 97 -17.92 -23.64 1.48
CA GLU A 97 -17.47 -23.72 2.87
C GLU A 97 -17.99 -22.54 3.68
N GLU A 98 -17.88 -21.34 3.12
CA GLU A 98 -18.29 -20.14 3.85
C GLU A 98 -19.82 -20.16 4.05
N VAL A 99 -20.56 -20.62 3.04
CA VAL A 99 -22.03 -20.67 3.19
C VAL A 99 -22.37 -21.75 4.22
N ILE A 100 -21.77 -22.95 4.08
CA ILE A 100 -22.02 -24.05 5.02
C ILE A 100 -21.65 -23.63 6.43
N ASN A 101 -20.44 -23.09 6.62
CA ASN A 101 -19.94 -22.75 7.96
C ASN A 101 -20.64 -21.51 8.52
N GLY A 102 -20.90 -20.52 7.67
CA GLY A 102 -21.67 -19.34 8.06
C GLY A 102 -23.00 -19.70 8.71
N PHE A 103 -23.84 -20.47 7.98
CA PHE A 103 -25.18 -20.81 8.50
C PHE A 103 -25.05 -21.71 9.71
N GLU A 104 -24.12 -22.66 9.66
CA GLU A 104 -23.96 -23.52 10.83
C GLU A 104 -23.67 -22.67 12.07
N GLN A 105 -22.83 -21.65 11.91
CA GLN A 105 -22.46 -20.79 13.06
C GLN A 105 -23.65 -19.89 13.45
N ILE A 106 -24.41 -19.39 12.45
CA ILE A 106 -25.62 -18.63 12.76
C ILE A 106 -26.55 -19.48 13.66
N GLY A 107 -26.73 -20.73 13.26
CA GLY A 107 -27.52 -21.66 14.04
C GLY A 107 -27.04 -21.80 15.48
N LYS A 108 -25.72 -21.91 15.68
CA LYS A 108 -25.19 -22.03 17.04
C LYS A 108 -25.38 -20.74 17.82
N ASP A 109 -25.29 -19.61 17.16
CA ASP A 109 -25.37 -18.32 17.85
C ASP A 109 -26.80 -17.84 18.18
N VAL A 110 -27.78 -18.01 17.28
CA VAL A 110 -29.15 -17.49 17.50
C VAL A 110 -30.20 -18.60 17.42
N GLY A 111 -29.86 -19.81 17.02
CA GLY A 111 -30.84 -20.89 16.93
C GLY A 111 -31.52 -20.93 15.58
N ASN A 112 -32.73 -21.50 15.54
CA ASN A 112 -33.49 -21.66 14.31
C ASN A 112 -33.94 -20.29 13.82
N ILE A 113 -34.06 -20.16 12.51
CA ILE A 113 -34.48 -18.92 11.90
C ILE A 113 -35.84 -19.13 11.20
N ASP A 114 -36.42 -18.02 10.82
CA ASP A 114 -37.70 -18.03 10.14
C ASP A 114 -37.59 -17.68 8.68
N GLY A 115 -36.45 -17.15 8.21
CA GLY A 115 -36.32 -16.92 6.78
C GLY A 115 -35.05 -16.19 6.39
N VAL A 116 -34.86 -16.03 5.10
CA VAL A 116 -33.67 -15.50 4.51
C VAL A 116 -34.07 -14.52 3.43
N TYR A 117 -33.53 -13.28 3.49
CA TYR A 117 -33.60 -12.34 2.36
C TYR A 117 -32.25 -12.34 1.62
N HIS A 118 -32.28 -12.78 0.37
CA HIS A 118 -31.12 -12.86 -0.48
C HIS A 118 -31.08 -11.63 -1.41
N SER A 119 -30.06 -10.79 -1.26
CA SER A 119 -29.96 -9.57 -2.06
C SER A 119 -28.56 -9.50 -2.68
N ILE A 120 -28.20 -10.53 -3.45
CA ILE A 120 -26.79 -10.70 -3.88
C ILE A 120 -26.79 -10.93 -5.38
N ALA A 121 -25.96 -10.15 -6.06
CA ALA A 121 -25.70 -10.44 -7.46
C ALA A 121 -24.35 -9.83 -7.87
N PHE A 122 -23.82 -10.29 -9.00
CA PHE A 122 -22.66 -9.68 -9.56
C PHE A 122 -22.52 -10.10 -11.02
N ALA A 123 -22.03 -9.20 -11.84
CA ALA A 123 -21.49 -9.55 -13.13
C ALA A 123 -20.33 -8.59 -13.43
N ASN A 124 -19.43 -8.95 -14.34
CA ASN A 124 -18.37 -8.01 -14.67
C ASN A 124 -18.93 -6.81 -15.45
N MET A 125 -18.43 -5.63 -15.14
CA MET A 125 -18.82 -4.43 -15.86
C MET A 125 -18.55 -4.59 -17.35
N GLU A 126 -17.44 -5.25 -17.73
CA GLU A 126 -17.17 -5.49 -19.15
C GLU A 126 -18.45 -6.02 -19.82
N ASP A 127 -19.13 -7.00 -19.19
CA ASP A 127 -20.29 -7.63 -19.80
C ASP A 127 -21.64 -6.88 -19.61
N LEU A 128 -21.76 -5.65 -19.07
CA LEU A 128 -23.11 -4.97 -18.78
C LEU A 128 -23.42 -3.74 -19.67
N ARG A 129 -23.01 -3.91 -20.92
CA ARG A 129 -22.99 -2.81 -21.94
C ARG A 129 -22.55 -3.43 -23.27
N GLY A 130 -22.66 -2.64 -24.33
CA GLY A 130 -22.33 -3.19 -25.64
C GLY A 130 -23.12 -4.48 -25.87
N ARG A 131 -22.42 -5.51 -26.38
CA ARG A 131 -23.11 -6.56 -27.11
C ARG A 131 -23.13 -7.83 -26.26
N PHE A 132 -24.32 -8.32 -26.03
CA PHE A 132 -24.50 -9.48 -25.24
C PHE A 132 -23.82 -10.67 -25.94
N SER A 133 -23.84 -10.68 -27.29
CA SER A 133 -23.27 -11.79 -28.02
C SER A 133 -21.74 -11.96 -27.78
N GLU A 134 -21.05 -10.94 -27.28
CA GLU A 134 -19.63 -10.96 -27.04
C GLU A 134 -19.34 -11.35 -25.59
N THR A 135 -20.32 -11.69 -24.77
CA THR A 135 -20.07 -12.13 -23.42
C THR A 135 -19.10 -13.34 -23.43
N SER A 136 -18.11 -13.28 -22.52
CA SER A 136 -17.15 -14.35 -22.23
C SER A 136 -17.80 -15.46 -21.39
N ARG A 137 -17.27 -16.71 -21.56
CA ARG A 137 -17.73 -17.87 -20.78
C ARG A 137 -17.53 -17.59 -19.29
N GLU A 138 -16.41 -17.04 -18.97
CA GLU A 138 -16.06 -16.81 -17.57
C GLU A 138 -17.01 -15.76 -16.99
N GLY A 139 -17.31 -14.72 -17.76
CA GLY A 139 -18.25 -13.69 -17.28
C GLY A 139 -19.66 -14.24 -17.08
N PHE A 140 -20.12 -15.02 -18.04
CA PHE A 140 -21.43 -15.65 -17.99
C PHE A 140 -21.52 -16.56 -16.77
N LEU A 141 -20.52 -17.40 -16.52
CA LEU A 141 -20.69 -18.38 -15.45
C LEU A 141 -20.50 -17.70 -14.10
N LEU A 142 -19.69 -16.62 -14.05
CA LEU A 142 -19.51 -15.84 -12.80
C LEU A 142 -20.88 -15.25 -12.39
N ALA A 143 -21.59 -14.69 -13.38
CA ALA A 143 -22.88 -14.10 -13.07
C ALA A 143 -23.86 -15.18 -12.57
N GLN A 144 -23.88 -16.33 -13.25
CA GLN A 144 -24.72 -17.52 -12.78
C GLN A 144 -24.35 -17.95 -11.35
N ASP A 145 -23.05 -18.04 -11.10
CA ASP A 145 -22.56 -18.56 -9.86
C ASP A 145 -23.06 -17.65 -8.74
N ILE A 146 -22.82 -16.34 -8.85
CA ILE A 146 -23.05 -15.45 -7.72
C ILE A 146 -24.53 -15.08 -7.61
N SER A 147 -25.17 -14.91 -8.77
CA SER A 147 -26.47 -14.29 -8.85
C SER A 147 -27.61 -15.33 -8.84
N SER A 148 -27.32 -16.61 -9.09
CA SER A 148 -28.37 -17.62 -9.18
C SER A 148 -28.02 -18.81 -8.29
N TYR A 149 -26.91 -19.48 -8.60
CA TYR A 149 -26.53 -20.67 -7.79
C TYR A 149 -26.47 -20.34 -6.29
N SER A 150 -25.98 -19.17 -5.92
CA SER A 150 -25.90 -18.82 -4.51
C SER A 150 -27.23 -19.08 -3.81
N LEU A 151 -28.37 -18.89 -4.48
CA LEU A 151 -29.67 -19.07 -3.79
C LEU A 151 -29.86 -20.55 -3.44
N THR A 152 -29.52 -21.45 -4.35
CA THR A 152 -29.73 -22.85 -4.17
C THR A 152 -28.95 -23.35 -2.93
N ILE A 153 -27.66 -23.01 -2.84
CA ILE A 153 -26.85 -23.46 -1.74
C ILE A 153 -27.25 -22.74 -0.45
N VAL A 154 -27.58 -21.47 -0.52
CA VAL A 154 -28.08 -20.78 0.68
C VAL A 154 -29.34 -21.46 1.22
N ALA A 155 -30.24 -21.83 0.31
CA ALA A 155 -31.53 -22.51 0.66
C ALA A 155 -31.22 -23.87 1.33
N HIS A 156 -30.32 -24.64 0.74
CA HIS A 156 -29.96 -25.96 1.31
C HIS A 156 -29.42 -25.79 2.73
N GLU A 157 -28.62 -24.75 2.99
CA GLU A 157 -28.00 -24.61 4.29
C GLU A 157 -28.99 -23.95 5.26
N ALA A 158 -29.78 -22.99 4.78
CA ALA A 158 -30.79 -22.32 5.65
C ALA A 158 -31.89 -23.28 6.10
N LYS A 159 -32.29 -24.21 5.24
CA LYS A 159 -33.32 -25.27 5.54
C LYS A 159 -33.02 -25.98 6.86
N LYS A 160 -31.74 -26.20 7.15
CA LYS A 160 -31.31 -26.89 8.37
C LYS A 160 -31.68 -26.10 9.62
N LEU A 161 -31.93 -24.80 9.48
CA LEU A 161 -32.31 -23.93 10.61
C LEU A 161 -33.81 -23.61 10.59
N MET A 162 -34.57 -24.27 9.72
CA MET A 162 -36.02 -24.01 9.56
C MET A 162 -36.78 -25.35 9.65
N PRO A 163 -36.61 -26.06 10.77
CA PRO A 163 -37.16 -27.41 10.87
C PRO A 163 -38.70 -27.41 10.77
N GLU A 164 -39.34 -26.33 11.25
CA GLU A 164 -40.79 -26.16 11.20
C GLU A 164 -41.23 -25.22 10.07
N GLY A 165 -40.38 -24.97 9.09
CA GLY A 165 -40.72 -24.13 7.95
C GLY A 165 -40.13 -22.74 8.05
N GLY A 166 -40.35 -21.99 6.98
CA GLY A 166 -40.19 -20.50 6.93
C GLY A 166 -40.18 -20.04 5.48
N SER A 167 -39.45 -18.95 5.20
CA SER A 167 -39.61 -18.19 3.93
C SER A 167 -38.25 -17.69 3.44
N ILE A 168 -38.02 -17.91 2.17
CA ILE A 168 -36.84 -17.40 1.50
C ILE A 168 -37.28 -16.45 0.37
N VAL A 169 -36.68 -15.24 0.31
CA VAL A 169 -36.98 -14.25 -0.76
C VAL A 169 -35.69 -13.86 -1.47
N ALA A 170 -35.65 -13.94 -2.79
CA ALA A 170 -34.53 -13.40 -3.62
C ALA A 170 -34.96 -12.10 -4.37
N THR A 171 -34.00 -11.27 -4.75
CA THR A 171 -34.24 -10.02 -5.44
C THR A 171 -33.88 -10.17 -6.91
N THR A 172 -34.86 -9.93 -7.79
CA THR A 172 -34.65 -10.01 -9.24
C THR A 172 -35.03 -8.67 -9.93
N TYR A 173 -34.97 -8.66 -11.24
CA TYR A 173 -35.30 -7.48 -12.03
C TYR A 173 -35.93 -7.97 -13.32
N LEU A 174 -36.85 -7.15 -13.81
CA LEU A 174 -37.61 -7.36 -15.02
C LEU A 174 -36.74 -7.85 -16.18
N GLY A 175 -35.45 -7.53 -16.21
CA GLY A 175 -34.55 -8.00 -17.30
C GLY A 175 -34.32 -9.52 -17.32
N GLY A 176 -34.75 -10.20 -16.28
CA GLY A 176 -34.81 -11.72 -16.29
C GLY A 176 -36.00 -12.28 -17.08
N GLU A 177 -37.06 -11.47 -17.30
CA GLU A 177 -38.29 -11.86 -18.05
C GLU A 177 -38.33 -11.28 -19.47
N PHE A 178 -37.69 -10.13 -19.70
CA PHE A 178 -37.59 -9.50 -21.03
C PHE A 178 -36.15 -9.03 -21.26
N ALA A 179 -35.72 -9.02 -22.50
CA ALA A 179 -34.46 -8.49 -22.86
C ALA A 179 -34.48 -6.95 -22.74
N VAL A 180 -33.82 -6.41 -21.73
CA VAL A 180 -33.65 -4.98 -21.49
C VAL A 180 -32.26 -4.55 -21.98
N GLN A 181 -32.11 -3.62 -22.89
CA GLN A 181 -30.79 -3.15 -23.36
C GLN A 181 -29.87 -2.87 -22.15
N ASN A 182 -28.61 -3.30 -22.29
CA ASN A 182 -27.49 -3.13 -21.34
C ASN A 182 -27.55 -4.10 -20.16
N TYR A 183 -28.63 -4.76 -19.87
CA TYR A 183 -28.63 -5.59 -18.69
C TYR A 183 -27.96 -6.95 -19.03
N ASN A 184 -28.06 -7.33 -20.30
CA ASN A 184 -27.22 -8.34 -20.93
C ASN A 184 -27.06 -9.59 -20.04
N VAL A 185 -25.82 -9.90 -19.59
CA VAL A 185 -25.52 -11.16 -18.92
C VAL A 185 -26.29 -11.21 -17.63
N MET A 186 -26.52 -10.11 -16.96
CA MET A 186 -27.26 -10.17 -15.67
C MET A 186 -28.73 -10.59 -15.91
N GLY A 187 -29.27 -10.26 -17.10
CA GLY A 187 -30.61 -10.65 -17.46
C GLY A 187 -30.74 -12.20 -17.51
N VAL A 188 -29.75 -12.85 -18.12
CA VAL A 188 -29.76 -14.31 -18.23
C VAL A 188 -29.57 -14.91 -16.85
N ALA A 189 -28.78 -14.25 -15.99
CA ALA A 189 -28.62 -14.73 -14.63
C ALA A 189 -29.93 -14.57 -13.85
N LYS A 190 -30.70 -13.51 -14.11
CA LYS A 190 -31.95 -13.30 -13.35
C LYS A 190 -33.02 -14.27 -13.89
N ALA A 191 -32.96 -14.60 -15.15
CA ALA A 191 -33.85 -15.62 -15.67
C ALA A 191 -33.58 -16.96 -14.93
N SER A 192 -32.31 -17.30 -14.82
CA SER A 192 -31.85 -18.46 -14.07
C SER A 192 -32.33 -18.33 -12.62
N LEU A 193 -32.12 -17.16 -11.96
CA LEU A 193 -32.57 -17.00 -10.57
C LEU A 193 -34.09 -17.25 -10.43
N GLU A 194 -34.86 -16.77 -11.39
CA GLU A 194 -36.26 -16.83 -11.18
C GLU A 194 -36.76 -18.30 -11.28
N ALA A 195 -36.25 -19.07 -12.23
CA ALA A 195 -36.49 -20.51 -12.37
C ALA A 195 -35.99 -21.23 -11.10
N ASN A 196 -34.85 -20.78 -10.56
CA ASN A 196 -34.28 -21.30 -9.28
C ASN A 196 -35.33 -21.21 -8.16
N VAL A 197 -36.01 -20.06 -8.06
CA VAL A 197 -37.01 -19.83 -7.01
C VAL A 197 -38.15 -20.85 -7.16
N LYS A 198 -38.58 -21.09 -8.41
CA LYS A 198 -39.67 -22.01 -8.70
C LYS A 198 -39.25 -23.48 -8.37
N TYR A 199 -38.08 -23.96 -8.81
CA TYR A 199 -37.62 -25.29 -8.52
C TYR A 199 -37.37 -25.41 -7.00
N LEU A 200 -36.86 -24.40 -6.34
CA LEU A 200 -36.70 -24.47 -4.88
C LEU A 200 -38.06 -24.52 -4.19
N ALA A 201 -39.01 -23.72 -4.68
CA ALA A 201 -40.38 -23.71 -4.12
C ALA A 201 -40.97 -25.12 -4.17
N LEU A 202 -40.82 -25.76 -5.31
CA LEU A 202 -41.43 -27.07 -5.54
C LEU A 202 -40.76 -28.07 -4.59
N ASP A 203 -39.42 -28.01 -4.51
CA ASP A 203 -38.65 -28.94 -3.69
C ASP A 203 -38.87 -28.75 -2.21
N LEU A 204 -38.87 -27.54 -1.72
CA LEU A 204 -38.93 -27.24 -0.28
C LEU A 204 -40.36 -27.03 0.24
N GLY A 205 -41.34 -26.93 -0.68
CA GLY A 205 -42.75 -26.83 -0.31
C GLY A 205 -43.15 -27.83 0.75
N PRO A 206 -42.88 -29.10 0.51
CA PRO A 206 -43.25 -30.15 1.47
C PRO A 206 -42.63 -29.98 2.87
N ASP A 207 -41.55 -29.24 2.94
CA ASP A 207 -40.92 -28.88 4.19
C ASP A 207 -41.51 -27.59 4.82
N ASN A 208 -42.56 -27.02 4.17
CA ASN A 208 -43.21 -25.78 4.63
C ASN A 208 -42.25 -24.58 4.56
N ILE A 209 -41.41 -24.59 3.54
CA ILE A 209 -40.51 -23.49 3.27
C ILE A 209 -40.98 -22.87 1.95
N ARG A 210 -41.40 -21.62 2.04
CA ARG A 210 -41.86 -20.93 0.82
C ARG A 210 -40.67 -20.23 0.17
N VAL A 211 -40.61 -20.17 -1.14
CA VAL A 211 -39.56 -19.45 -1.84
C VAL A 211 -40.21 -18.52 -2.89
N ASN A 212 -39.82 -17.27 -2.86
CA ASN A 212 -40.42 -16.23 -3.74
C ASN A 212 -39.35 -15.21 -4.13
N ALA A 213 -39.67 -14.39 -5.10
CA ALA A 213 -38.80 -13.30 -5.61
C ALA A 213 -39.55 -11.98 -5.50
N ILE A 214 -38.80 -10.91 -5.27
CA ILE A 214 -39.26 -9.57 -5.51
C ILE A 214 -38.54 -9.04 -6.74
N SER A 215 -39.30 -8.55 -7.71
CA SER A 215 -38.75 -7.93 -8.90
C SER A 215 -38.82 -6.41 -8.68
N ALA A 216 -37.70 -5.84 -8.25
CA ALA A 216 -37.61 -4.47 -7.86
C ALA A 216 -37.40 -3.63 -9.12
N GLY A 217 -38.06 -2.48 -9.13
CA GLY A 217 -37.78 -1.48 -10.13
C GLY A 217 -36.39 -0.87 -9.90
N PRO A 218 -35.91 -0.06 -10.87
CA PRO A 218 -34.56 0.45 -10.68
C PRO A 218 -34.46 1.37 -9.47
N ILE A 219 -33.39 1.19 -8.68
CA ILE A 219 -33.13 1.97 -7.48
C ILE A 219 -31.65 2.39 -7.50
N ARG A 220 -31.35 3.64 -7.15
CA ARG A 220 -30.00 4.13 -7.13
C ARG A 220 -29.22 3.45 -6.00
N THR A 221 -28.44 2.45 -6.37
CA THR A 221 -27.53 1.71 -5.44
C THR A 221 -26.09 1.72 -5.99
N LEU A 222 -25.16 1.26 -5.16
CA LEU A 222 -23.75 1.11 -5.61
C LEU A 222 -23.66 0.15 -6.81
N SER A 223 -24.32 -0.97 -6.77
CA SER A 223 -24.30 -1.90 -7.91
C SER A 223 -24.97 -1.32 -9.18
N ALA A 224 -26.02 -0.49 -9.03
CA ALA A 224 -26.62 0.24 -10.22
C ALA A 224 -25.55 0.98 -11.03
N LYS A 225 -24.47 1.42 -10.40
CA LYS A 225 -23.46 2.15 -11.15
C LYS A 225 -22.79 1.26 -12.18
N GLY A 226 -22.86 -0.04 -12.03
CA GLY A 226 -22.24 -0.93 -13.00
C GLY A 226 -23.05 -1.13 -14.28
N VAL A 227 -24.30 -0.68 -14.30
CA VAL A 227 -25.13 -1.00 -15.43
C VAL A 227 -25.21 0.21 -16.36
N GLY A 228 -24.81 0.05 -17.60
CA GLY A 228 -25.00 1.13 -18.55
C GLY A 228 -26.46 1.54 -18.67
N GLY A 229 -26.69 2.84 -18.92
CA GLY A 229 -28.01 3.36 -19.24
C GLY A 229 -28.97 3.33 -18.07
N PHE A 230 -28.43 3.23 -16.86
CA PHE A 230 -29.27 3.15 -15.70
C PHE A 230 -30.11 4.44 -15.53
N ASN A 231 -29.52 5.61 -15.70
CA ASN A 231 -30.28 6.84 -15.53
C ASN A 231 -31.41 6.97 -16.58
N THR A 232 -31.17 6.55 -17.82
CA THR A 232 -32.19 6.56 -18.87
C THR A 232 -33.44 5.77 -18.42
N ILE A 233 -33.23 4.62 -17.75
CA ILE A 233 -34.32 3.73 -17.31
C ILE A 233 -35.08 4.39 -16.15
N LEU A 234 -34.39 4.94 -15.16
CA LEU A 234 -35.05 5.62 -14.05
C LEU A 234 -36.07 6.61 -14.61
N LYS A 235 -35.64 7.38 -15.62
CA LYS A 235 -36.50 8.44 -16.06
C LYS A 235 -37.63 7.86 -16.91
N GLU A 236 -37.41 6.85 -17.73
CA GLU A 236 -38.52 6.27 -18.45
C GLU A 236 -39.57 5.66 -17.48
N ILE A 237 -39.19 5.14 -16.32
CA ILE A 237 -40.16 4.67 -15.33
C ILE A 237 -41.09 5.83 -14.93
N GLU A 238 -40.51 6.99 -14.65
CA GLU A 238 -41.28 8.13 -14.17
C GLU A 238 -42.31 8.52 -15.23
N GLU A 239 -41.99 8.37 -16.50
CA GLU A 239 -42.86 8.89 -17.54
C GLU A 239 -43.92 7.87 -17.95
N ARG A 240 -43.64 6.57 -17.80
CA ARG A 240 -44.42 5.52 -18.41
C ARG A 240 -45.04 4.58 -17.37
N ALA A 241 -44.36 4.23 -16.30
CA ALA A 241 -44.97 3.33 -15.33
C ALA A 241 -46.30 3.91 -14.82
N PRO A 242 -47.29 3.04 -14.55
CA PRO A 242 -48.61 3.40 -14.03
C PRO A 242 -48.59 4.44 -12.91
N LEU A 243 -47.70 4.28 -11.91
CA LEU A 243 -47.70 5.23 -10.80
C LEU A 243 -46.81 6.43 -11.14
N LYS A 244 -46.21 6.45 -12.32
CA LYS A 244 -45.47 7.70 -12.76
C LYS A 244 -44.44 8.14 -11.72
N ARG A 245 -43.73 7.15 -11.15
CA ARG A 245 -42.71 7.45 -10.13
C ARG A 245 -41.92 6.16 -9.96
N ASN A 246 -40.76 6.32 -9.35
CA ASN A 246 -39.88 5.23 -9.09
C ASN A 246 -40.16 4.73 -7.70
N VAL A 247 -39.69 3.52 -7.40
CA VAL A 247 -39.86 2.94 -6.08
C VAL A 247 -38.57 3.13 -5.28
N ASP A 248 -38.64 2.89 -4.00
CA ASP A 248 -37.46 2.89 -3.22
C ASP A 248 -37.26 1.56 -2.40
N GLN A 249 -36.17 1.54 -1.66
CA GLN A 249 -35.67 0.35 -0.99
C GLN A 249 -36.65 -0.07 0.09
N VAL A 250 -37.22 0.89 0.78
CA VAL A 250 -38.22 0.64 1.82
C VAL A 250 -39.49 0.00 1.23
N GLU A 251 -39.87 0.40 0.02
CA GLU A 251 -41.02 -0.23 -0.64
C GLU A 251 -40.71 -1.72 -0.88
N VAL A 252 -39.49 -2.02 -1.30
CA VAL A 252 -39.07 -3.41 -1.47
C VAL A 252 -39.15 -4.09 -0.09
N GLY A 253 -38.66 -3.43 0.92
CA GLY A 253 -38.70 -3.94 2.29
C GLY A 253 -40.10 -4.29 2.76
N LYS A 254 -41.10 -3.50 2.38
CA LYS A 254 -42.46 -3.73 2.89
C LYS A 254 -43.04 -5.00 2.24
N THR A 255 -42.79 -5.23 0.95
CA THR A 255 -43.20 -6.43 0.30
C THR A 255 -42.40 -7.65 0.81
N ALA A 256 -41.12 -7.46 1.11
CA ALA A 256 -40.32 -8.51 1.76
C ALA A 256 -40.95 -8.91 3.10
N ALA A 257 -41.39 -7.94 3.90
CA ALA A 257 -42.03 -8.29 5.16
C ALA A 257 -43.30 -9.14 4.91
N TYR A 258 -44.03 -8.83 3.85
CA TYR A 258 -45.18 -9.61 3.53
C TYR A 258 -44.70 -11.05 3.25
N LEU A 259 -43.74 -11.17 2.35
CA LEU A 259 -43.34 -12.46 1.83
C LEU A 259 -42.66 -13.30 2.94
N LEU A 260 -42.09 -12.66 3.97
CA LEU A 260 -41.32 -13.36 4.99
C LEU A 260 -42.18 -13.69 6.22
N SER A 261 -43.42 -13.21 6.21
CA SER A 261 -44.32 -13.36 7.34
C SER A 261 -45.46 -14.32 6.98
N ASP A 262 -46.26 -14.63 7.97
CA ASP A 262 -47.41 -15.49 7.78
C ASP A 262 -48.49 -14.82 6.87
N LEU A 263 -48.35 -13.50 6.57
CA LEU A 263 -49.34 -12.85 5.73
C LEU A 263 -49.40 -13.55 4.36
N SER A 264 -48.27 -14.12 3.94
CA SER A 264 -48.17 -14.68 2.61
C SER A 264 -48.23 -16.22 2.62
N SER A 265 -48.90 -16.80 3.63
N SER A 265 -48.93 -16.80 3.60
CA SER A 265 -49.08 -18.24 3.67
CA SER A 265 -48.80 -18.27 3.83
C SER A 265 -49.93 -18.60 2.45
C SER A 265 -49.13 -19.14 2.62
N GLY A 266 -49.49 -19.58 1.69
N GLY A 266 -50.03 -18.78 1.68
CA GLY A 266 -50.22 -19.87 0.49
CA GLY A 266 -50.36 -19.66 0.52
C GLY A 266 -49.53 -19.35 -0.76
C GLY A 266 -49.54 -19.34 -0.73
N VAL A 267 -48.56 -18.44 -0.60
CA VAL A 267 -47.83 -17.91 -1.73
C VAL A 267 -46.44 -18.51 -1.77
N THR A 268 -46.09 -19.17 -2.86
CA THR A 268 -44.76 -19.66 -3.07
C THR A 268 -44.54 -19.80 -4.58
N GLY A 269 -43.29 -19.73 -4.99
CA GLY A 269 -42.95 -19.78 -6.38
C GLY A 269 -43.38 -18.51 -7.09
N GLU A 270 -43.68 -17.48 -6.34
CA GLU A 270 -44.20 -16.20 -6.94
C GLU A 270 -43.06 -15.18 -7.10
N ASN A 271 -43.29 -14.26 -8.06
CA ASN A 271 -42.41 -13.11 -8.41
C ASN A 271 -43.25 -11.85 -8.21
N ILE A 272 -43.12 -11.12 -7.11
CA ILE A 272 -43.90 -9.91 -6.93
C ILE A 272 -43.13 -8.71 -7.47
N HIS A 273 -43.77 -7.99 -8.39
CA HIS A 273 -43.14 -6.81 -8.99
C HIS A 273 -43.39 -5.58 -8.12
N VAL A 274 -42.29 -5.01 -7.60
CA VAL A 274 -42.35 -3.77 -6.83
C VAL A 274 -41.68 -2.67 -7.68
N ASP A 275 -42.45 -2.22 -8.68
CA ASP A 275 -41.91 -1.45 -9.76
C ASP A 275 -42.87 -0.42 -10.32
N SER A 276 -43.81 0.11 -9.52
CA SER A 276 -44.78 1.12 -10.04
C SER A 276 -45.65 0.63 -11.20
N GLY A 277 -45.75 -0.66 -11.40
CA GLY A 277 -46.58 -1.25 -12.41
C GLY A 277 -45.90 -1.40 -13.75
N PHE A 278 -44.57 -1.11 -13.85
CA PHE A 278 -43.92 -1.06 -15.14
C PHE A 278 -43.99 -2.41 -15.84
N HIS A 279 -43.96 -3.51 -15.07
CA HIS A 279 -44.05 -4.86 -15.63
C HIS A 279 -45.37 -5.04 -16.41
N ALA A 280 -46.42 -4.27 -16.11
CA ALA A 280 -47.77 -4.60 -16.64
C ALA A 280 -48.01 -3.85 -17.94
N ILE A 281 -47.06 -3.06 -18.37
CA ILE A 281 -47.27 -2.25 -19.57
C ILE A 281 -46.28 -2.60 -20.67
N LYS A 282 -46.66 -2.23 -21.86
CA LYS A 282 -45.85 -2.22 -23.07
C LYS A 282 -46.07 -0.90 -23.83
N MET B 27 0.07 31.49 21.60
CA MET B 27 1.27 30.64 21.97
C MET B 27 1.49 30.68 23.49
N VAL B 28 0.44 30.42 24.25
CA VAL B 28 0.61 29.96 25.60
C VAL B 28 0.22 28.46 25.57
N ASN B 29 -0.99 28.09 25.84
CA ASN B 29 -1.17 27.04 26.85
C ASN B 29 -1.86 25.79 26.33
N LEU B 30 -1.40 24.58 26.62
CA LEU B 30 -2.20 23.40 26.33
C LEU B 30 -2.78 22.78 27.61
N GLU B 31 -2.92 23.51 28.70
CA GLU B 31 -3.69 23.03 29.86
C GLU B 31 -5.14 22.73 29.44
N ASN B 32 -5.75 21.72 30.04
CA ASN B 32 -7.15 21.32 29.71
C ASN B 32 -7.21 20.66 28.33
N LYS B 33 -6.08 20.43 27.67
CA LYS B 33 -6.07 19.67 26.43
C LYS B 33 -5.60 18.23 26.70
N THR B 34 -5.98 17.30 25.81
CA THR B 34 -5.57 15.92 25.92
C THR B 34 -5.10 15.41 24.55
N TYR B 35 -3.94 14.78 24.51
CA TYR B 35 -3.40 14.31 23.24
C TYR B 35 -3.04 12.82 23.38
N VAL B 36 -3.29 12.07 22.34
CA VAL B 36 -2.86 10.68 22.29
C VAL B 36 -1.55 10.63 21.48
N ILE B 37 -0.48 10.08 22.06
CA ILE B 37 0.80 9.95 21.36
C ILE B 37 1.06 8.47 21.11
N MET B 38 1.19 8.11 19.84
CA MET B 38 1.34 6.78 19.39
C MET B 38 2.78 6.56 18.89
N GLY B 39 3.53 5.65 19.52
CA GLY B 39 4.81 5.14 18.93
C GLY B 39 6.06 5.52 19.72
N ILE B 40 5.93 5.78 21.03
CA ILE B 40 7.11 5.82 21.85
C ILE B 40 7.60 4.38 22.13
N ALA B 41 8.87 4.09 21.83
CA ALA B 41 9.59 2.81 22.22
C ALA B 41 10.61 3.05 23.34
N ASN B 42 11.25 4.23 23.36
CA ASN B 42 12.34 4.52 24.32
C ASN B 42 12.59 6.02 24.36
N LYS B 43 13.56 6.44 25.16
CA LYS B 43 13.85 7.89 25.34
C LYS B 43 14.31 8.55 24.02
N ARG B 44 14.79 7.79 23.00
CA ARG B 44 15.29 8.41 21.75
C ARG B 44 14.14 8.53 20.70
N SER B 45 12.97 7.99 21.01
CA SER B 45 11.87 8.02 20.06
C SER B 45 11.51 9.49 19.74
N ILE B 46 11.29 9.78 18.47
CA ILE B 46 10.70 11.10 18.03
C ILE B 46 9.47 11.43 18.88
N ALA B 47 8.60 10.46 19.10
CA ALA B 47 7.38 10.68 19.86
C ALA B 47 7.68 11.07 21.32
N PHE B 48 8.81 10.69 21.87
CA PHE B 48 9.11 11.14 23.23
C PHE B 48 9.54 12.63 23.19
N GLY B 49 10.15 13.08 22.11
CA GLY B 49 10.37 14.53 21.94
C GLY B 49 9.03 15.30 21.99
N VAL B 50 8.08 14.83 21.17
CA VAL B 50 6.74 15.33 21.19
C VAL B 50 6.19 15.31 22.62
N ALA B 51 6.29 14.19 23.31
CA ALA B 51 5.72 14.09 24.63
C ALA B 51 6.32 15.11 25.58
N LYS B 52 7.64 15.31 25.53
CA LYS B 52 8.31 16.23 26.50
C LYS B 52 7.85 17.67 26.26
N VAL B 53 7.66 18.02 24.99
CA VAL B 53 7.22 19.39 24.68
C VAL B 53 5.76 19.56 25.13
N LEU B 54 4.88 18.61 24.75
CA LEU B 54 3.44 18.74 25.08
C LEU B 54 3.24 18.71 26.59
N ASP B 55 3.99 17.84 27.27
CA ASP B 55 3.90 17.73 28.72
C ASP B 55 4.31 19.02 29.37
N GLN B 56 5.43 19.59 28.89
CA GLN B 56 5.98 20.84 29.42
C GLN B 56 4.98 21.99 29.19
N LEU B 57 4.13 21.92 28.16
CA LEU B 57 3.13 22.95 27.90
C LEU B 57 1.81 22.67 28.63
N GLY B 58 1.74 21.66 29.48
CA GLY B 58 0.55 21.44 30.34
C GLY B 58 -0.46 20.48 29.75
N ALA B 59 -0.23 19.85 28.59
CA ALA B 59 -1.22 18.90 28.07
C ALA B 59 -1.33 17.67 28.98
N LYS B 60 -2.52 17.06 28.94
CA LYS B 60 -2.68 15.72 29.42
C LYS B 60 -2.35 14.79 28.26
N LEU B 61 -1.62 13.73 28.56
CA LEU B 61 -1.07 12.84 27.54
C LEU B 61 -1.48 11.38 27.81
N VAL B 62 -1.70 10.70 26.70
CA VAL B 62 -2.19 9.35 26.68
C VAL B 62 -1.27 8.66 25.68
N PHE B 63 -0.71 7.49 26.04
CA PHE B 63 0.31 6.87 25.23
C PHE B 63 -0.17 5.50 24.72
N THR B 64 0.14 5.17 23.48
CA THR B 64 -0.10 3.86 22.98
C THR B 64 1.20 3.20 22.49
N TYR B 65 1.26 1.88 22.65
CA TYR B 65 2.52 1.11 22.39
C TYR B 65 2.15 -0.23 21.74
N ARG B 66 3.10 -0.88 21.06
CA ARG B 66 2.87 -2.27 20.59
C ARG B 66 3.49 -3.29 21.53
N LYS B 67 4.80 -3.21 21.71
CA LYS B 67 5.59 -4.22 22.42
C LYS B 67 5.58 -3.96 23.92
N GLU B 68 5.61 -5.04 24.67
CA GLU B 68 5.57 -4.99 26.13
C GLU B 68 6.75 -4.11 26.62
N ARG B 69 7.90 -4.27 25.95
CA ARG B 69 9.10 -3.51 26.33
C ARG B 69 8.82 -1.99 26.18
N SER B 70 8.09 -1.59 25.14
CA SER B 70 7.76 -0.16 24.97
C SER B 70 6.93 0.33 26.18
N ARG B 71 5.96 -0.46 26.69
CA ARG B 71 5.20 -0.06 27.91
C ARG B 71 6.20 0.13 29.07
N LYS B 72 7.12 -0.83 29.27
CA LYS B 72 8.11 -0.72 30.35
C LYS B 72 8.90 0.60 30.23
N GLU B 73 9.41 0.89 29.04
CA GLU B 73 10.11 2.14 28.79
C GLU B 73 9.19 3.34 29.14
N LEU B 74 7.93 3.28 28.73
CA LEU B 74 6.99 4.36 29.00
C LEU B 74 6.80 4.55 30.52
N GLU B 75 6.66 3.46 31.29
CA GLU B 75 6.42 3.63 32.72
C GLU B 75 7.62 4.33 33.37
N LYS B 76 8.83 4.04 32.88
CA LYS B 76 10.11 4.66 33.36
C LYS B 76 10.23 6.11 32.87
N LEU B 77 9.90 6.37 31.60
CA LEU B 77 9.98 7.74 31.04
C LEU B 77 8.93 8.66 31.66
N LEU B 78 7.77 8.14 32.07
CA LEU B 78 6.76 8.98 32.72
C LEU B 78 7.28 9.63 34.01
N GLU B 79 8.32 9.07 34.60
CA GLU B 79 8.92 9.64 35.82
C GLU B 79 9.49 11.03 35.53
N GLN B 80 10.00 11.27 34.29
CA GLN B 80 10.58 12.58 33.87
C GLN B 80 9.47 13.61 33.55
N LEU B 81 8.29 13.17 33.11
CA LEU B 81 7.19 14.08 32.76
C LEU B 81 6.41 14.50 34.02
N ASN B 82 5.54 15.48 33.88
CA ASN B 82 4.75 15.99 34.97
C ASN B 82 3.39 15.33 34.98
N GLN B 83 3.11 14.44 34.03
CA GLN B 83 1.83 13.72 33.99
C GLN B 83 1.57 13.05 35.33
N PRO B 84 0.44 13.36 35.98
CA PRO B 84 0.15 12.75 37.29
C PRO B 84 -0.50 11.36 37.20
N GLU B 85 -0.76 10.86 36.00
CA GLU B 85 -1.39 9.57 35.78
C GLU B 85 -0.86 9.01 34.45
N ALA B 86 -0.42 7.77 34.49
CA ALA B 86 -0.06 7.03 33.30
C ALA B 86 -1.34 6.59 32.59
N HIS B 87 -1.56 7.02 31.37
CA HIS B 87 -2.62 6.46 30.57
C HIS B 87 -1.97 5.68 29.43
N LEU B 88 -1.83 4.36 29.59
CA LEU B 88 -1.08 3.52 28.62
C LEU B 88 -2.03 2.51 27.96
N TYR B 89 -1.97 2.34 26.66
CA TYR B 89 -2.90 1.50 25.94
C TYR B 89 -2.10 0.76 24.89
N GLN B 90 -2.24 -0.56 24.86
CA GLN B 90 -1.54 -1.35 23.89
C GLN B 90 -2.33 -1.31 22.57
N ILE B 91 -1.73 -0.83 21.51
CA ILE B 91 -2.40 -0.82 20.21
C ILE B 91 -1.39 -1.20 19.14
N ASP B 92 -1.64 -2.36 18.54
CA ASP B 92 -0.93 -2.76 17.34
C ASP B 92 -1.85 -2.33 16.18
N VAL B 93 -1.35 -1.41 15.37
CA VAL B 93 -2.19 -0.76 14.31
C VAL B 93 -2.39 -1.72 13.13
N GLN B 94 -1.82 -2.92 13.18
CA GLN B 94 -2.16 -3.96 12.19
C GLN B 94 -3.52 -4.61 12.49
N SER B 95 -4.03 -4.41 13.71
CA SER B 95 -5.30 -4.94 14.13
C SER B 95 -6.37 -3.82 14.23
N ASP B 96 -7.41 -3.92 13.40
CA ASP B 96 -8.56 -3.04 13.50
C ASP B 96 -9.16 -3.01 14.91
N GLU B 97 -9.35 -4.21 15.48
CA GLU B 97 -9.96 -4.39 16.80
C GLU B 97 -9.19 -3.62 17.86
N GLU B 98 -7.87 -3.72 17.83
CA GLU B 98 -7.05 -3.05 18.85
C GLU B 98 -7.16 -1.53 18.70
N VAL B 99 -7.19 -1.04 17.46
CA VAL B 99 -7.33 0.41 17.26
C VAL B 99 -8.74 0.84 17.72
N ILE B 100 -9.78 0.10 17.26
CA ILE B 100 -11.17 0.41 17.61
C ILE B 100 -11.34 0.36 19.14
N ASN B 101 -10.90 -0.72 19.78
CA ASN B 101 -11.10 -0.91 21.22
C ASN B 101 -10.19 0.00 22.03
N GLY B 102 -8.94 0.19 21.59
CA GLY B 102 -8.01 1.13 22.23
C GLY B 102 -8.62 2.52 22.39
N PHE B 103 -9.06 3.11 21.27
CA PHE B 103 -9.62 4.48 21.31
C PHE B 103 -10.92 4.50 22.08
N GLU B 104 -11.75 3.49 21.88
CA GLU B 104 -13.01 3.46 22.64
C GLU B 104 -12.70 3.50 24.14
N GLN B 105 -11.67 2.77 24.57
CA GLN B 105 -11.32 2.72 25.99
C GLN B 105 -10.66 4.03 26.43
N ILE B 106 -9.85 4.64 25.57
CA ILE B 106 -9.27 5.96 25.86
C ILE B 106 -10.42 6.96 26.14
N GLY B 107 -11.41 6.92 25.28
CA GLY B 107 -12.60 7.77 25.44
C GLY B 107 -13.28 7.54 26.79
N LYS B 108 -13.44 6.30 27.22
CA LYS B 108 -14.10 6.04 28.52
C LYS B 108 -13.21 6.51 29.67
N ASP B 109 -11.91 6.40 29.52
CA ASP B 109 -11.00 6.73 30.62
C ASP B 109 -10.71 8.25 30.78
N VAL B 110 -10.53 9.01 29.70
CA VAL B 110 -10.17 10.45 29.80
C VAL B 110 -11.19 11.33 29.07
N GLY B 111 -12.14 10.79 28.33
CA GLY B 111 -13.12 11.63 27.62
C GLY B 111 -12.64 12.01 26.24
N ASN B 112 -13.16 13.14 25.73
CA ASN B 112 -12.82 13.64 24.40
C ASN B 112 -11.36 14.11 24.39
N ILE B 113 -10.72 13.98 23.23
CA ILE B 113 -9.36 14.39 23.07
C ILE B 113 -9.31 15.56 22.09
N ASP B 114 -8.14 16.18 22.05
CA ASP B 114 -7.90 17.27 21.17
C ASP B 114 -7.02 16.91 20.00
N GLY B 115 -6.33 15.76 20.02
CA GLY B 115 -5.55 15.39 18.85
C GLY B 115 -4.69 14.15 19.09
N VAL B 116 -4.00 13.75 18.03
CA VAL B 116 -3.30 12.53 17.98
C VAL B 116 -1.96 12.80 17.29
N TYR B 117 -0.84 12.35 17.92
CA TYR B 117 0.45 12.32 17.26
C TYR B 117 0.77 10.87 16.87
N HIS B 118 0.86 10.61 15.57
CA HIS B 118 1.16 9.31 15.01
C HIS B 118 2.64 9.23 14.65
N SER B 119 3.39 8.34 15.34
CA SER B 119 4.83 8.20 15.10
C SER B 119 5.13 6.73 14.87
N ILE B 120 4.47 6.11 13.87
CA ILE B 120 4.53 4.64 13.70
C ILE B 120 4.90 4.33 12.25
N ALA B 121 5.91 3.51 12.11
CA ALA B 121 6.22 2.95 10.82
C ALA B 121 6.98 1.62 10.98
N PHE B 122 7.00 0.82 9.92
CA PHE B 122 7.78 -0.37 9.90
C PHE B 122 7.97 -0.85 8.45
N ALA B 123 9.14 -1.36 8.16
CA ALA B 123 9.37 -2.16 6.99
C ALA B 123 10.40 -3.25 7.35
N ASN B 124 10.47 -4.34 6.61
CA ASN B 124 11.47 -5.36 6.89
C ASN B 124 12.87 -4.83 6.51
N MET B 125 13.86 -5.11 7.36
CA MET B 125 15.23 -4.74 7.05
C MET B 125 15.67 -5.34 5.73
N GLU B 126 15.24 -6.54 5.39
CA GLU B 126 15.61 -7.14 4.09
C GLU B 126 15.33 -6.08 2.99
N ASP B 127 14.17 -5.43 3.04
CA ASP B 127 13.83 -4.48 1.98
C ASP B 127 14.44 -3.04 2.13
N LEU B 128 15.31 -2.68 3.08
CA LEU B 128 15.78 -1.23 3.30
C LEU B 128 17.27 -0.95 2.93
N ARG B 129 17.65 -1.59 1.81
CA ARG B 129 19.05 -1.66 1.35
C ARG B 129 19.05 -2.38 -0.01
N GLY B 130 20.17 -2.33 -0.68
CA GLY B 130 20.21 -2.98 -2.00
C GLY B 130 19.06 -2.48 -2.87
N ARG B 131 18.30 -3.41 -3.52
CA ARG B 131 17.61 -3.02 -4.72
C ARG B 131 16.12 -2.93 -4.45
N PHE B 132 15.56 -1.76 -4.72
CA PHE B 132 14.19 -1.54 -4.51
C PHE B 132 13.40 -2.45 -5.47
N SER B 133 13.92 -2.72 -6.66
CA SER B 133 13.17 -3.52 -7.62
C SER B 133 12.96 -4.97 -7.14
N GLU B 134 13.73 -5.44 -6.13
CA GLU B 134 13.60 -6.78 -5.63
C GLU B 134 12.67 -6.81 -4.42
N THR B 135 12.02 -5.70 -4.05
CA THR B 135 11.05 -5.73 -2.97
C THR B 135 9.96 -6.81 -3.25
N SER B 136 9.68 -7.60 -2.19
CA SER B 136 8.60 -8.58 -2.13
C SER B 136 7.23 -7.89 -1.96
N ARG B 137 6.18 -8.54 -2.47
CA ARG B 137 4.78 -8.09 -2.31
C ARG B 137 4.45 -7.99 -0.83
N GLU B 138 4.87 -8.98 -0.09
CA GLU B 138 4.53 -9.04 1.33
C GLU B 138 5.25 -7.90 2.06
N GLY B 139 6.49 -7.64 1.70
CA GLY B 139 7.24 -6.54 2.33
C GLY B 139 6.64 -5.17 2.02
N PHE B 140 6.29 -4.98 0.76
CA PHE B 140 5.67 -3.74 0.29
C PHE B 140 4.34 -3.51 1.02
N LEU B 141 3.50 -4.53 1.14
CA LEU B 141 2.17 -4.29 1.67
C LEU B 141 2.25 -4.13 3.20
N LEU B 142 3.23 -4.80 3.81
CA LEU B 142 3.46 -4.67 5.26
C LEU B 142 3.80 -3.21 5.58
N ALA B 143 4.70 -2.64 4.78
CA ALA B 143 5.12 -1.27 5.02
C ALA B 143 3.92 -0.32 4.82
N GLN B 144 3.12 -0.55 3.78
CA GLN B 144 1.85 0.29 3.56
C GLN B 144 0.88 0.13 4.74
N ASP B 145 0.70 -1.10 5.22
CA ASP B 145 -0.25 -1.39 6.24
C ASP B 145 0.13 -0.60 7.48
N ILE B 146 1.38 -0.72 7.94
CA ILE B 146 1.77 -0.18 9.24
C ILE B 146 2.04 1.32 9.14
N SER B 147 2.65 1.74 8.04
CA SER B 147 3.25 3.04 7.91
C SER B 147 2.27 4.04 7.25
N SER B 148 1.20 3.58 6.60
CA SER B 148 0.29 4.51 5.91
C SER B 148 -1.14 4.21 6.35
N TYR B 149 -1.66 3.03 6.04
CA TYR B 149 -3.05 2.71 6.39
C TYR B 149 -3.34 2.97 7.87
N SER B 150 -2.41 2.64 8.77
CA SER B 150 -2.65 2.88 10.20
C SER B 150 -3.17 4.30 10.43
N LEU B 151 -2.72 5.29 9.67
CA LEU B 151 -3.19 6.69 9.93
C LEU B 151 -4.70 6.81 9.66
N THR B 152 -5.15 6.19 8.58
CA THR B 152 -6.54 6.29 8.15
C THR B 152 -7.46 5.71 9.24
N ILE B 153 -7.17 4.49 9.73
CA ILE B 153 -8.02 3.88 10.71
C ILE B 153 -7.86 4.58 12.06
N VAL B 154 -6.66 5.02 12.42
CA VAL B 154 -6.52 5.79 13.66
C VAL B 154 -7.40 7.07 13.60
N ALA B 155 -7.37 7.73 12.45
CA ALA B 155 -8.18 8.97 12.22
C ALA B 155 -9.67 8.68 12.34
N HIS B 156 -10.13 7.59 11.71
CA HIS B 156 -11.55 7.22 11.82
C HIS B 156 -11.98 7.01 13.27
N GLU B 157 -11.11 6.38 14.08
CA GLU B 157 -11.49 6.04 15.44
C GLU B 157 -11.28 7.25 16.35
N ALA B 158 -10.22 8.02 16.10
CA ALA B 158 -9.95 9.25 16.91
C ALA B 158 -11.04 10.30 16.72
N LYS B 159 -11.55 10.43 15.51
CA LYS B 159 -12.67 11.41 15.16
C LYS B 159 -13.83 11.32 16.15
N LYS B 160 -14.13 10.10 16.60
CA LYS B 160 -15.23 9.85 17.52
C LYS B 160 -15.00 10.52 18.87
N LEU B 161 -13.77 10.86 19.19
CA LEU B 161 -13.41 11.53 20.47
C LEU B 161 -13.12 13.03 20.24
N MET B 162 -13.38 13.53 19.04
CA MET B 162 -13.12 14.94 18.69
C MET B 162 -14.41 15.55 18.09
N PRO B 163 -15.51 15.51 18.85
CA PRO B 163 -16.80 15.93 18.31
C PRO B 163 -16.78 17.40 17.86
N GLU B 164 -16.00 18.23 18.56
CA GLU B 164 -15.86 19.66 18.32
C GLU B 164 -14.58 19.99 17.54
N GLY B 165 -13.92 19.01 16.94
CA GLY B 165 -12.70 19.21 16.18
C GLY B 165 -11.45 18.80 16.95
N GLY B 166 -10.32 18.82 16.22
CA GLY B 166 -9.01 18.59 16.74
C GLY B 166 -7.95 18.57 15.65
N SER B 167 -6.79 17.96 15.99
CA SER B 167 -5.62 17.94 15.11
C SER B 167 -4.93 16.55 15.14
N ILE B 168 -4.64 16.05 13.98
CA ILE B 168 -3.90 14.82 13.83
C ILE B 168 -2.59 15.10 13.07
N VAL B 169 -1.43 14.65 13.64
CA VAL B 169 -0.11 14.84 13.01
C VAL B 169 0.57 13.48 12.79
N ALA B 170 1.06 13.20 11.58
CA ALA B 170 1.87 11.99 11.30
C ALA B 170 3.34 12.39 11.01
N THR B 171 4.27 11.41 11.17
CA THR B 171 5.67 11.68 10.97
C THR B 171 6.12 11.08 9.64
N THR B 172 6.69 11.92 8.76
CA THR B 172 7.21 11.43 7.48
C THR B 172 8.70 11.80 7.28
N TYR B 173 9.22 11.47 6.12
CA TYR B 173 10.60 11.78 5.79
C TYR B 173 10.66 12.12 4.31
N LEU B 174 11.59 12.99 3.97
CA LEU B 174 11.82 13.49 2.63
C LEU B 174 11.86 12.38 1.59
N GLY B 175 12.22 11.14 1.99
CA GLY B 175 12.24 9.97 1.02
C GLY B 175 10.85 9.59 0.51
N GLY B 176 9.81 10.13 1.10
CA GLY B 176 8.41 10.03 0.48
C GLY B 176 8.18 10.98 -0.70
N GLU B 177 8.99 12.03 -0.84
CA GLU B 177 8.90 13.06 -1.94
C GLU B 177 9.99 12.85 -3.00
N PHE B 178 11.16 12.31 -2.62
CA PHE B 178 12.26 12.02 -3.56
C PHE B 178 12.84 10.63 -3.30
N ALA B 179 13.41 10.05 -4.31
CA ALA B 179 13.99 8.73 -4.11
C ALA B 179 15.35 8.93 -3.45
N VAL B 180 15.47 8.58 -2.18
CA VAL B 180 16.70 8.60 -1.38
C VAL B 180 17.29 7.16 -1.33
N GLN B 181 18.53 6.95 -1.75
CA GLN B 181 19.21 5.63 -1.67
C GLN B 181 18.98 4.99 -0.31
N ASN B 182 18.65 3.68 -0.35
CA ASN B 182 18.43 2.77 0.80
C ASN B 182 17.06 2.95 1.46
N TYR B 183 16.32 4.00 1.21
CA TYR B 183 15.08 4.14 1.96
C TYR B 183 14.01 3.30 1.26
N ASN B 184 14.15 3.11 -0.03
CA ASN B 184 13.48 2.04 -0.79
C ASN B 184 11.99 1.94 -0.41
N VAL B 185 11.57 0.78 0.10
CA VAL B 185 10.15 0.47 0.32
C VAL B 185 9.57 1.48 1.30
N MET B 186 10.33 1.95 2.27
CA MET B 186 9.74 2.91 3.25
C MET B 186 9.42 4.28 2.55
N GLY B 187 10.17 4.60 1.51
CA GLY B 187 9.93 5.81 0.74
C GLY B 187 8.56 5.77 0.07
N VAL B 188 8.21 4.62 -0.53
CA VAL B 188 6.90 4.48 -1.19
C VAL B 188 5.82 4.48 -0.12
N ALA B 189 6.10 3.94 1.05
CA ALA B 189 5.14 3.99 2.13
C ALA B 189 4.94 5.43 2.61
N LYS B 190 5.99 6.24 2.62
CA LYS B 190 5.84 7.65 3.10
C LYS B 190 5.14 8.47 2.02
N ALA B 191 5.34 8.12 0.75
CA ALA B 191 4.61 8.78 -0.29
C ALA B 191 3.11 8.54 -0.08
N SER B 192 2.76 7.29 0.17
CA SER B 192 1.40 6.87 0.49
C SER B 192 0.94 7.64 1.74
N LEU B 193 1.73 7.66 2.80
CA LEU B 193 1.34 8.39 4.03
C LEU B 193 1.04 9.90 3.72
N GLU B 194 1.83 10.50 2.88
CA GLU B 194 1.68 11.92 2.70
C GLU B 194 0.34 12.22 1.94
N ALA B 195 0.01 11.44 0.91
CA ALA B 195 -1.28 11.45 0.20
C ALA B 195 -2.42 11.17 1.19
N ASN B 196 -2.18 10.23 2.09
CA ASN B 196 -3.13 9.88 3.19
C ASN B 196 -3.52 11.13 4.00
N VAL B 197 -2.51 11.93 4.37
CA VAL B 197 -2.72 13.16 5.17
C VAL B 197 -3.62 14.14 4.40
N LYS B 198 -3.37 14.27 3.10
CA LYS B 198 -4.13 15.19 2.26
C LYS B 198 -5.58 14.71 2.08
N TYR B 199 -5.81 13.42 1.76
CA TYR B 199 -7.15 12.87 1.61
C TYR B 199 -7.86 12.92 2.97
N LEU B 200 -7.18 12.64 4.06
CA LEU B 200 -7.81 12.78 5.38
C LEU B 200 -8.16 14.24 5.70
N ALA B 201 -7.25 15.14 5.36
CA ALA B 201 -7.48 16.59 5.57
C ALA B 201 -8.78 17.03 4.87
N LEU B 202 -8.91 16.59 3.63
CA LEU B 202 -10.05 16.99 2.80
C LEU B 202 -11.32 16.44 3.41
N ASP B 203 -11.28 15.16 3.80
CA ASP B 203 -12.44 14.46 4.34
C ASP B 203 -12.86 14.96 5.70
N LEU B 204 -11.94 15.21 6.59
CA LEU B 204 -12.26 15.57 8.00
C LEU B 204 -12.28 17.09 8.22
N GLY B 205 -11.83 17.87 7.23
CA GLY B 205 -11.90 19.33 7.29
C GLY B 205 -13.25 19.85 7.77
N PRO B 206 -14.33 19.39 7.15
CA PRO B 206 -15.68 19.87 7.54
C PRO B 206 -16.07 19.54 8.98
N ASP B 207 -15.37 18.56 9.56
CA ASP B 207 -15.52 18.23 10.96
C ASP B 207 -14.62 19.05 11.86
N ASN B 208 -13.83 20.01 11.29
CA ASN B 208 -12.87 20.85 12.01
C ASN B 208 -11.77 19.99 12.64
N ILE B 209 -11.36 18.96 11.90
CA ILE B 209 -10.22 18.14 12.27
C ILE B 209 -9.14 18.41 11.23
N ARG B 210 -8.04 18.98 11.68
CA ARG B 210 -6.93 19.26 10.76
C ARG B 210 -5.99 18.04 10.71
N VAL B 211 -5.42 17.75 9.55
CA VAL B 211 -4.47 16.67 9.44
C VAL B 211 -3.23 17.17 8.71
N ASN B 212 -2.06 16.91 9.31
CA ASN B 212 -0.80 17.42 8.81
C ASN B 212 0.30 16.37 9.06
N ALA B 213 1.45 16.59 8.44
CA ALA B 213 2.66 15.79 8.58
C ALA B 213 3.82 16.67 9.02
N ILE B 214 4.72 16.11 9.78
CA ILE B 214 6.06 16.68 9.98
C ILE B 214 7.06 15.80 9.25
N SER B 215 7.88 16.39 8.41
CA SER B 215 8.91 15.72 7.69
C SER B 215 10.23 15.98 8.45
N ALA B 216 10.60 15.00 9.29
CA ALA B 216 11.70 15.11 10.18
C ALA B 216 12.98 14.75 9.43
N GLY B 217 14.02 15.51 9.73
CA GLY B 217 15.33 15.14 9.28
C GLY B 217 15.83 13.87 10.02
N PRO B 218 16.95 13.35 9.58
CA PRO B 218 17.34 12.06 10.21
C PRO B 218 17.72 12.27 11.68
N ILE B 219 17.22 11.38 12.55
CA ILE B 219 17.47 11.42 13.99
C ILE B 219 17.93 10.01 14.44
N ARG B 220 18.95 9.94 15.29
CA ARG B 220 19.43 8.67 15.79
C ARG B 220 18.38 8.07 16.72
N THR B 221 17.63 7.12 16.19
CA THR B 221 16.62 6.33 16.94
C THR B 221 16.88 4.81 16.76
N LEU B 222 16.16 4.03 17.52
CA LEU B 222 16.19 2.54 17.36
C LEU B 222 15.78 2.13 15.92
N SER B 223 14.71 2.70 15.39
CA SER B 223 14.30 2.39 14.00
C SER B 223 15.34 2.86 12.96
N ALA B 224 16.04 3.98 13.19
CA ALA B 224 17.18 4.42 12.28
C ALA B 224 18.18 3.27 12.04
N LYS B 225 18.34 2.37 13.00
CA LYS B 225 19.31 1.30 12.80
C LYS B 225 18.88 0.37 11.66
N GLY B 226 17.64 0.38 11.28
CA GLY B 226 17.18 -0.47 10.20
C GLY B 226 17.50 0.05 8.81
N VAL B 227 17.94 1.29 8.70
CA VAL B 227 18.10 1.86 7.40
C VAL B 227 19.58 1.84 7.04
N GLY B 228 19.94 1.18 5.96
CA GLY B 228 21.33 1.29 5.46
C GLY B 228 21.70 2.75 5.19
N GLY B 229 22.95 3.06 5.39
CA GLY B 229 23.53 4.36 5.01
C GLY B 229 23.07 5.49 5.89
N PHE B 230 22.50 5.20 7.05
CA PHE B 230 21.96 6.23 7.88
C PHE B 230 23.04 7.24 8.35
N ASN B 231 24.18 6.79 8.77
CA ASN B 231 25.25 7.68 9.24
C ASN B 231 25.75 8.58 8.10
N THR B 232 25.86 8.06 6.87
CA THR B 232 26.27 8.85 5.71
C THR B 232 25.34 10.06 5.52
N ILE B 233 24.02 9.86 5.74
CA ILE B 233 22.99 10.91 5.55
C ILE B 233 23.09 11.94 6.68
N LEU B 234 23.23 11.51 7.92
CA LEU B 234 23.41 12.43 9.04
C LEU B 234 24.52 13.42 8.69
N LYS B 235 25.62 12.89 8.18
CA LYS B 235 26.77 13.74 8.00
C LYS B 235 26.56 14.63 6.77
N GLU B 236 25.95 14.14 5.70
CA GLU B 236 25.70 15.05 4.58
C GLU B 236 24.75 16.20 5.00
N ILE B 237 23.80 16.01 5.90
CA ILE B 237 22.98 17.09 6.42
C ILE B 237 23.87 18.18 7.05
N GLU B 238 24.86 17.76 7.87
CA GLU B 238 25.70 18.69 8.58
C GLU B 238 26.46 19.54 7.58
N GLU B 239 26.82 18.97 6.44
CA GLU B 239 27.73 19.68 5.52
C GLU B 239 26.95 20.55 4.54
N ARG B 240 25.70 20.20 4.24
CA ARG B 240 24.97 20.75 3.10
C ARG B 240 23.69 21.46 3.53
N ALA B 241 22.95 20.95 4.50
CA ALA B 241 21.71 21.62 4.88
C ALA B 241 22.02 23.07 5.30
N PRO B 242 21.09 24.00 5.00
CA PRO B 242 21.21 25.42 5.31
C PRO B 242 21.72 25.72 6.73
N LEU B 243 21.17 25.03 7.75
CA LEU B 243 21.61 25.32 9.10
C LEU B 243 22.85 24.50 9.45
N LYS B 244 23.36 23.69 8.55
CA LYS B 244 24.69 23.01 8.79
C LYS B 244 24.69 22.24 10.13
N ARG B 245 23.61 21.58 10.44
CA ARG B 245 23.46 20.81 11.68
C ARG B 245 22.19 19.96 11.46
N ASN B 246 22.08 18.97 12.29
CA ASN B 246 20.97 18.06 12.25
C ASN B 246 19.98 18.53 13.30
N VAL B 247 18.76 17.99 13.24
CA VAL B 247 17.71 18.37 14.17
C VAL B 247 17.60 17.29 15.21
N ASP B 248 16.87 17.57 16.27
CA ASP B 248 16.56 16.58 17.24
C ASP B 248 15.06 16.40 17.50
N GLN B 249 14.76 15.47 18.40
CA GLN B 249 13.42 14.99 18.65
C GLN B 249 12.59 16.13 19.25
N VAL B 250 13.19 16.91 20.12
CA VAL B 250 12.55 18.07 20.74
C VAL B 250 12.18 19.13 19.67
N GLU B 251 12.99 19.28 18.64
CA GLU B 251 12.66 20.20 17.57
C GLU B 251 11.39 19.72 16.86
N VAL B 252 11.30 18.41 16.63
CA VAL B 252 10.09 17.84 16.04
C VAL B 252 8.93 18.13 17.00
N GLY B 253 9.14 17.89 18.27
CA GLY B 253 8.12 18.14 19.28
C GLY B 253 7.59 19.58 19.27
N LYS B 254 8.46 20.57 19.02
CA LYS B 254 8.01 21.97 19.10
C LYS B 254 7.10 22.28 17.91
N THR B 255 7.39 21.77 16.71
CA THR B 255 6.55 21.92 15.57
C THR B 255 5.25 21.12 15.75
N ALA B 256 5.32 19.92 16.35
CA ALA B 256 4.12 19.18 16.70
C ALA B 256 3.21 19.99 17.64
N ALA B 257 3.75 20.67 18.61
CA ALA B 257 2.92 21.49 19.49
C ALA B 257 2.24 22.61 18.66
N TYR B 258 2.94 23.16 17.67
CA TYR B 258 2.34 24.14 16.85
C TYR B 258 1.14 23.47 16.14
N LEU B 259 1.39 22.33 15.50
CA LEU B 259 0.42 21.68 14.64
C LEU B 259 -0.77 21.17 15.45
N LEU B 260 -0.59 20.90 16.73
CA LEU B 260 -1.63 20.28 17.55
C LEU B 260 -2.43 21.33 18.33
N SER B 261 -2.01 22.58 18.23
CA SER B 261 -2.58 23.65 19.01
C SER B 261 -3.33 24.60 18.07
N ASP B 262 -4.03 25.54 18.70
CA ASP B 262 -4.75 26.54 17.95
C ASP B 262 -3.79 27.49 17.15
N LEU B 263 -2.46 27.41 17.38
CA LEU B 263 -1.56 28.27 16.66
C LEU B 263 -1.69 28.00 15.16
N SER B 264 -2.02 26.77 14.80
CA SER B 264 -2.01 26.36 13.40
C SER B 264 -3.44 26.25 12.83
N SER B 265 -4.39 27.00 13.40
N SER B 265 -4.37 27.05 13.35
CA SER B 265 -5.73 27.09 12.84
CA SER B 265 -5.80 26.94 12.97
C SER B 265 -5.62 27.63 11.42
C SER B 265 -6.17 26.91 11.45
N GLY B 266 -6.19 26.98 10.44
N GLY B 266 -5.57 27.66 10.51
CA GLY B 266 -5.95 27.48 9.12
CA GLY B 266 -5.92 27.55 9.11
C GLY B 266 -5.03 26.58 8.34
C GLY B 266 -5.04 26.58 8.35
N VAL B 267 -4.22 25.75 9.04
CA VAL B 267 -3.25 24.91 8.39
C VAL B 267 -3.71 23.46 8.40
N THR B 268 -3.82 22.87 7.21
CA THR B 268 -4.26 21.47 7.13
C THR B 268 -3.81 20.95 5.77
N GLY B 269 -3.56 19.66 5.70
CA GLY B 269 -3.03 19.03 4.51
C GLY B 269 -1.60 19.44 4.28
N GLU B 270 -0.96 20.03 5.29
CA GLU B 270 0.41 20.54 5.10
C GLU B 270 1.46 19.49 5.62
N ASN B 271 2.68 19.63 5.07
CA ASN B 271 3.87 18.80 5.36
C ASN B 271 4.96 19.77 5.85
N ILE B 272 5.19 19.93 7.15
CA ILE B 272 6.19 20.85 7.59
C ILE B 272 7.56 20.15 7.72
N HIS B 273 8.56 20.69 7.03
CA HIS B 273 9.89 20.09 7.08
C HIS B 273 10.69 20.61 8.27
N VAL B 274 11.02 19.69 9.21
CA VAL B 274 11.85 20.01 10.35
C VAL B 274 13.21 19.32 10.16
N ASP B 275 14.01 19.91 9.28
CA ASP B 275 15.16 19.25 8.73
C ASP B 275 16.32 20.15 8.39
N SER B 276 16.53 21.23 9.13
CA SER B 276 17.58 22.19 8.84
C SER B 276 17.58 22.80 7.42
N GLY B 277 16.43 22.76 6.73
CA GLY B 277 16.29 23.32 5.40
C GLY B 277 16.70 22.38 4.28
N PHE B 278 17.00 21.11 4.58
CA PHE B 278 17.61 20.23 3.59
C PHE B 278 16.64 20.01 2.44
N HIS B 279 15.35 20.00 2.72
CA HIS B 279 14.31 19.87 1.66
C HIS B 279 14.45 20.99 0.61
N ALA B 280 15.03 22.15 0.95
CA ALA B 280 14.94 23.31 0.03
C ALA B 280 16.15 23.33 -0.90
N ILE B 281 17.10 22.40 -0.74
CA ILE B 281 18.31 22.52 -1.50
C ILE B 281 18.52 21.35 -2.46
N LYS B 282 19.43 21.60 -3.34
CA LYS B 282 19.88 20.65 -4.27
C LYS B 282 21.36 20.92 -4.62
N VAL C 28 10.85 9.36 -34.12
CA VAL C 28 10.39 8.03 -33.55
C VAL C 28 10.04 6.99 -34.65
N ASN C 29 10.94 6.49 -35.55
CA ASN C 29 10.75 5.12 -36.08
C ASN C 29 11.00 4.11 -34.96
N LEU C 30 9.99 3.31 -34.66
CA LEU C 30 10.14 2.24 -33.71
C LEU C 30 10.14 0.87 -34.42
N GLU C 31 10.49 0.78 -35.71
CA GLU C 31 10.72 -0.51 -36.33
C GLU C 31 11.83 -1.29 -35.61
N ASN C 32 11.70 -2.61 -35.50
CA ASN C 32 12.71 -3.45 -34.82
C ASN C 32 12.73 -3.18 -33.31
N LYS C 33 11.76 -2.45 -32.79
CA LYS C 33 11.53 -2.37 -31.36
C LYS C 33 10.36 -3.30 -30.97
N THR C 34 10.34 -3.71 -29.70
CA THR C 34 9.29 -4.54 -29.17
C THR C 34 8.84 -4.00 -27.82
N TYR C 35 7.54 -3.84 -27.62
CA TYR C 35 7.02 -3.27 -26.38
C TYR C 35 5.94 -4.18 -25.82
N VAL C 36 5.87 -4.29 -24.51
CA VAL C 36 4.81 -5.01 -23.86
C VAL C 36 3.80 -3.96 -23.36
N ILE C 37 2.52 -4.10 -23.75
CA ILE C 37 1.48 -3.22 -23.27
C ILE C 37 0.54 -4.00 -22.35
N MET C 38 0.45 -3.56 -21.12
CA MET C 38 -0.31 -4.19 -20.09
C MET C 38 -1.55 -3.37 -19.77
N GLY C 39 -2.75 -3.96 -19.97
CA GLY C 39 -4.00 -3.37 -19.41
C GLY C 39 -4.99 -2.85 -20.45
N ILE C 40 -4.95 -3.36 -21.66
CA ILE C 40 -6.07 -3.15 -22.59
C ILE C 40 -7.26 -4.04 -22.19
N ALA C 41 -8.44 -3.45 -21.97
CA ALA C 41 -9.75 -4.17 -21.78
C ALA C 41 -10.66 -4.03 -23.02
N ASN C 42 -10.60 -2.86 -23.69
CA ASN C 42 -11.49 -2.57 -24.81
C ASN C 42 -10.92 -1.39 -25.62
N LYS C 43 -11.64 -1.00 -26.66
CA LYS C 43 -11.17 0.07 -27.55
C LYS C 43 -11.03 1.42 -26.83
N ARG C 44 -11.66 1.64 -25.68
CA ARG C 44 -11.58 2.94 -24.95
C ARG C 44 -10.41 2.93 -23.94
N SER C 45 -9.75 1.80 -23.76
CA SER C 45 -8.65 1.73 -22.80
C SER C 45 -7.53 2.70 -23.22
N ILE C 46 -7.00 3.43 -22.25
CA ILE C 46 -5.77 4.28 -22.49
C ILE C 46 -4.70 3.48 -23.21
N ALA C 47 -4.48 2.25 -22.76
CA ALA C 47 -3.45 1.39 -23.35
C ALA C 47 -3.72 1.09 -24.82
N PHE C 48 -4.95 1.13 -25.27
CA PHE C 48 -5.19 0.93 -26.72
C PHE C 48 -4.80 2.21 -27.48
N GLY C 49 -4.90 3.38 -26.87
CA GLY C 49 -4.30 4.60 -27.48
C GLY C 49 -2.80 4.42 -27.68
N VAL C 50 -2.14 4.01 -26.61
CA VAL C 50 -0.73 3.66 -26.67
C VAL C 50 -0.49 2.67 -27.79
N ALA C 51 -1.25 1.60 -27.83
CA ALA C 51 -1.00 0.57 -28.83
C ALA C 51 -1.11 1.13 -30.24
N LYS C 52 -2.14 1.95 -30.50
CA LYS C 52 -2.37 2.46 -31.88
C LYS C 52 -1.21 3.35 -32.32
N VAL C 53 -0.67 4.15 -31.38
CA VAL C 53 0.43 5.03 -31.73
C VAL C 53 1.70 4.20 -31.98
N LEU C 54 2.02 3.29 -31.05
CA LEU C 54 3.26 2.47 -31.20
C LEU C 54 3.17 1.60 -32.45
N ASP C 55 2.01 1.03 -32.70
CA ASP C 55 1.79 0.18 -33.88
C ASP C 55 1.99 0.98 -35.15
N GLN C 56 1.43 2.19 -35.16
CA GLN C 56 1.54 3.11 -36.31
C GLN C 56 2.99 3.51 -36.56
N LEU C 57 3.80 3.53 -35.51
CA LEU C 57 5.24 3.86 -35.64
C LEU C 57 6.09 2.61 -35.93
N GLY C 58 5.49 1.44 -36.16
CA GLY C 58 6.24 0.25 -36.62
C GLY C 58 6.70 -0.68 -35.50
N ALA C 59 6.34 -0.43 -34.25
CA ALA C 59 6.77 -1.34 -33.15
C ALA C 59 6.13 -2.72 -33.30
N LYS C 60 6.84 -3.73 -32.81
CA LYS C 60 6.23 -5.00 -32.49
C LYS C 60 5.64 -4.88 -31.08
N LEU C 61 4.43 -5.38 -30.92
CA LEU C 61 3.66 -5.23 -29.69
C LEU C 61 3.24 -6.61 -29.13
N VAL C 62 3.22 -6.64 -27.81
CA VAL C 62 2.90 -7.81 -27.04
C VAL C 62 1.91 -7.32 -25.99
N PHE C 63 0.80 -8.03 -25.81
CA PHE C 63 -0.28 -7.56 -24.96
C PHE C 63 -0.50 -8.51 -23.77
N THR C 64 -0.76 -7.96 -22.61
CA THR C 64 -1.16 -8.77 -21.48
C THR C 64 -2.52 -8.32 -20.94
N TYR C 65 -3.29 -9.28 -20.45
CA TYR C 65 -4.69 -9.05 -20.01
C TYR C 65 -4.98 -9.86 -18.76
N ARG C 66 -6.03 -9.50 -17.99
CA ARG C 66 -6.44 -10.35 -16.85
C ARG C 66 -7.67 -11.19 -17.27
N LYS C 67 -8.77 -10.54 -17.67
CA LYS C 67 -10.04 -11.23 -17.88
C LYS C 67 -10.13 -11.80 -19.29
N GLU C 68 -10.84 -12.92 -19.41
CA GLU C 68 -10.99 -13.60 -20.66
C GLU C 68 -11.62 -12.62 -21.69
N ARG C 69 -12.56 -11.82 -21.22
CA ARG C 69 -13.23 -10.83 -22.10
C ARG C 69 -12.20 -9.84 -22.66
N SER C 70 -11.22 -9.42 -21.86
CA SER C 70 -10.16 -8.53 -22.37
C SER C 70 -9.38 -9.20 -23.52
N ARG C 71 -9.07 -10.52 -23.42
CA ARG C 71 -8.41 -11.23 -24.55
C ARG C 71 -9.32 -11.15 -25.78
N LYS C 72 -10.60 -11.43 -25.61
CA LYS C 72 -11.55 -11.39 -26.76
C LYS C 72 -11.52 -9.99 -27.42
N GLU C 73 -11.60 -8.93 -26.61
CA GLU C 73 -11.50 -7.58 -27.16
C GLU C 73 -10.16 -7.39 -27.88
N LEU C 74 -9.08 -7.88 -27.30
CA LEU C 74 -7.77 -7.77 -27.94
C LEU C 74 -7.75 -8.49 -29.30
N GLU C 75 -8.30 -9.69 -29.40
CA GLU C 75 -8.24 -10.41 -30.67
C GLU C 75 -8.97 -9.63 -31.75
N LYS C 76 -10.06 -8.94 -31.37
CA LYS C 76 -10.89 -8.10 -32.28
C LYS C 76 -10.17 -6.78 -32.60
N LEU C 77 -9.56 -6.15 -31.59
CA LEU C 77 -8.85 -4.86 -31.78
C LEU C 77 -7.58 -5.08 -32.62
N LEU C 78 -6.93 -6.24 -32.55
CA LEU C 78 -5.74 -6.49 -33.36
C LEU C 78 -6.04 -6.41 -34.87
N GLU C 79 -7.29 -6.55 -35.25
CA GLU C 79 -7.68 -6.42 -36.67
C GLU C 79 -7.41 -5.00 -37.19
N GLN C 80 -7.52 -3.99 -36.32
CA GLN C 80 -7.24 -2.54 -36.66
C GLN C 80 -5.73 -2.25 -36.73
N LEU C 81 -4.89 -2.97 -35.98
CA LEU C 81 -3.45 -2.75 -35.97
C LEU C 81 -2.77 -3.46 -37.15
N ASN C 82 -1.52 -3.13 -37.39
CA ASN C 82 -0.76 -3.69 -38.48
C ASN C 82 0.06 -4.87 -37.98
N GLN C 83 0.01 -5.17 -36.68
CA GLN C 83 0.74 -6.31 -36.12
C GLN C 83 0.38 -7.58 -36.91
N PRO C 84 1.37 -8.28 -37.47
CA PRO C 84 1.09 -9.50 -38.21
C PRO C 84 0.93 -10.76 -37.33
N GLU C 85 1.10 -10.62 -35.99
CA GLU C 85 1.05 -11.76 -35.09
C GLU C 85 0.48 -11.28 -33.75
N ALA C 86 -0.50 -12.02 -33.26
CA ALA C 86 -1.06 -11.72 -31.93
C ALA C 86 -0.12 -12.29 -30.88
N HIS C 87 0.46 -11.48 -30.03
CA HIS C 87 1.20 -12.01 -28.90
C HIS C 87 0.42 -11.65 -27.63
N LEU C 88 -0.40 -12.57 -27.13
CA LEU C 88 -1.33 -12.29 -26.00
C LEU C 88 -0.95 -13.16 -24.80
N TYR C 89 -0.89 -12.60 -23.60
CA TYR C 89 -0.46 -13.33 -22.45
C TYR C 89 -1.37 -12.93 -21.30
N GLN C 90 -1.91 -13.90 -20.61
CA GLN C 90 -2.77 -13.62 -19.47
C GLN C 90 -1.89 -13.37 -18.27
N ILE C 91 -1.97 -12.18 -17.68
CA ILE C 91 -1.18 -11.88 -16.48
C ILE C 91 -2.06 -11.10 -15.53
N ASP C 92 -2.36 -11.72 -14.40
CA ASP C 92 -2.98 -11.03 -13.31
C ASP C 92 -1.82 -10.65 -12.37
N VAL C 93 -1.64 -9.35 -12.19
CA VAL C 93 -0.45 -8.81 -11.48
C VAL C 93 -0.61 -9.00 -9.97
N GLN C 94 -1.72 -9.59 -9.51
CA GLN C 94 -1.83 -9.98 -8.09
C GLN C 94 -1.06 -11.29 -7.81
N SER C 95 -0.69 -12.00 -8.86
CA SER C 95 0.05 -13.24 -8.76
C SER C 95 1.49 -13.05 -9.24
N ASP C 96 2.46 -13.20 -8.33
CA ASP C 96 3.88 -13.19 -8.71
C ASP C 96 4.18 -14.21 -9.82
N GLU C 97 3.66 -15.42 -9.66
CA GLU C 97 3.89 -16.52 -10.60
C GLU C 97 3.48 -16.14 -12.01
N GLU C 98 2.31 -15.54 -12.14
CA GLU C 98 1.81 -15.15 -13.48
C GLU C 98 2.70 -14.06 -14.09
N VAL C 99 3.16 -13.11 -13.27
CA VAL C 99 4.04 -12.07 -13.79
C VAL C 99 5.38 -12.70 -14.18
N ILE C 100 5.96 -13.52 -13.26
CA ILE C 100 7.25 -14.17 -13.50
C ILE C 100 7.14 -15.04 -14.76
N ASN C 101 6.13 -15.91 -14.84
CA ASN C 101 6.00 -16.86 -15.94
C ASN C 101 5.58 -16.16 -17.22
N GLY C 102 4.68 -15.19 -17.14
CA GLY C 102 4.27 -14.36 -18.29
C GLY C 102 5.47 -13.76 -19.01
N PHE C 103 6.31 -13.01 -18.27
CA PHE C 103 7.47 -12.35 -18.91
C PHE C 103 8.47 -13.38 -19.40
N GLU C 104 8.71 -14.41 -18.60
CA GLU C 104 9.63 -15.44 -19.04
C GLU C 104 9.16 -16.01 -20.40
N GLN C 105 7.87 -16.22 -20.54
CA GLN C 105 7.31 -16.78 -21.78
C GLN C 105 7.36 -15.75 -22.92
N ILE C 106 7.11 -14.48 -22.61
CA ILE C 106 7.26 -13.41 -23.61
C ILE C 106 8.70 -13.44 -24.18
N GLY C 107 9.66 -13.54 -23.26
CA GLY C 107 11.05 -13.65 -23.66
C GLY C 107 11.32 -14.82 -24.59
N LYS C 108 10.74 -15.99 -24.31
CA LYS C 108 10.97 -17.16 -25.18
C LYS C 108 10.28 -16.96 -26.53
N ASP C 109 9.14 -16.29 -26.55
CA ASP C 109 8.39 -16.13 -27.80
C ASP C 109 8.90 -15.01 -28.74
N VAL C 110 9.30 -13.84 -28.21
CA VAL C 110 9.71 -12.71 -29.08
C VAL C 110 11.14 -12.25 -28.76
N GLY C 111 11.78 -12.73 -27.70
CA GLY C 111 13.14 -12.30 -27.38
C GLY C 111 13.15 -11.07 -26.48
N ASN C 112 14.25 -10.32 -26.50
CA ASN C 112 14.43 -9.15 -25.65
C ASN C 112 13.46 -8.04 -26.09
N ILE C 113 13.05 -7.24 -25.15
CA ILE C 113 12.11 -6.17 -25.41
C ILE C 113 12.80 -4.82 -25.14
N ASP C 114 12.14 -3.78 -25.60
CA ASP C 114 12.63 -2.43 -25.43
C ASP C 114 11.87 -1.65 -24.38
N GLY C 115 10.70 -2.12 -23.95
CA GLY C 115 10.02 -1.43 -22.86
C GLY C 115 8.63 -1.95 -22.57
N VAL C 116 8.02 -1.39 -21.56
CA VAL C 116 6.77 -1.84 -21.01
C VAL C 116 5.89 -0.61 -20.76
N TYR C 117 4.65 -0.63 -21.27
CA TYR C 117 3.61 0.33 -20.88
C TYR C 117 2.65 -0.33 -19.87
N HIS C 118 2.64 0.17 -18.65
CA HIS C 118 1.80 -0.33 -17.58
C HIS C 118 0.54 0.54 -17.44
N SER C 119 -0.62 -0.03 -17.72
CA SER C 119 -1.87 0.71 -17.67
C SER C 119 -2.88 -0.05 -16.79
N ILE C 120 -2.51 -0.30 -15.53
CA ILE C 120 -3.28 -1.22 -14.67
C ILE C 120 -3.56 -0.54 -13.35
N ALA C 121 -4.81 -0.61 -12.95
CA ALA C 121 -5.14 -0.15 -11.59
C ALA C 121 -6.49 -0.73 -11.17
N PHE C 122 -6.75 -0.75 -9.87
CA PHE C 122 -8.02 -1.18 -9.38
C PHE C 122 -8.21 -0.70 -7.95
N ALA C 123 -9.44 -0.35 -7.61
CA ALA C 123 -9.86 -0.22 -6.26
C ALA C 123 -11.32 -0.65 -6.16
N ASN C 124 -11.82 -1.01 -4.98
CA ASN C 124 -13.21 -1.34 -4.87
C ASN C 124 -14.08 -0.08 -5.02
N MET C 125 -15.18 -0.19 -5.73
CA MET C 125 -16.12 0.88 -5.85
C MET C 125 -16.59 1.36 -4.49
N GLU C 126 -16.78 0.47 -3.51
CA GLU C 126 -17.16 0.89 -2.16
C GLU C 126 -16.25 2.05 -1.74
N ASP C 127 -14.93 1.92 -1.95
CA ASP C 127 -13.99 2.92 -1.47
C ASP C 127 -13.79 4.16 -2.41
N LEU C 128 -14.53 4.39 -3.52
CA LEU C 128 -14.25 5.54 -4.50
C LEU C 128 -15.30 6.68 -4.50
N ARG C 129 -15.76 6.95 -3.27
CA ARG C 129 -16.94 7.92 -3.14
C ARG C 129 -17.05 8.69 -1.82
N GLY C 130 -17.98 8.46 -0.89
CA GLY C 130 -18.03 9.25 0.31
C GLY C 130 -16.66 9.45 0.92
N ARG C 131 -16.39 8.77 2.03
CA ARG C 131 -15.45 9.28 3.00
C ARG C 131 -14.18 8.41 2.96
N PHE C 132 -13.06 9.07 2.69
CA PHE C 132 -11.84 8.38 2.59
C PHE C 132 -11.50 7.78 3.98
N SER C 133 -11.88 8.47 5.06
CA SER C 133 -11.54 8.01 6.38
C SER C 133 -12.19 6.65 6.73
N GLU C 134 -13.21 6.21 5.99
CA GLU C 134 -13.89 4.96 6.22
C GLU C 134 -13.29 3.86 5.35
N THR C 135 -12.23 4.10 4.59
CA THR C 135 -11.61 3.06 3.81
C THR C 135 -11.19 1.88 4.74
N SER C 136 -11.49 0.66 4.26
CA SER C 136 -11.10 -0.62 4.87
C SER C 136 -9.63 -0.93 4.56
N ARG C 137 -8.99 -1.68 5.48
CA ARG C 137 -7.61 -2.16 5.30
C ARG C 137 -7.51 -3.00 4.04
N GLU C 138 -8.48 -3.84 3.85
CA GLU C 138 -8.47 -4.76 2.71
C GLU C 138 -8.56 -3.93 1.41
N GLY C 139 -9.43 -2.92 1.41
CA GLY C 139 -9.58 -2.09 0.22
C GLY C 139 -8.33 -1.29 -0.11
N PHE C 140 -7.75 -0.71 0.93
CA PHE C 140 -6.52 0.06 0.82
C PHE C 140 -5.39 -0.81 0.27
N LEU C 141 -5.22 -2.02 0.80
CA LEU C 141 -4.04 -2.79 0.40
C LEU C 141 -4.27 -3.40 -0.98
N LEU C 142 -5.55 -3.66 -1.32
CA LEU C 142 -5.90 -4.16 -2.68
C LEU C 142 -5.49 -3.11 -3.72
N ALA C 143 -5.82 -1.85 -3.44
CA ALA C 143 -5.48 -0.77 -4.37
C ALA C 143 -3.96 -0.65 -4.49
N GLN C 144 -3.24 -0.71 -3.36
CA GLN C 144 -1.72 -0.70 -3.38
C GLN C 144 -1.16 -1.87 -4.20
N ASP C 145 -1.73 -3.05 -3.98
CA ASP C 145 -1.23 -4.24 -4.56
C ASP C 145 -1.32 -4.11 -6.08
N ILE C 146 -2.51 -3.79 -6.59
CA ILE C 146 -2.75 -3.86 -8.04
C ILE C 146 -2.20 -2.60 -8.74
N SER C 147 -2.32 -1.47 -8.07
CA SER C 147 -2.12 -0.17 -8.72
C SER C 147 -0.68 0.35 -8.52
N SER C 148 0.08 -0.20 -7.57
CA SER C 148 1.41 0.31 -7.28
C SER C 148 2.42 -0.84 -7.30
N TYR C 149 2.27 -1.79 -6.37
CA TYR C 149 3.23 -2.92 -6.29
C TYR C 149 3.40 -3.62 -7.66
N SER C 150 2.33 -3.80 -8.40
CA SER C 150 2.43 -4.45 -9.70
C SER C 150 3.56 -3.85 -10.52
N LEU C 151 3.81 -2.54 -10.41
CA LEU C 151 4.90 -1.94 -11.25
C LEU C 151 6.26 -2.47 -10.83
N THR C 152 6.50 -2.59 -9.54
CA THR C 152 7.77 -3.03 -9.02
C THR C 152 8.11 -4.44 -9.55
N ILE C 153 7.16 -5.37 -9.42
CA ILE C 153 7.41 -6.74 -9.84
C ILE C 153 7.44 -6.84 -11.36
N VAL C 154 6.60 -6.09 -12.06
CA VAL C 154 6.69 -6.08 -13.53
C VAL C 154 8.08 -5.59 -13.97
N ALA C 155 8.59 -4.55 -13.31
CA ALA C 155 9.92 -3.97 -13.62
C ALA C 155 11.01 -5.01 -13.37
N HIS C 156 10.95 -5.68 -12.22
CA HIS C 156 11.97 -6.73 -11.92
C HIS C 156 11.97 -7.82 -12.97
N GLU C 157 10.80 -8.21 -13.48
CA GLU C 157 10.73 -9.31 -14.43
C GLU C 157 11.05 -8.81 -15.84
N ALA C 158 10.58 -7.60 -16.17
CA ALA C 158 10.88 -7.02 -17.52
C ALA C 158 12.36 -6.72 -17.71
N LYS C 159 13.05 -6.30 -16.66
CA LYS C 159 14.52 -6.04 -16.65
C LYS C 159 15.32 -7.21 -17.28
N LYS C 160 14.87 -8.42 -17.03
CA LYS C 160 15.52 -9.64 -17.52
C LYS C 160 15.47 -9.71 -19.05
N LEU C 161 14.56 -8.98 -19.67
CA LEU C 161 14.42 -8.95 -21.15
C LEU C 161 14.99 -7.65 -21.74
N MET C 162 15.65 -6.84 -20.92
CA MET C 162 16.20 -5.55 -21.36
C MET C 162 17.69 -5.49 -20.96
N PRO C 163 18.48 -6.45 -21.43
CA PRO C 163 19.87 -6.52 -20.98
C PRO C 163 20.68 -5.28 -21.35
N GLU C 164 20.34 -4.64 -22.47
CA GLU C 164 20.99 -3.42 -22.97
C GLU C 164 20.19 -2.16 -22.64
N GLY C 165 19.21 -2.24 -21.73
CA GLY C 165 18.39 -1.09 -21.36
C GLY C 165 17.02 -1.11 -22.03
N GLY C 166 16.19 -0.21 -21.55
CA GLY C 166 14.94 0.18 -22.19
C GLY C 166 14.16 1.18 -21.33
N SER C 167 12.82 1.17 -21.50
CA SER C 167 11.94 2.17 -20.90
C SER C 167 10.66 1.53 -20.36
N ILE C 168 10.31 1.90 -19.16
CA ILE C 168 9.08 1.49 -18.54
C ILE C 168 8.23 2.76 -18.24
N VAL C 169 6.95 2.77 -18.64
CA VAL C 169 6.04 3.89 -18.38
C VAL C 169 4.81 3.38 -17.62
N ALA C 170 4.45 4.01 -16.51
CA ALA C 170 3.17 3.76 -15.79
C ALA C 170 2.16 4.94 -16.00
N THR C 171 0.88 4.68 -15.81
CA THR C 171 -0.19 5.65 -15.97
C THR C 171 -0.68 6.07 -14.59
N THR C 172 -0.61 7.38 -14.32
CA THR C 172 -1.11 7.93 -13.04
C THR C 172 -2.18 9.03 -13.30
N TYR C 173 -2.64 9.64 -12.23
CA TYR C 173 -3.60 10.74 -12.30
C TYR C 173 -3.24 11.73 -11.20
N LEU C 174 -3.53 13.00 -11.51
CA LEU C 174 -3.29 14.13 -10.63
C LEU C 174 -3.74 13.88 -9.20
N GLY C 175 -4.72 13.00 -8.97
CA GLY C 175 -5.19 12.68 -7.57
C GLY C 175 -4.10 11.98 -6.70
N GLY C 176 -3.03 11.56 -7.31
CA GLY C 176 -1.82 11.06 -6.53
C GLY C 176 -0.95 12.20 -5.95
N GLU C 177 -1.07 13.43 -6.51
CA GLU C 177 -0.32 14.64 -6.06
C GLU C 177 -1.18 15.59 -5.22
N PHE C 178 -2.49 15.60 -5.43
CA PHE C 178 -3.44 16.42 -4.64
C PHE C 178 -4.66 15.58 -4.28
N ALA C 179 -5.29 15.87 -3.16
CA ALA C 179 -6.51 15.27 -2.81
C ALA C 179 -7.65 15.79 -3.71
N VAL C 180 -8.14 14.95 -4.62
CA VAL C 180 -9.29 15.17 -5.47
C VAL C 180 -10.52 14.48 -4.86
N GLN C 181 -11.62 15.18 -4.58
CA GLN C 181 -12.85 14.57 -4.05
C GLN C 181 -13.20 13.31 -4.87
N ASN C 182 -13.60 12.25 -4.17
CA ASN C 182 -14.06 10.93 -4.70
C ASN C 182 -12.90 10.02 -5.16
N TYR C 183 -11.71 10.50 -5.38
CA TYR C 183 -10.71 9.59 -5.90
C TYR C 183 -10.11 8.78 -4.74
N ASN C 184 -10.11 9.37 -3.55
CA ASN C 184 -9.97 8.69 -2.27
C ASN C 184 -8.83 7.66 -2.30
N VAL C 185 -9.14 6.36 -2.12
CA VAL C 185 -8.11 5.32 -1.93
C VAL C 185 -7.26 5.26 -3.18
N MET C 186 -7.82 5.48 -4.36
CA MET C 186 -6.98 5.38 -5.58
C MET C 186 -5.91 6.51 -5.61
N GLY C 187 -6.23 7.65 -5.00
CA GLY C 187 -5.28 8.74 -4.90
C GLY C 187 -4.03 8.33 -4.10
N VAL C 188 -4.23 7.66 -2.97
CA VAL C 188 -3.11 7.20 -2.14
C VAL C 188 -2.35 6.11 -2.91
N ALA C 189 -3.05 5.29 -3.70
CA ALA C 189 -2.38 4.31 -4.50
C ALA C 189 -1.55 4.97 -5.60
N LYS C 190 -2.03 6.08 -6.16
CA LYS C 190 -1.26 6.75 -7.26
C LYS C 190 -0.09 7.52 -6.62
N ALA C 191 -0.26 7.99 -5.41
CA ALA C 191 0.88 8.61 -4.73
C ALA C 191 2.00 7.56 -4.55
N SER C 192 1.60 6.39 -4.10
CA SER C 192 2.48 5.23 -3.97
C SER C 192 3.08 4.91 -5.35
N LEU C 193 2.27 4.83 -6.41
CA LEU C 193 2.80 4.53 -7.74
C LEU C 193 3.86 5.56 -8.19
N GLU C 194 3.63 6.83 -7.87
CA GLU C 194 4.52 7.81 -8.43
C GLU C 194 5.91 7.71 -7.72
N ALA C 195 5.94 7.53 -6.41
CA ALA C 195 7.15 7.26 -5.60
C ALA C 195 7.81 5.96 -6.13
N ASN C 196 7.00 4.97 -6.48
CA ASN C 196 7.46 3.69 -7.07
C ASN C 196 8.32 3.96 -8.31
N VAL C 197 7.85 4.83 -9.19
CA VAL C 197 8.53 5.18 -10.45
C VAL C 197 9.90 5.80 -10.13
N LYS C 198 9.95 6.68 -9.13
CA LYS C 198 11.15 7.36 -8.75
C LYS C 198 12.18 6.36 -8.13
N TYR C 199 11.77 5.50 -7.18
CA TYR C 199 12.65 4.50 -6.59
C TYR C 199 13.07 3.50 -7.68
N LEU C 200 12.20 3.13 -8.58
CA LEU C 200 12.61 2.23 -9.69
C LEU C 200 13.59 2.92 -10.61
N ALA C 201 13.35 4.21 -10.91
CA ALA C 201 14.28 4.99 -11.76
C ALA C 201 15.68 4.98 -11.16
N LEU C 202 15.75 5.22 -9.88
CA LEU C 202 17.03 5.32 -9.18
C LEU C 202 17.72 3.96 -9.24
N ASP C 203 16.97 2.91 -8.93
CA ASP C 203 17.50 1.54 -8.89
C ASP C 203 17.94 1.01 -10.24
N LEU C 204 17.14 1.21 -11.25
CA LEU C 204 17.38 0.61 -12.59
C LEU C 204 18.12 1.55 -13.55
N GLY C 205 18.31 2.80 -13.15
CA GLY C 205 19.11 3.76 -13.93
C GLY C 205 20.44 3.20 -14.37
N PRO C 206 21.20 2.66 -13.43
CA PRO C 206 22.53 2.08 -13.78
C PRO C 206 22.46 0.93 -14.79
N ASP C 207 21.31 0.33 -14.91
CA ASP C 207 21.05 -0.68 -15.93
C ASP C 207 20.58 -0.09 -17.26
N ASN C 208 20.50 1.25 -17.36
CA ASN C 208 20.03 1.98 -18.56
C ASN C 208 18.55 1.67 -18.85
N ILE C 209 17.79 1.55 -17.77
CA ILE C 209 16.36 1.34 -17.86
C ILE C 209 15.73 2.61 -17.26
N ARG C 210 15.02 3.35 -18.11
CA ARG C 210 14.35 4.56 -17.64
C ARG C 210 12.94 4.20 -17.14
N VAL C 211 12.48 4.87 -16.10
CA VAL C 211 11.15 4.64 -15.58
C VAL C 211 10.48 6.01 -15.38
N ASN C 212 9.28 6.15 -15.94
CA ASN C 212 8.56 7.42 -15.95
C ASN C 212 7.06 7.14 -15.84
N ALA C 213 6.29 8.18 -15.59
CA ALA C 213 4.83 8.14 -15.51
C ALA C 213 4.23 9.14 -16.49
N ILE C 214 3.06 8.82 -17.00
CA ILE C 214 2.19 9.78 -17.64
C ILE C 214 1.01 10.01 -16.72
N SER C 215 0.74 11.28 -16.40
CA SER C 215 -0.40 11.67 -15.60
C SER C 215 -1.47 12.15 -16.59
N ALA C 216 -2.40 11.24 -16.90
CA ALA C 216 -3.42 11.46 -17.89
C ALA C 216 -4.56 12.24 -17.25
N GLY C 217 -5.08 13.17 -18.03
CA GLY C 217 -6.33 13.82 -17.66
C GLY C 217 -7.50 12.86 -17.76
N PRO C 218 -8.68 13.24 -17.25
CA PRO C 218 -9.75 12.26 -17.24
C PRO C 218 -10.21 11.89 -18.66
N ILE C 219 -10.40 10.60 -18.90
CA ILE C 219 -10.78 10.02 -20.18
C ILE C 219 -11.92 9.01 -19.93
N ARG C 220 -12.95 9.04 -20.78
CA ARG C 220 -14.08 8.15 -20.64
C ARG C 220 -13.64 6.73 -20.97
N THR C 221 -13.41 5.95 -19.92
CA THR C 221 -13.09 4.50 -20.02
C THR C 221 -14.05 3.68 -19.15
N LEU C 222 -13.97 2.37 -19.32
CA LEU C 222 -14.76 1.45 -18.46
C LEU C 222 -14.42 1.64 -16.98
N SER C 223 -13.15 1.74 -16.62
CA SER C 223 -12.76 1.96 -15.22
C SER C 223 -13.21 3.35 -14.69
N ALA C 224 -13.24 4.39 -15.55
CA ALA C 224 -13.81 5.71 -15.13
C ALA C 224 -15.22 5.57 -14.54
N LYS C 225 -15.99 4.58 -14.96
CA LYS C 225 -17.35 4.45 -14.43
C LYS C 225 -17.33 4.13 -12.94
N GLY C 226 -16.23 3.64 -12.42
CA GLY C 226 -16.18 3.33 -10.99
C GLY C 226 -15.97 4.54 -10.10
N VAL C 227 -15.62 5.70 -10.68
CA VAL C 227 -15.26 6.80 -9.85
C VAL C 227 -16.45 7.77 -9.77
N GLY C 228 -16.90 8.07 -8.57
CA GLY C 228 -17.91 9.08 -8.41
C GLY C 228 -17.46 10.43 -8.98
N GLY C 229 -18.44 11.18 -9.52
CA GLY C 229 -18.20 12.54 -9.92
C GLY C 229 -17.33 12.68 -11.14
N PHE C 230 -17.14 11.63 -11.89
CA PHE C 230 -16.27 11.66 -13.05
C PHE C 230 -16.76 12.67 -14.11
N ASN C 231 -18.03 12.72 -14.40
CA ASN C 231 -18.56 13.65 -15.38
C ASN C 231 -18.34 15.12 -14.95
N THR C 232 -18.50 15.43 -13.67
CA THR C 232 -18.27 16.78 -13.13
C THR C 232 -16.84 17.23 -13.42
N ILE C 233 -15.86 16.32 -13.31
CA ILE C 233 -14.43 16.62 -13.53
C ILE C 233 -14.18 16.87 -15.03
N LEU C 234 -14.69 16.02 -15.91
CA LEU C 234 -14.55 16.20 -17.34
C LEU C 234 -14.93 17.64 -17.70
N LYS C 235 -16.06 18.09 -17.16
CA LYS C 235 -16.56 19.35 -17.60
C LYS C 235 -15.74 20.47 -16.96
N GLU C 236 -15.34 20.36 -15.71
CA GLU C 236 -14.47 21.41 -15.16
C GLU C 236 -13.13 21.52 -15.95
N ILE C 237 -12.59 20.44 -16.50
CA ILE C 237 -11.40 20.52 -17.35
C ILE C 237 -11.68 21.46 -18.54
N GLU C 238 -12.84 21.28 -19.19
CA GLU C 238 -13.17 22.02 -20.38
C GLU C 238 -13.22 23.51 -20.03
N GLU C 239 -13.65 23.85 -18.84
CA GLU C 239 -13.88 25.26 -18.51
C GLU C 239 -12.64 25.95 -17.98
N ARG C 240 -11.72 25.20 -17.36
CA ARG C 240 -10.67 25.75 -16.55
C ARG C 240 -9.28 25.36 -17.09
N ALA C 241 -9.07 24.16 -17.56
CA ALA C 241 -7.72 23.81 -18.06
C ALA C 241 -7.30 24.79 -19.17
N PRO C 242 -6.02 25.13 -19.24
CA PRO C 242 -5.40 26.00 -20.23
C PRO C 242 -5.89 25.77 -21.67
N LEU C 243 -5.94 24.53 -22.12
CA LEU C 243 -6.38 24.30 -23.50
C LEU C 243 -7.89 24.19 -23.57
N LYS C 244 -8.61 24.33 -22.46
CA LYS C 244 -10.11 24.42 -22.52
C LYS C 244 -10.71 23.23 -23.29
N ARG C 245 -10.17 22.03 -23.04
CA ARG C 245 -10.66 20.83 -23.71
C ARG C 245 -10.02 19.66 -22.96
N ASN C 246 -10.59 18.50 -23.18
CA ASN C 246 -10.14 17.30 -22.54
C ASN C 246 -9.17 16.60 -23.51
N VAL C 247 -8.40 15.65 -23.00
CA VAL C 247 -7.45 14.91 -23.79
C VAL C 247 -8.06 13.57 -24.14
N ASP C 248 -7.44 12.87 -25.07
CA ASP C 248 -7.87 11.55 -25.37
C ASP C 248 -6.68 10.51 -25.29
N GLN C 249 -7.05 9.26 -25.56
CA GLN C 249 -6.20 8.12 -25.34
C GLN C 249 -4.99 8.19 -26.27
N VAL C 250 -5.23 8.63 -27.50
CA VAL C 250 -4.17 8.79 -28.49
C VAL C 250 -3.16 9.87 -28.05
N GLU C 251 -3.62 10.91 -27.38
CA GLU C 251 -2.70 11.93 -26.88
C GLU C 251 -1.76 11.29 -25.83
N VAL C 252 -2.33 10.44 -24.98
CA VAL C 252 -1.51 9.71 -24.00
C VAL C 252 -0.52 8.83 -24.78
N GLY C 253 -1.01 8.15 -25.79
CA GLY C 253 -0.17 7.32 -26.63
C GLY C 253 1.01 8.05 -27.26
N LYS C 254 0.83 9.30 -27.65
CA LYS C 254 1.91 10.03 -28.35
C LYS C 254 3.02 10.37 -27.35
N THR C 255 2.68 10.77 -26.13
CA THR C 255 3.66 10.99 -25.11
C THR C 255 4.31 9.67 -24.65
N ALA C 256 3.55 8.59 -24.60
CA ALA C 256 4.11 7.25 -24.35
C ALA C 256 5.19 6.90 -25.40
N ALA C 257 4.91 7.19 -26.68
CA ALA C 257 5.91 6.91 -27.70
C ALA C 257 7.20 7.74 -27.43
N TYR C 258 7.02 8.98 -26.96
CA TYR C 258 8.16 9.76 -26.63
C TYR C 258 8.94 9.02 -25.52
N LEU C 259 8.25 8.68 -24.44
CA LEU C 259 8.86 8.18 -23.25
C LEU C 259 9.48 6.79 -23.49
N LEU C 260 8.99 6.04 -24.48
CA LEU C 260 9.44 4.67 -24.73
C LEU C 260 10.53 4.62 -25.80
N SER C 261 10.83 5.76 -26.40
CA SER C 261 11.78 5.84 -27.50
C SER C 261 13.04 6.58 -27.05
N ASP C 262 14.01 6.57 -27.92
CA ASP C 262 15.27 7.27 -27.67
C ASP C 262 15.06 8.82 -27.62
N LEU C 263 13.88 9.33 -28.00
CA LEU C 263 13.66 10.77 -27.95
C LEU C 263 13.82 11.27 -26.51
N SER C 264 13.51 10.39 -25.55
CA SER C 264 13.49 10.79 -24.15
C SER C 264 14.72 10.26 -23.39
N SER C 265 15.84 10.06 -24.09
N SER C 265 15.84 10.08 -24.08
CA SER C 265 17.09 9.69 -23.44
CA SER C 265 16.99 9.33 -23.45
C SER C 265 17.46 10.85 -22.53
C SER C 265 17.51 9.91 -22.12
N GLY C 266 17.76 10.55 -21.30
N GLY C 266 17.44 11.22 -21.83
CA GLY C 266 18.03 11.65 -20.38
CA GLY C 266 17.95 11.76 -20.55
C GLY C 266 16.87 11.91 -19.46
C GLY C 266 16.87 11.90 -19.49
N VAL C 267 15.68 11.37 -19.76
CA VAL C 267 14.52 11.58 -18.92
C VAL C 267 14.21 10.31 -18.13
N THR C 268 14.21 10.39 -16.81
CA THR C 268 13.80 9.28 -16.00
C THR C 268 13.36 9.81 -14.65
N GLY C 269 12.48 9.08 -13.99
CA GLY C 269 11.93 9.49 -12.74
C GLY C 269 10.95 10.64 -12.95
N GLU C 270 10.54 10.86 -14.18
CA GLU C 270 9.66 12.05 -14.49
C GLU C 270 8.18 11.60 -14.56
N ASN C 271 7.28 12.58 -14.36
CA ASN C 271 5.80 12.46 -14.41
C ASN C 271 5.33 13.47 -15.46
N ILE C 272 5.01 13.07 -16.68
CA ILE C 272 4.58 14.02 -17.68
C ILE C 272 3.04 14.11 -17.66
N HIS C 273 2.55 15.33 -17.46
CA HIS C 273 1.12 15.55 -17.40
C HIS C 273 0.55 15.75 -18.80
N VAL C 274 -0.33 14.82 -19.21
CA VAL C 274 -1.04 14.93 -20.48
C VAL C 274 -2.51 15.20 -20.17
N ASP C 275 -2.77 16.46 -19.81
CA ASP C 275 -3.96 16.86 -19.19
C ASP C 275 -4.46 18.26 -19.55
N SER C 276 -4.14 18.76 -20.75
CA SER C 276 -4.55 20.15 -21.13
C SER C 276 -4.02 21.26 -20.22
N GLY C 277 -2.99 20.99 -19.42
CA GLY C 277 -2.36 21.93 -18.56
C GLY C 277 -3.01 22.04 -17.19
N PHE C 278 -3.99 21.17 -16.87
CA PHE C 278 -4.78 21.34 -15.67
C PHE C 278 -3.91 21.29 -14.43
N HIS C 279 -2.85 20.47 -14.47
CA HIS C 279 -1.91 20.36 -13.34
C HIS C 279 -1.28 21.74 -13.02
N ALA C 280 -1.21 22.68 -13.96
CA ALA C 280 -0.40 23.91 -13.74
C ALA C 280 -1.26 25.01 -13.16
N ILE C 281 -2.52 24.76 -12.94
CA ILE C 281 -3.40 25.83 -12.49
C ILE C 281 -4.04 25.48 -11.13
N LYS C 282 -4.50 26.53 -10.50
CA LYS C 282 -5.25 26.51 -9.27
C LYS C 282 -6.43 27.51 -9.36
N MET D 27 6.11 26.81 23.68
CA MET D 27 5.19 27.98 23.56
C MET D 27 5.50 28.99 24.67
N VAL D 28 4.47 29.70 25.12
CA VAL D 28 4.65 30.86 25.91
C VAL D 28 5.37 31.91 25.02
N ASN D 29 6.61 32.32 25.24
CA ASN D 29 6.76 33.77 25.50
C ASN D 29 7.65 34.49 24.50
N LEU D 30 7.23 35.63 23.95
CA LEU D 30 8.15 36.45 23.18
C LEU D 30 8.54 37.71 23.94
N GLU D 31 8.43 37.76 25.25
CA GLU D 31 9.03 38.88 26.02
C GLU D 31 10.55 38.93 25.79
N ASN D 32 11.12 40.12 25.79
CA ASN D 32 12.57 40.33 25.54
C ASN D 32 12.90 40.07 24.07
N LYS D 33 11.92 39.81 23.20
CA LYS D 33 12.17 39.73 21.78
C LYS D 33 11.74 41.05 21.10
N THR D 34 12.34 41.32 19.92
CA THR D 34 12.01 42.50 19.15
C THR D 34 11.82 42.11 17.68
N TYR D 35 10.72 42.54 17.07
CA TYR D 35 10.47 42.16 15.67
C TYR D 35 10.17 43.43 14.87
N VAL D 36 10.63 43.47 13.65
CA VAL D 36 10.30 44.52 12.72
C VAL D 36 9.18 44.02 11.81
N ILE D 37 8.05 44.72 11.76
CA ILE D 37 6.91 44.35 10.92
C ILE D 37 6.78 45.41 9.82
N MET D 38 6.92 44.95 8.58
CA MET D 38 6.96 45.76 7.43
C MET D 38 5.66 45.56 6.63
N GLY D 39 4.85 46.62 6.46
CA GLY D 39 3.75 46.59 5.48
C GLY D 39 2.35 46.68 6.10
N ILE D 40 2.20 47.23 7.29
CA ILE D 40 0.88 47.60 7.74
C ILE D 40 0.44 48.90 7.03
N ALA D 41 -0.74 48.87 6.37
CA ALA D 41 -1.44 50.11 5.80
C ALA D 41 -2.66 50.49 6.64
N ASN D 42 -3.37 49.51 7.21
CA ASN D 42 -4.62 49.75 7.95
C ASN D 42 -4.95 48.51 8.82
N LYS D 43 -6.07 48.56 9.52
CA LYS D 43 -6.48 47.50 10.45
C LYS D 43 -6.74 46.19 9.70
N ARG D 44 -6.98 46.17 8.37
CA ARG D 44 -7.26 44.93 7.63
C ARG D 44 -5.96 44.31 7.08
N SER D 45 -4.83 44.97 7.25
CA SER D 45 -3.57 44.47 6.73
C SER D 45 -3.25 43.11 7.40
N ILE D 46 -2.83 42.15 6.60
CA ILE D 46 -2.23 40.86 7.13
C ILE D 46 -1.20 41.16 8.22
N ALA D 47 -0.33 42.12 7.97
CA ALA D 47 0.71 42.49 8.94
C ALA D 47 0.14 42.99 10.27
N PHE D 48 -1.05 43.54 10.27
CA PHE D 48 -1.65 43.95 11.56
C PHE D 48 -2.14 42.69 12.32
N GLY D 49 -2.55 41.64 11.60
CA GLY D 49 -2.79 40.37 12.28
C GLY D 49 -1.55 39.85 12.99
N VAL D 50 -0.44 39.82 12.24
CA VAL D 50 0.85 39.50 12.80
C VAL D 50 1.11 40.38 14.01
N ALA D 51 0.95 41.69 13.90
CA ALA D 51 1.29 42.56 14.99
C ALA D 51 0.46 42.22 16.22
N LYS D 52 -0.84 41.99 16.07
CA LYS D 52 -1.72 41.76 17.25
C LYS D 52 -1.31 40.46 17.96
N VAL D 53 -0.92 39.44 17.20
CA VAL D 53 -0.51 38.16 17.83
C VAL D 53 0.83 38.38 18.55
N LEU D 54 1.82 38.98 17.87
CA LEU D 54 3.17 39.15 18.48
C LEU D 54 3.08 40.07 19.68
N ASP D 55 2.27 41.13 19.58
CA ASP D 55 2.10 42.07 20.68
C ASP D 55 1.50 41.38 21.87
N GLN D 56 0.47 40.56 21.60
CA GLN D 56 -0.26 39.82 22.65
C GLN D 56 0.72 38.83 23.34
N LEU D 57 1.74 38.35 22.64
CA LEU D 57 2.72 37.42 23.21
C LEU D 57 3.89 38.15 23.88
N GLY D 58 3.86 39.48 23.97
CA GLY D 58 4.88 40.24 24.74
C GLY D 58 6.05 40.73 23.89
N ALA D 59 6.06 40.54 22.57
CA ALA D 59 7.17 41.07 21.77
C ALA D 59 7.19 42.60 21.79
N LYS D 60 8.40 43.15 21.64
CA LYS D 60 8.54 44.52 21.29
C LYS D 60 8.50 44.60 19.76
N LEU D 61 7.78 45.61 19.27
CA LEU D 61 7.47 45.71 17.83
C LEU D 61 7.91 47.06 17.27
N VAL D 62 8.37 47.01 16.05
CA VAL D 62 8.91 48.10 15.31
C VAL D 62 8.23 48.04 13.94
N PHE D 63 7.69 49.16 13.47
CA PHE D 63 6.87 49.14 12.27
C PHE D 63 7.49 50.00 11.16
N THR D 64 7.44 49.52 9.94
CA THR D 64 7.86 50.32 8.82
C THR D 64 6.72 50.48 7.80
N TYR D 65 6.67 51.65 7.15
CA TYR D 65 5.56 52.04 6.27
C TYR D 65 6.10 52.80 5.06
N ARG D 66 5.34 52.88 3.96
CA ARG D 66 5.74 53.72 2.82
C ARG D 66 5.02 55.08 2.86
N LYS D 67 3.70 55.06 2.81
CA LYS D 67 2.88 56.24 2.65
C LYS D 67 2.56 56.86 4.00
N GLU D 68 2.44 58.20 3.98
CA GLU D 68 2.18 58.98 5.15
C GLU D 68 0.89 58.48 5.80
N ARG D 69 -0.10 58.14 4.97
CA ARG D 69 -1.40 57.65 5.50
C ARG D 69 -1.18 56.35 6.29
N SER D 70 -0.28 55.48 5.83
CA SER D 70 0.00 54.23 6.60
C SER D 70 0.57 54.60 8.00
N ARG D 71 1.45 55.62 8.12
CA ARG D 71 1.94 56.05 9.45
CA ARG D 71 1.94 56.05 9.45
C ARG D 71 0.74 56.50 10.29
N LYS D 72 -0.16 57.32 9.71
CA LYS D 72 -1.35 57.78 10.47
C LYS D 72 -2.16 56.57 10.99
N GLU D 73 -2.44 55.61 10.13
CA GLU D 73 -3.13 54.39 10.54
C GLU D 73 -2.36 53.68 11.67
N LEU D 74 -1.04 53.60 11.53
CA LEU D 74 -0.22 52.95 12.56
C LEU D 74 -0.34 53.68 13.91
N GLU D 75 -0.30 55.02 13.91
CA GLU D 75 -0.34 55.74 15.18
C GLU D 75 -1.68 55.45 15.89
N LYS D 76 -2.75 55.31 15.10
CA LYS D 76 -4.13 55.01 15.62
C LYS D 76 -4.25 53.53 16.05
N LEU D 77 -3.70 52.62 15.25
CA LEU D 77 -3.74 51.17 15.58
C LEU D 77 -2.87 50.86 16.80
N LEU D 78 -1.79 51.60 17.04
CA LEU D 78 -0.97 51.33 18.23
C LEU D 78 -1.75 51.52 19.54
N GLU D 79 -2.86 52.28 19.49
CA GLU D 79 -3.70 52.48 20.67
C GLU D 79 -4.28 51.13 21.16
N GLN D 80 -4.56 50.20 20.23
CA GLN D 80 -5.12 48.84 20.54
C GLN D 80 -4.04 47.89 21.09
N LEU D 81 -2.78 48.06 20.71
CA LEU D 81 -1.68 47.19 21.17
C LEU D 81 -1.19 47.62 22.55
N ASN D 82 -0.35 46.80 23.16
CA ASN D 82 0.18 47.06 24.48
C ASN D 82 1.55 47.69 24.37
N GLN D 83 2.07 47.88 23.16
CA GLN D 83 3.38 48.52 22.97
C GLN D 83 3.39 49.87 23.70
N PRO D 84 4.35 50.07 24.62
CA PRO D 84 4.42 51.35 25.32
C PRO D 84 5.18 52.46 24.54
N GLU D 85 5.70 52.16 23.36
CA GLU D 85 6.40 53.11 22.53
C GLU D 85 6.15 52.76 21.06
N ALA D 86 5.79 53.76 20.29
CA ALA D 86 5.72 53.67 18.85
C ALA D 86 7.15 53.71 18.29
N HIS D 87 7.57 52.67 17.61
CA HIS D 87 8.77 52.73 16.84
C HIS D 87 8.38 52.67 15.35
N LEU D 88 8.28 53.83 14.69
CA LEU D 88 7.78 53.91 13.30
C LEU D 88 8.88 54.42 12.37
N TYR D 89 9.07 53.80 11.21
CA TYR D 89 10.16 54.15 10.34
C TYR D 89 9.62 54.09 8.93
N GLN D 90 9.83 55.17 8.16
CA GLN D 90 9.39 55.19 6.81
C GLN D 90 10.40 54.46 5.96
N ILE D 91 10.00 53.39 5.26
CA ILE D 91 10.91 52.70 4.38
C ILE D 91 10.14 52.31 3.11
N ASP D 92 10.55 52.92 2.01
CA ASP D 92 10.12 52.51 0.72
C ASP D 92 11.22 51.54 0.21
N VAL D 93 10.81 50.28 -0.02
CA VAL D 93 11.77 49.20 -0.33
C VAL D 93 12.29 49.32 -1.78
N GLN D 94 11.78 50.30 -2.53
CA GLN D 94 12.35 50.57 -3.86
C GLN D 94 13.64 51.39 -3.75
N SER D 95 13.91 51.95 -2.58
CA SER D 95 15.10 52.74 -2.32
C SER D 95 16.08 51.98 -1.42
N ASP D 96 17.25 51.66 -1.96
CA ASP D 96 18.32 51.05 -1.13
C ASP D 96 18.63 51.89 0.10
N GLU D 97 18.77 53.21 -0.11
CA GLU D 97 19.14 54.16 0.97
C GLU D 97 18.13 54.05 2.12
N GLU D 98 16.85 54.03 1.80
CA GLU D 98 15.83 54.03 2.84
C GLU D 98 15.87 52.69 3.61
N VAL D 99 16.10 51.58 2.89
CA VAL D 99 16.20 50.28 3.58
C VAL D 99 17.47 50.28 4.46
N ILE D 100 18.61 50.69 3.86
CA ILE D 100 19.90 50.70 4.58
C ILE D 100 19.78 51.62 5.80
N ASN D 101 19.30 52.85 5.61
CA ASN D 101 19.27 53.85 6.69
C ASN D 101 18.17 53.52 7.68
N GLY D 102 17.00 53.05 7.22
CA GLY D 102 15.91 52.62 8.09
C GLY D 102 16.38 51.60 9.12
N PHE D 103 16.99 50.49 8.65
CA PHE D 103 17.45 49.44 9.57
C PHE D 103 18.57 49.94 10.45
N GLU D 104 19.49 50.68 9.86
CA GLU D 104 20.58 51.24 10.68
C GLU D 104 19.99 52.06 11.85
N GLN D 105 18.96 52.84 11.57
CA GLN D 105 18.34 53.68 12.60
C GLN D 105 17.53 52.83 13.59
N ILE D 106 16.86 51.78 13.10
CA ILE D 106 16.16 50.85 13.99
C ILE D 106 17.18 50.27 15.00
N GLY D 107 18.32 49.85 14.47
CA GLY D 107 19.38 49.34 15.31
C GLY D 107 19.82 50.35 16.38
N LYS D 108 19.98 51.64 16.03
CA LYS D 108 20.40 52.62 17.03
C LYS D 108 19.29 52.84 18.06
N ASP D 109 18.03 52.76 17.64
CA ASP D 109 16.93 53.06 18.55
C ASP D 109 16.53 51.90 19.50
N VAL D 110 16.52 50.64 19.02
CA VAL D 110 16.07 49.51 19.88
C VAL D 110 17.16 48.44 20.02
N GLY D 111 18.25 48.52 19.28
CA GLY D 111 19.31 47.50 19.38
C GLY D 111 19.06 46.35 18.43
N ASN D 112 19.61 45.19 18.77
CA ASN D 112 19.52 43.99 17.94
C ASN D 112 18.08 43.48 17.95
N ILE D 113 17.69 42.87 16.85
CA ILE D 113 16.35 42.36 16.70
C ILE D 113 16.41 40.82 16.58
N ASP D 114 15.22 40.24 16.70
CA ASP D 114 15.10 38.83 16.58
C ASP D 114 14.48 38.40 15.28
N GLY D 115 13.85 39.31 14.52
CA GLY D 115 13.34 38.90 13.22
C GLY D 115 12.52 39.97 12.53
N VAL D 116 12.06 39.64 11.34
CA VAL D 116 11.45 40.57 10.44
C VAL D 116 10.25 39.86 9.81
N TYR D 117 9.05 40.49 9.88
CA TYR D 117 7.90 40.06 9.08
C TYR D 117 7.74 41.00 7.88
N HIS D 118 7.92 40.45 6.68
CA HIS D 118 7.83 41.19 5.43
C HIS D 118 6.44 40.94 4.82
N SER D 119 5.63 42.01 4.72
CA SER D 119 4.27 41.88 4.19
C SER D 119 4.08 42.94 3.12
N ILE D 120 4.93 42.92 2.08
CA ILE D 120 4.99 44.00 1.09
C ILE D 120 4.91 43.42 -0.30
N ALA D 121 4.00 43.93 -1.09
CA ALA D 121 4.00 43.62 -2.50
C ALA D 121 3.28 44.74 -3.29
N PHE D 122 3.52 44.79 -4.58
CA PHE D 122 2.83 45.69 -5.43
C PHE D 122 2.96 45.26 -6.89
N ALA D 123 1.89 45.44 -7.65
CA ALA D 123 1.95 45.41 -9.08
C ALA D 123 0.91 46.42 -9.61
N ASN D 124 1.05 46.87 -10.84
CA ASN D 124 0.04 47.79 -11.38
C ASN D 124 -1.28 47.03 -11.62
N MET D 125 -2.40 47.67 -11.29
CA MET D 125 -3.69 47.13 -11.59
C MET D 125 -3.84 46.82 -13.07
N GLU D 126 -3.29 47.63 -13.94
CA GLU D 126 -3.37 47.33 -15.39
C GLU D 126 -2.95 45.87 -15.61
N ASP D 127 -1.85 45.43 -14.98
CA ASP D 127 -1.36 44.08 -15.21
C ASP D 127 -2.06 42.94 -14.37
N LEU D 128 -3.12 43.13 -13.58
CA LEU D 128 -3.71 42.08 -12.66
C LEU D 128 -5.12 41.55 -13.09
N ARG D 129 -5.23 41.41 -14.41
CA ARG D 129 -6.51 41.11 -15.10
C ARG D 129 -6.20 40.93 -16.59
N GLY D 130 -7.19 40.48 -17.33
CA GLY D 130 -6.93 40.21 -18.74
C GLY D 130 -5.71 39.32 -18.90
N ARG D 131 -4.80 39.69 -19.82
CA ARG D 131 -3.93 38.73 -20.41
C ARG D 131 -2.51 38.94 -19.88
N PHE D 132 -1.97 37.85 -19.32
CA PHE D 132 -0.66 37.93 -18.78
C PHE D 132 0.32 38.20 -19.92
N SER D 133 0.05 37.69 -21.11
CA SER D 133 0.99 37.84 -22.22
C SER D 133 1.14 39.32 -22.64
N GLU D 134 0.23 40.21 -22.25
CA GLU D 134 0.32 41.63 -22.58
C GLU D 134 1.04 42.41 -21.45
N THR D 135 1.58 41.76 -20.44
CA THR D 135 2.33 42.46 -19.41
C THR D 135 3.47 43.28 -20.05
N SER D 136 3.60 44.54 -19.59
CA SER D 136 4.73 45.44 -19.88
C SER D 136 6.00 45.05 -19.09
N ARG D 137 7.16 45.32 -19.68
CA ARG D 137 8.47 45.15 -19.03
C ARG D 137 8.51 45.96 -17.74
N GLU D 138 8.02 47.15 -17.78
CA GLU D 138 8.09 48.03 -16.64
C GLU D 138 7.20 47.48 -15.52
N GLY D 139 6.02 46.97 -15.89
CA GLY D 139 5.10 46.41 -14.89
C GLY D 139 5.67 45.16 -14.25
N PHE D 140 6.25 44.29 -15.07
CA PHE D 140 6.88 43.08 -14.63
C PHE D 140 8.01 43.39 -13.67
N LEU D 141 8.88 44.35 -14.00
CA LEU D 141 10.05 44.56 -13.17
C LEU D 141 9.67 45.29 -11.89
N LEU D 142 8.63 46.11 -11.96
CA LEU D 142 8.10 46.82 -10.78
C LEU D 142 7.64 45.78 -9.75
N ALA D 143 6.89 44.79 -10.24
CA ALA D 143 6.37 43.77 -9.35
C ALA D 143 7.55 42.98 -8.73
N GLN D 144 8.55 42.63 -9.53
CA GLN D 144 9.78 41.92 -9.02
C GLN D 144 10.53 42.77 -7.98
N ASP D 145 10.65 44.08 -8.27
CA ASP D 145 11.41 44.94 -7.46
C ASP D 145 10.76 45.00 -6.08
N ILE D 146 9.47 45.29 -6.02
CA ILE D 146 8.83 45.57 -4.73
C ILE D 146 8.51 44.26 -3.99
N SER D 147 8.10 43.24 -4.74
CA SER D 147 7.48 42.07 -4.18
C SER D 147 8.50 40.94 -3.94
N SER D 148 9.70 40.99 -4.54
CA SER D 148 10.67 39.92 -4.41
C SER D 148 12.01 40.49 -3.97
N TYR D 149 12.63 41.32 -4.80
CA TYR D 149 13.94 41.89 -4.44
C TYR D 149 13.94 42.54 -3.05
N SER D 150 12.87 43.24 -2.70
CA SER D 150 12.80 43.89 -1.37
C SER D 150 13.20 42.88 -0.26
N LEU D 151 12.88 41.62 -0.41
CA LEU D 151 13.21 40.66 0.70
C LEU D 151 14.72 40.48 0.81
N THR D 152 15.41 40.37 -0.32
CA THR D 152 16.83 40.16 -0.35
C THR D 152 17.57 41.31 0.38
N ILE D 153 17.24 42.56 0.00
CA ILE D 153 17.96 43.70 0.58
C ILE D 153 17.49 43.91 2.02
N VAL D 154 16.23 43.68 2.35
CA VAL D 154 15.82 43.76 3.75
C VAL D 154 16.60 42.75 4.60
N ALA D 155 16.76 41.53 4.07
CA ALA D 155 17.52 40.43 4.76
C ALA D 155 18.98 40.84 4.96
N HIS D 156 19.61 41.39 3.92
CA HIS D 156 21.01 41.83 4.02
C HIS D 156 21.16 42.88 5.13
N GLU D 157 20.22 43.80 5.25
CA GLU D 157 20.36 44.89 6.20
C GLU D 157 19.91 44.42 7.58
N ALA D 158 18.87 43.59 7.65
CA ALA D 158 18.39 43.07 8.96
C ALA D 158 19.43 42.14 9.61
N LYS D 159 20.16 41.38 8.82
CA LYS D 159 21.25 40.45 9.29
C LYS D 159 22.22 41.17 10.25
N LYS D 160 22.50 42.44 9.95
CA LYS D 160 23.41 43.25 10.73
C LYS D 160 22.88 43.48 12.15
N LEU D 161 21.60 43.29 12.38
CA LEU D 161 20.96 43.46 13.70
C LEU D 161 20.64 42.09 14.34
N MET D 162 21.12 41.01 13.72
CA MET D 162 20.84 39.64 14.24
C MET D 162 22.19 38.88 14.37
N PRO D 163 23.11 39.43 15.16
CA PRO D 163 24.46 38.86 15.20
C PRO D 163 24.47 37.42 15.73
N GLU D 164 23.54 37.09 16.61
CA GLU D 164 23.34 35.78 17.23
C GLU D 164 22.21 34.98 16.56
N GLY D 165 21.74 35.38 15.39
CA GLY D 165 20.66 34.66 14.68
C GLY D 165 19.31 35.39 14.78
N GLY D 166 18.35 34.91 13.99
CA GLY D 166 16.97 35.29 14.04
C GLY D 166 16.11 34.60 12.98
N SER D 167 14.95 35.21 12.68
CA SER D 167 13.94 34.66 11.77
C SER D 167 13.33 35.76 10.88
N ILE D 168 13.30 35.49 9.60
CA ILE D 168 12.69 36.36 8.64
C ILE D 168 11.53 35.59 7.95
N VAL D 169 10.33 36.20 7.89
CA VAL D 169 9.16 35.56 7.26
C VAL D 169 8.62 36.53 6.17
N ALA D 170 8.40 36.02 4.94
CA ALA D 170 7.71 36.78 3.87
C ALA D 170 6.30 36.21 3.60
N THR D 171 5.41 37.03 3.00
CA THR D 171 4.04 36.61 2.77
C THR D 171 3.86 36.34 1.27
N THR D 172 3.43 35.12 0.93
CA THR D 172 3.20 34.72 -0.48
C THR D 172 1.75 34.23 -0.68
N TYR D 173 1.48 33.78 -1.87
CA TYR D 173 0.17 33.25 -2.23
C TYR D 173 0.39 32.13 -3.22
N LEU D 174 -0.51 31.16 -3.15
CA LEU D 174 -0.54 29.99 -3.97
C LEU D 174 -0.33 30.29 -5.44
N GLY D 175 -0.67 31.50 -5.91
CA GLY D 175 -0.44 31.90 -7.34
C GLY D 175 1.01 31.98 -7.74
N GLY D 176 1.92 31.93 -6.77
CA GLY D 176 3.39 31.75 -7.07
C GLY D 176 3.79 30.31 -7.40
N GLU D 177 2.96 29.32 -7.04
CA GLU D 177 3.21 27.85 -7.31
C GLU D 177 2.36 27.34 -8.47
N PHE D 178 1.17 27.93 -8.71
CA PHE D 178 0.29 27.55 -9.83
C PHE D 178 -0.23 28.81 -10.54
N ALA D 179 -0.50 28.71 -11.81
CA ALA D 179 -1.08 29.88 -12.49
C ALA D 179 -2.56 29.96 -12.12
N VAL D 180 -2.94 30.94 -11.33
CA VAL D 180 -4.28 31.30 -10.92
C VAL D 180 -4.79 32.47 -11.83
N GLN D 181 -5.91 32.32 -12.51
CA GLN D 181 -6.47 33.39 -13.36
C GLN D 181 -6.49 34.74 -12.60
N ASN D 182 -6.09 35.80 -13.32
CA ASN D 182 -6.05 37.23 -12.87
C ASN D 182 -4.83 37.53 -11.98
N TYR D 183 -4.12 36.57 -11.43
CA TYR D 183 -3.08 36.97 -10.53
C TYR D 183 -1.84 37.33 -11.36
N ASN D 184 -1.71 36.73 -12.53
CA ASN D 184 -0.85 37.19 -13.62
C ASN D 184 0.54 37.61 -13.10
N VAL D 185 0.92 38.88 -13.26
CA VAL D 185 2.29 39.33 -13.03
C VAL D 185 2.62 39.12 -11.54
N MET D 186 1.66 39.25 -10.64
CA MET D 186 2.00 39.07 -9.22
C MET D 186 2.35 37.58 -8.90
N GLY D 187 1.80 36.67 -9.70
CA GLY D 187 2.10 35.27 -9.55
C GLY D 187 3.58 35.00 -9.86
N VAL D 188 4.10 35.61 -10.93
CA VAL D 188 5.51 35.41 -11.29
C VAL D 188 6.38 36.10 -10.23
N ALA D 189 5.91 37.23 -9.67
CA ALA D 189 6.64 37.86 -8.60
C ALA D 189 6.67 36.95 -7.35
N LYS D 190 5.59 36.24 -7.08
CA LYS D 190 5.55 35.40 -5.86
C LYS D 190 6.39 34.13 -6.10
N ALA D 191 6.46 33.66 -7.34
CA ALA D 191 7.33 32.58 -7.64
C ALA D 191 8.77 33.00 -7.34
N SER D 192 9.15 34.18 -7.82
CA SER D 192 10.43 34.80 -7.53
C SER D 192 10.62 34.92 -6.02
N LEU D 193 9.64 35.46 -5.30
CA LEU D 193 9.76 35.57 -3.84
C LEU D 193 10.02 34.19 -3.15
N GLU D 194 9.39 33.18 -3.62
CA GLU D 194 9.47 31.92 -2.91
C GLU D 194 10.90 31.31 -3.10
N ALA D 195 11.47 31.38 -4.30
CA ALA D 195 12.85 31.03 -4.63
C ALA D 195 13.81 31.89 -3.80
N ASN D 196 13.46 33.18 -3.66
CA ASN D 196 14.22 34.16 -2.84
C ASN D 196 14.38 33.62 -1.40
N VAL D 197 13.30 33.12 -0.82
CA VAL D 197 13.29 32.62 0.56
C VAL D 197 14.25 31.42 0.67
N LYS D 198 14.23 30.55 -0.32
CA LYS D 198 15.08 29.36 -0.34
C LYS D 198 16.57 29.73 -0.47
N TYR D 199 16.93 30.61 -1.42
CA TYR D 199 18.31 31.05 -1.60
C TYR D 199 18.74 31.84 -0.35
N LEU D 200 17.89 32.65 0.22
CA LEU D 200 18.24 33.36 1.46
C LEU D 200 18.44 32.38 2.62
N ALA D 201 17.56 31.38 2.71
CA ALA D 201 17.68 30.34 3.75
C ALA D 201 19.06 29.67 3.68
N LEU D 202 19.45 29.31 2.47
CA LEU D 202 20.70 28.60 2.24
C LEU D 202 21.86 29.49 2.65
N ASP D 203 21.82 30.73 2.21
CA ASP D 203 22.92 31.69 2.42
C ASP D 203 23.05 32.10 3.88
N LEU D 204 21.95 32.36 4.57
CA LEU D 204 21.98 32.90 5.93
C LEU D 204 21.86 31.79 7.00
N GLY D 205 21.56 30.54 6.59
CA GLY D 205 21.53 29.39 7.48
C GLY D 205 22.73 29.34 8.40
N PRO D 206 23.93 29.41 7.85
CA PRO D 206 25.14 29.29 8.72
C PRO D 206 25.24 30.43 9.75
N ASP D 207 24.54 31.50 9.53
CA ASP D 207 24.41 32.59 10.48
C ASP D 207 23.31 32.39 11.50
N ASN D 208 22.59 31.25 11.43
CA ASN D 208 21.45 30.91 12.29
C ASN D 208 20.31 31.93 12.12
N ILE D 209 20.13 32.30 10.86
CA ILE D 209 18.99 33.14 10.47
C ILE D 209 18.11 32.24 9.59
N ARG D 210 16.92 31.98 10.10
CA ARG D 210 15.98 31.14 9.31
C ARG D 210 15.14 32.06 8.39
N VAL D 211 14.83 31.58 7.20
CA VAL D 211 14.00 32.34 6.30
C VAL D 211 12.89 31.42 5.77
N ASN D 212 11.66 31.89 5.88
CA ASN D 212 10.48 31.11 5.54
C ASN D 212 9.40 32.03 4.96
N ALA D 213 8.37 31.44 4.40
CA ALA D 213 7.20 32.10 3.80
C ALA D 213 5.93 31.56 4.44
N ILE D 214 4.92 32.42 4.53
CA ILE D 214 3.56 32.00 4.78
C ILE D 214 2.77 32.24 3.51
N SER D 215 2.07 31.22 3.03
CA SER D 215 1.23 31.27 1.88
C SER D 215 -0.20 31.44 2.39
N ALA D 216 -0.67 32.70 2.44
CA ALA D 216 -1.91 33.04 3.01
C ALA D 216 -3.01 32.83 1.97
N GLY D 217 -4.13 32.30 2.45
CA GLY D 217 -5.30 32.26 1.62
C GLY D 217 -5.87 33.68 1.39
N PRO D 218 -6.86 33.79 0.51
CA PRO D 218 -7.30 35.17 0.20
C PRO D 218 -7.95 35.83 1.44
N ILE D 219 -7.58 37.08 1.71
CA ILE D 219 -8.08 37.85 2.85
C ILE D 219 -8.53 39.24 2.31
N ARG D 220 -9.68 39.74 2.78
CA ARG D 220 -10.18 41.02 2.33
C ARG D 220 -9.28 42.12 2.90
N THR D 221 -8.38 42.62 2.06
CA THR D 221 -7.48 43.75 2.38
C THR D 221 -7.64 44.88 1.32
N LEU D 222 -7.01 46.00 1.59
CA LEU D 222 -6.97 47.11 0.62
C LEU D 222 -6.27 46.66 -0.68
N SER D 223 -5.15 45.97 -0.59
CA SER D 223 -4.48 45.46 -1.81
C SER D 223 -5.33 44.39 -2.55
N ALA D 224 -6.12 43.57 -1.86
CA ALA D 224 -7.12 42.63 -2.54
C ALA D 224 -7.98 43.37 -3.57
N LYS D 225 -8.26 44.65 -3.36
CA LYS D 225 -9.09 45.37 -4.35
C LYS D 225 -8.38 45.46 -5.68
N GLY D 226 -7.10 45.30 -5.73
CA GLY D 226 -6.38 45.38 -7.00
C GLY D 226 -6.47 44.12 -7.85
N VAL D 227 -6.98 43.03 -7.30
CA VAL D 227 -6.92 41.79 -8.02
C VAL D 227 -8.29 41.50 -8.62
N GLY D 228 -8.39 41.38 -9.93
CA GLY D 228 -9.67 40.94 -10.53
C GLY D 228 -10.08 39.57 -9.98
N GLY D 229 -11.38 39.37 -9.86
CA GLY D 229 -11.94 38.08 -9.52
C GLY D 229 -11.73 37.72 -8.06
N PHE D 230 -11.38 38.66 -7.22
CA PHE D 230 -11.06 38.33 -5.84
C PHE D 230 -12.26 37.71 -5.09
N ASN D 231 -13.44 38.27 -5.25
CA ASN D 231 -14.62 37.74 -4.57
C ASN D 231 -14.95 36.31 -5.02
N THR D 232 -14.79 36.01 -6.32
CA THR D 232 -15.04 34.66 -6.86
C THR D 232 -14.14 33.64 -6.15
N ILE D 233 -12.89 34.00 -5.85
CA ILE D 233 -11.89 33.10 -5.21
C ILE D 233 -12.27 32.91 -3.73
N LEU D 234 -12.60 33.96 -3.00
CA LEU D 234 -13.03 33.83 -1.63
C LEU D 234 -14.12 32.75 -1.54
N LYS D 235 -15.08 32.84 -2.46
CA LYS D 235 -16.23 31.96 -2.32
C LYS D 235 -15.85 30.54 -2.76
N GLU D 236 -15.03 30.35 -3.76
CA GLU D 236 -14.61 28.99 -4.09
C GLU D 236 -13.81 28.35 -2.92
N ILE D 237 -13.06 29.10 -2.13
CA ILE D 237 -12.41 28.55 -0.93
C ILE D 237 -13.47 27.97 0.02
N GLU D 238 -14.56 28.72 0.24
CA GLU D 238 -15.58 28.32 1.18
C GLU D 238 -16.19 27.01 0.72
N GLU D 239 -16.29 26.78 -0.57
CA GLU D 239 -17.02 25.62 -1.05
CA GLU D 239 -17.03 25.62 -1.06
C GLU D 239 -16.12 24.39 -1.18
N ARG D 240 -14.81 24.59 -1.40
CA ARG D 240 -13.92 23.54 -1.84
C ARG D 240 -12.77 23.30 -0.86
N ALA D 241 -12.19 24.32 -0.24
CA ALA D 241 -11.11 24.07 0.68
C ALA D 241 -11.58 23.11 1.79
N PRO D 242 -10.66 22.24 2.29
CA PRO D 242 -10.93 21.26 3.32
C PRO D 242 -11.72 21.80 4.52
N LEU D 243 -11.34 22.98 5.04
CA LEU D 243 -12.03 23.49 6.21
C LEU D 243 -13.28 24.29 5.77
N LYS D 244 -13.56 24.40 4.48
CA LYS D 244 -14.84 25.00 4.02
C LYS D 244 -15.05 26.38 4.64
N ARG D 245 -14.02 27.18 4.72
CA ARG D 245 -14.07 28.53 5.28
C ARG D 245 -12.74 29.20 4.87
N ASN D 246 -12.74 30.49 4.98
CA ASN D 246 -11.61 31.29 4.64
C ASN D 246 -10.84 31.56 5.92
N VAL D 247 -9.59 32.02 5.76
CA VAL D 247 -8.76 32.31 6.90
C VAL D 247 -8.76 33.80 7.13
N ASP D 248 -8.28 34.22 8.27
CA ASP D 248 -8.10 35.60 8.52
C ASP D 248 -6.66 35.99 8.93
N GLN D 249 -6.49 37.28 9.16
CA GLN D 249 -5.20 37.91 9.35
C GLN D 249 -4.56 37.38 10.62
N VAL D 250 -5.36 37.20 11.67
CA VAL D 250 -4.91 36.65 12.94
C VAL D 250 -4.40 35.20 12.77
N GLU D 251 -5.03 34.44 11.89
CA GLU D 251 -4.55 33.09 11.64
C GLU D 251 -3.14 33.14 11.02
N VAL D 252 -2.94 34.09 10.11
CA VAL D 252 -1.60 34.28 9.54
C VAL D 252 -0.65 34.66 10.68
N GLY D 253 -1.10 35.58 11.51
CA GLY D 253 -0.30 36.02 12.66
C GLY D 253 0.15 34.86 13.57
N LYS D 254 -0.72 33.86 13.77
CA LYS D 254 -0.37 32.79 14.73
C LYS D 254 0.72 31.91 14.13
N THR D 255 0.69 31.61 12.82
CA THR D 255 1.73 30.90 12.17
C THR D 255 3.00 31.74 12.10
N ALA D 256 2.90 33.04 11.89
CA ALA D 256 4.04 33.94 11.95
C ALA D 256 4.73 33.86 13.33
N ALA D 257 3.98 33.83 14.42
CA ALA D 257 4.57 33.72 15.72
C ALA D 257 5.33 32.36 15.83
N TYR D 258 4.81 31.29 15.23
CA TYR D 258 5.49 30.07 15.23
C TYR D 258 6.83 30.29 14.52
N LEU D 259 6.77 30.82 13.31
CA LEU D 259 7.93 30.91 12.43
C LEU D 259 8.96 31.87 13.02
N LEU D 260 8.57 32.82 13.84
CA LEU D 260 9.47 33.87 14.33
C LEU D 260 10.05 33.51 15.70
N SER D 261 9.58 32.41 16.27
CA SER D 261 9.95 32.01 17.59
C SER D 261 10.80 30.72 17.51
N ASP D 262 11.34 30.36 18.67
CA ASP D 262 12.14 29.14 18.78
C ASP D 262 11.25 27.87 18.53
N LEU D 263 9.90 28.00 18.42
CA LEU D 263 9.11 26.82 18.18
C LEU D 263 9.51 26.18 16.86
N SER D 264 9.99 26.98 15.93
CA SER D 264 10.27 26.49 14.59
C SER D 264 11.77 26.35 14.33
N SER D 265 12.54 26.11 15.39
N SER D 265 12.53 26.04 15.38
CA SER D 265 13.98 25.86 15.25
CA SER D 265 14.04 26.08 15.27
C SER D 265 14.13 24.59 14.41
C SER D 265 14.66 25.18 14.18
N GLY D 266 14.91 24.61 13.37
N GLY D 266 14.14 24.01 13.73
CA GLY D 266 14.93 23.44 12.54
CA GLY D 266 14.76 23.28 12.63
C GLY D 266 14.21 23.66 11.24
C GLY D 266 14.19 23.65 11.26
N VAL D 267 13.34 24.70 11.17
CA VAL D 267 12.54 24.93 9.98
C VAL D 267 13.08 26.16 9.25
N THR D 268 13.44 25.97 7.99
CA THR D 268 13.94 27.09 7.18
C THR D 268 13.77 26.70 5.72
N GLY D 269 13.62 27.69 4.87
CA GLY D 269 13.37 27.50 3.47
C GLY D 269 11.96 26.95 3.25
N GLU D 270 11.12 26.99 4.28
CA GLU D 270 9.78 26.37 4.21
C GLU D 270 8.70 27.45 3.82
N ASN D 271 7.59 26.95 3.24
CA ASN D 271 6.43 27.72 2.76
C ASN D 271 5.21 27.15 3.49
N ILE D 272 4.72 27.75 4.60
CA ILE D 272 3.60 27.18 5.26
C ILE D 272 2.29 27.78 4.72
N HIS D 273 1.41 26.90 4.27
CA HIS D 273 0.14 27.32 3.73
C HIS D 273 -0.89 27.54 4.84
N VAL D 274 -1.34 28.81 4.99
CA VAL D 274 -2.40 29.15 5.94
C VAL D 274 -3.65 29.50 5.13
N ASP D 275 -4.31 28.47 4.63
CA ASP D 275 -5.28 28.60 3.58
C ASP D 275 -6.41 27.63 3.63
N SER D 276 -6.82 27.18 4.78
CA SER D 276 -7.85 26.15 4.91
C SER D 276 -7.61 24.83 4.15
N GLY D 277 -6.35 24.54 3.81
CA GLY D 277 -5.99 23.31 3.10
C GLY D 277 -6.13 23.42 1.59
N PHE D 278 -6.42 24.61 1.02
CA PHE D 278 -6.77 24.70 -0.38
C PHE D 278 -5.57 24.28 -1.23
N HIS D 279 -4.38 24.54 -0.78
CA HIS D 279 -3.14 24.09 -1.51
C HIS D 279 -3.14 22.55 -1.70
N ALA D 280 -3.85 21.78 -0.87
CA ALA D 280 -3.66 20.32 -0.89
C ALA D 280 -4.66 19.68 -1.84
N ILE D 281 -5.56 20.47 -2.44
CA ILE D 281 -6.62 19.86 -3.23
C ILE D 281 -6.54 20.32 -4.68
N LYS D 282 -7.26 19.56 -5.43
CA LYS D 282 -7.44 19.82 -6.82
C LYS D 282 -8.88 19.42 -7.24
N MET E 27 38.09 -36.11 3.26
CA MET E 27 37.94 -35.25 2.04
C MET E 27 37.49 -36.10 0.84
N VAL E 28 36.37 -36.82 0.99
CA VAL E 28 35.72 -37.39 -0.17
C VAL E 28 34.40 -36.61 -0.35
N ASN E 29 33.22 -37.14 -0.08
CA ASN E 29 32.11 -36.90 -1.05
C ASN E 29 30.74 -36.85 -0.39
N LEU E 30 29.93 -35.84 -0.67
CA LEU E 30 28.54 -35.90 -0.20
C LEU E 30 27.57 -36.14 -1.36
N GLU E 31 28.01 -36.73 -2.47
CA GLU E 31 27.06 -37.20 -3.50
C GLU E 31 26.10 -38.24 -2.90
N ASN E 32 24.86 -38.28 -3.36
CA ASN E 32 23.82 -39.19 -2.85
C ASN E 32 23.39 -38.79 -1.44
N LYS E 33 23.86 -37.67 -0.91
CA LYS E 33 23.36 -37.17 0.37
C LYS E 33 22.35 -36.03 0.15
N THR E 34 21.47 -35.79 1.12
CA THR E 34 20.50 -34.73 1.04
C THR E 34 20.47 -33.97 2.36
N TYR E 35 20.54 -32.65 2.31
CA TYR E 35 20.57 -31.86 3.56
C TYR E 35 19.48 -30.79 3.46
N VAL E 36 18.85 -30.50 4.57
CA VAL E 36 17.94 -29.39 4.65
C VAL E 36 18.70 -28.21 5.31
N ILE E 37 18.76 -27.06 4.65
CA ILE E 37 19.40 -25.87 5.19
C ILE E 37 18.31 -24.83 5.50
N MET E 38 18.23 -24.47 6.76
CA MET E 38 17.23 -23.60 7.28
C MET E 38 17.88 -22.25 7.63
N GLY E 39 17.43 -21.16 6.99
CA GLY E 39 17.73 -19.78 7.47
C GLY E 39 18.61 -18.97 6.52
N ILE E 40 18.62 -19.28 5.22
CA ILE E 40 19.16 -18.36 4.26
C ILE E 40 18.16 -17.19 4.03
N ALA E 41 18.62 -15.94 4.20
CA ALA E 41 17.87 -14.68 3.83
C ALA E 41 18.50 -14.02 2.58
N ASN E 42 19.82 -14.09 2.43
CA ASN E 42 20.52 -13.40 1.33
C ASN E 42 21.92 -14.01 1.16
N LYS E 43 22.71 -13.48 0.23
CA LYS E 43 24.03 -14.01 -0.09
C LYS E 43 24.99 -13.89 1.11
N ARG E 44 24.75 -13.04 2.10
CA ARG E 44 25.66 -12.87 3.26
C ARG E 44 25.28 -13.83 4.41
N SER E 45 24.17 -14.56 4.26
CA SER E 45 23.72 -15.45 5.33
C SER E 45 24.81 -16.52 5.59
N ILE E 46 25.08 -16.79 6.84
CA ILE E 46 25.94 -17.96 7.26
C ILE E 46 25.50 -19.22 6.53
N ALA E 47 24.19 -19.44 6.49
CA ALA E 47 23.62 -20.62 5.84
C ALA E 47 23.94 -20.68 4.34
N PHE E 48 24.16 -19.57 3.70
CA PHE E 48 24.55 -19.62 2.28
C PHE E 48 26.03 -20.07 2.18
N GLY E 49 26.86 -19.74 3.15
CA GLY E 49 28.21 -20.35 3.22
C GLY E 49 28.14 -21.88 3.27
N VAL E 50 27.34 -22.36 4.22
CA VAL E 50 27.05 -23.76 4.32
C VAL E 50 26.56 -24.30 2.97
N ALA E 51 25.60 -23.66 2.36
CA ALA E 51 25.06 -24.17 1.12
C ALA E 51 26.12 -24.27 0.05
N LYS E 52 26.98 -23.26 -0.08
CA LYS E 52 27.99 -23.26 -1.18
C LYS E 52 28.98 -24.40 -0.98
N VAL E 53 29.35 -24.67 0.28
CA VAL E 53 30.31 -25.77 0.55
C VAL E 53 29.63 -27.11 0.26
N LEU E 54 28.41 -27.33 0.80
CA LEU E 54 27.72 -28.62 0.64
C LEU E 54 27.41 -28.86 -0.84
N ASP E 55 26.99 -27.80 -1.55
CA ASP E 55 26.70 -27.91 -2.96
C ASP E 55 27.89 -28.30 -3.74
N GLN E 56 29.02 -27.65 -3.43
CA GLN E 56 30.32 -27.88 -4.11
C GLN E 56 30.76 -29.34 -3.84
N LEU E 57 30.37 -29.95 -2.71
CA LEU E 57 30.74 -31.32 -2.40
C LEU E 57 29.73 -32.34 -2.95
N GLY E 58 28.73 -31.90 -3.72
CA GLY E 58 27.83 -32.83 -4.41
C GLY E 58 26.55 -33.13 -3.64
N ALA E 59 26.29 -32.52 -2.48
CA ALA E 59 25.03 -32.80 -1.78
C ALA E 59 23.82 -32.30 -2.60
N LYS E 60 22.69 -32.97 -2.38
CA LYS E 60 21.42 -32.42 -2.74
C LYS E 60 20.95 -31.56 -1.57
N LEU E 61 20.40 -30.40 -1.91
CA LEU E 61 20.06 -29.39 -0.91
C LEU E 61 18.58 -28.98 -1.01
N VAL E 62 18.02 -28.71 0.14
CA VAL E 62 16.64 -28.38 0.33
C VAL E 62 16.67 -27.16 1.27
N PHE E 63 15.95 -26.10 0.92
CA PHE E 63 16.04 -24.84 1.64
C PHE E 63 14.71 -24.49 2.29
N THR E 64 14.75 -23.98 3.52
CA THR E 64 13.56 -23.44 4.13
C THR E 64 13.77 -21.96 4.50
N TYR E 65 12.69 -21.19 4.42
CA TYR E 65 12.73 -19.72 4.59
C TYR E 65 11.47 -19.27 5.35
N ARG E 66 11.50 -18.08 5.97
CA ARG E 66 10.27 -17.52 6.57
C ARG E 66 9.62 -16.50 5.62
N LYS E 67 10.35 -15.44 5.28
CA LYS E 67 9.80 -14.29 4.55
C LYS E 67 9.88 -14.53 3.06
N GLU E 68 8.90 -13.96 2.36
CA GLU E 68 8.77 -14.11 0.94
C GLU E 68 10.06 -13.62 0.27
N ARG E 69 10.62 -12.54 0.81
CA ARG E 69 11.86 -11.96 0.24
C ARG E 69 13.00 -12.99 0.33
N SER E 70 13.07 -13.76 1.41
CA SER E 70 14.11 -14.80 1.53
C SER E 70 13.94 -15.83 0.38
N ARG E 71 12.69 -16.23 0.04
CA ARG E 71 12.48 -17.15 -1.11
C ARG E 71 13.03 -16.50 -2.38
N LYS E 72 12.70 -15.22 -2.61
CA LYS E 72 13.19 -14.53 -3.82
C LYS E 72 14.73 -14.57 -3.88
N GLU E 73 15.39 -14.22 -2.78
CA GLU E 73 16.85 -14.31 -2.70
C GLU E 73 17.32 -15.75 -3.01
N LEU E 74 16.64 -16.74 -2.45
CA LEU E 74 17.01 -18.13 -2.69
C LEU E 74 16.87 -18.49 -4.17
N GLU E 75 15.80 -18.06 -4.85
CA GLU E 75 15.63 -18.45 -6.25
C GLU E 75 16.78 -17.87 -7.08
N LYS E 76 17.25 -16.67 -6.73
CA LYS E 76 18.39 -15.96 -7.40
C LYS E 76 19.73 -16.61 -7.02
N LEU E 77 19.92 -16.94 -5.75
CA LEU E 77 21.17 -17.58 -5.26
C LEU E 77 21.31 -19.00 -5.82
N LEU E 78 20.22 -19.71 -6.06
CA LEU E 78 20.33 -21.06 -6.65
C LEU E 78 21.00 -21.06 -8.02
N GLU E 79 20.99 -19.92 -8.70
CA GLU E 79 21.65 -19.79 -10.02
C GLU E 79 23.17 -20.01 -9.89
N GLN E 80 23.77 -19.65 -8.74
CA GLN E 80 25.23 -19.82 -8.45
C GLN E 80 25.56 -21.29 -8.09
N LEU E 81 24.64 -22.03 -7.50
CA LEU E 81 24.86 -23.43 -7.09
C LEU E 81 24.66 -24.37 -8.29
N ASN E 82 25.04 -25.63 -8.10
CA ASN E 82 24.93 -26.63 -9.13
C ASN E 82 23.65 -27.43 -8.96
N GLN E 83 22.87 -27.13 -7.92
CA GLN E 83 21.59 -27.84 -7.69
C GLN E 83 20.74 -27.76 -8.97
N PRO E 84 20.33 -28.92 -9.51
CA PRO E 84 19.50 -28.92 -10.70
C PRO E 84 18.00 -28.70 -10.45
N GLU E 85 17.58 -28.56 -9.19
CA GLU E 85 16.18 -28.40 -8.83
C GLU E 85 16.12 -27.56 -7.54
N ALA E 86 15.27 -26.55 -7.56
CA ALA E 86 15.01 -25.76 -6.37
C ALA E 86 14.07 -26.54 -5.45
N HIS E 87 14.47 -26.89 -4.25
CA HIS E 87 13.55 -27.43 -3.30
C HIS E 87 13.36 -26.40 -2.18
N LEU E 88 12.30 -25.58 -2.27
CA LEU E 88 12.11 -24.44 -1.34
C LEU E 88 10.83 -24.65 -0.51
N TYR E 89 10.87 -24.41 0.79
CA TYR E 89 9.75 -24.70 1.64
C TYR E 89 9.69 -23.57 2.65
N GLN E 90 8.50 -22.97 2.79
CA GLN E 90 8.31 -21.91 3.71
C GLN E 90 8.07 -22.51 5.09
N ILE E 91 8.93 -22.21 6.07
CA ILE E 91 8.71 -22.70 7.41
C ILE E 91 9.06 -21.59 8.39
N ASP E 92 8.03 -21.12 9.08
CA ASP E 92 8.23 -20.23 10.20
C ASP E 92 8.21 -21.15 11.43
N VAL E 93 9.34 -21.18 12.14
CA VAL E 93 9.57 -22.16 13.22
C VAL E 93 8.80 -21.75 14.47
N GLN E 94 8.08 -20.64 14.43
CA GLN E 94 7.15 -20.30 15.55
C GLN E 94 5.86 -21.12 15.46
N SER E 95 5.61 -21.73 14.31
CA SER E 95 4.42 -22.53 14.06
C SER E 95 4.78 -24.02 14.00
N ASP E 96 4.22 -24.77 14.93
CA ASP E 96 4.31 -26.23 14.90
C ASP E 96 3.87 -26.84 13.58
N GLU E 97 2.70 -26.36 13.11
CA GLU E 97 2.07 -26.85 11.87
C GLU E 97 3.05 -26.72 10.71
N GLU E 98 3.66 -25.55 10.58
CA GLU E 98 4.55 -25.29 9.44
C GLU E 98 5.79 -26.18 9.52
N VAL E 99 6.31 -26.40 10.73
CA VAL E 99 7.48 -27.29 10.86
C VAL E 99 7.06 -28.73 10.54
N ILE E 100 5.94 -29.18 11.16
CA ILE E 100 5.45 -30.55 10.97
C ILE E 100 5.15 -30.75 9.47
N ASN E 101 4.38 -29.85 8.85
CA ASN E 101 3.94 -30.02 7.47
C ASN E 101 5.09 -29.79 6.49
N GLY E 102 5.96 -28.81 6.76
CA GLY E 102 7.14 -28.56 5.95
C GLY E 102 8.01 -29.81 5.79
N PHE E 103 8.39 -30.44 6.92
CA PHE E 103 9.26 -31.64 6.85
C PHE E 103 8.50 -32.80 6.24
N GLU E 104 7.24 -32.97 6.60
CA GLU E 104 6.46 -34.04 5.99
C GLU E 104 6.50 -33.89 4.45
N GLN E 105 6.36 -32.67 3.97
CA GLN E 105 6.34 -32.41 2.52
C GLN E 105 7.74 -32.60 1.91
N ILE E 106 8.79 -32.19 2.64
CA ILE E 106 10.17 -32.43 2.20
C ILE E 106 10.35 -33.94 1.98
N GLY E 107 9.90 -34.71 2.96
CA GLY E 107 9.97 -36.16 2.86
C GLY E 107 9.25 -36.70 1.63
N LYS E 108 8.07 -36.20 1.31
CA LYS E 108 7.34 -36.68 0.11
C LYS E 108 8.06 -36.26 -1.16
N ASP E 109 8.68 -35.11 -1.16
CA ASP E 109 9.32 -34.59 -2.38
C ASP E 109 10.72 -35.19 -2.68
N VAL E 110 11.59 -35.36 -1.67
CA VAL E 110 12.97 -35.85 -1.93
C VAL E 110 13.27 -37.14 -1.15
N GLY E 111 12.40 -37.59 -0.25
CA GLY E 111 12.66 -38.83 0.49
C GLY E 111 13.43 -38.56 1.76
N ASN E 112 14.16 -39.57 2.24
CA ASN E 112 14.91 -39.48 3.49
C ASN E 112 16.08 -38.50 3.33
N ILE E 113 16.43 -37.85 4.41
CA ILE E 113 17.51 -36.91 4.40
C ILE E 113 18.65 -37.43 5.28
N ASP E 114 19.80 -36.78 5.13
CA ASP E 114 20.95 -37.11 5.92
C ASP E 114 21.23 -36.10 6.99
N GLY E 115 20.64 -34.91 6.96
CA GLY E 115 20.85 -33.99 8.07
C GLY E 115 20.24 -32.60 7.82
N VAL E 116 20.40 -31.75 8.80
CA VAL E 116 19.76 -30.49 8.86
C VAL E 116 20.78 -29.49 9.37
N TYR E 117 20.95 -28.36 8.64
CA TYR E 117 21.68 -27.19 9.15
C TYR E 117 20.66 -26.12 9.60
N HIS E 118 20.64 -25.85 10.89
CA HIS E 118 19.74 -24.85 11.48
C HIS E 118 20.51 -23.54 11.69
N SER E 119 20.11 -22.49 10.98
CA SER E 119 20.77 -21.18 11.06
C SER E 119 19.71 -20.12 11.33
N ILE E 120 18.96 -20.29 12.44
CA ILE E 120 17.78 -19.42 12.69
C ILE E 120 17.88 -18.85 14.10
N ALA E 121 17.76 -17.54 14.16
CA ALA E 121 17.56 -16.91 15.46
C ALA E 121 16.81 -15.58 15.30
N PHE E 122 16.28 -15.07 16.39
CA PHE E 122 15.69 -13.78 16.41
C PHE E 122 15.55 -13.26 17.85
N ALA E 123 15.78 -11.98 18.02
CA ALA E 123 15.35 -11.29 19.22
C ALA E 123 14.95 -9.85 18.80
N ASN E 124 14.17 -9.17 19.61
CA ASN E 124 13.81 -7.78 19.27
C ASN E 124 15.05 -6.88 19.45
N MET E 125 15.26 -5.94 18.52
CA MET E 125 16.30 -4.96 18.64
C MET E 125 16.20 -4.19 19.95
N GLU E 126 15.00 -3.89 20.42
CA GLU E 126 14.86 -3.20 21.72
C GLU E 126 15.73 -3.93 22.76
N ASP E 127 15.66 -5.27 22.79
CA ASP E 127 16.39 -6.02 23.82
C ASP E 127 17.90 -6.30 23.50
N LEU E 128 18.56 -5.80 22.45
CA LEU E 128 19.99 -6.18 22.07
C LEU E 128 21.04 -5.05 22.29
N ARG E 129 20.82 -4.33 23.39
CA ARG E 129 21.59 -3.07 23.69
C ARG E 129 21.16 -2.61 25.08
N GLY E 130 21.86 -1.65 25.61
CA GLY E 130 21.52 -1.20 26.97
C GLY E 130 21.43 -2.38 27.94
N ARG E 131 20.34 -2.49 28.72
CA ARG E 131 20.43 -3.19 29.96
C ARG E 131 19.65 -4.48 29.86
N PHE E 132 20.38 -5.59 30.13
CA PHE E 132 19.78 -6.86 30.05
C PHE E 132 18.71 -6.95 31.14
N SER E 133 18.92 -6.28 32.30
CA SER E 133 17.97 -6.41 33.40
C SER E 133 16.58 -5.82 33.03
N GLU E 134 16.47 -5.00 31.97
CA GLU E 134 15.21 -4.42 31.57
C GLU E 134 14.52 -5.26 30.49
N THR E 135 15.06 -6.42 30.14
CA THR E 135 14.39 -7.28 29.15
C THR E 135 12.94 -7.58 29.59
N SER E 136 12.03 -7.49 28.60
CA SER E 136 10.62 -7.88 28.72
C SER E 136 10.46 -9.42 28.67
N ARG E 137 9.43 -9.94 29.35
CA ARG E 137 9.07 -11.37 29.32
C ARG E 137 8.79 -11.78 27.88
N GLU E 138 8.08 -10.93 27.16
CA GLU E 138 7.70 -11.27 25.80
C GLU E 138 8.95 -11.33 24.92
N GLY E 139 9.86 -10.40 25.12
CA GLY E 139 11.12 -10.40 24.34
C GLY E 139 11.98 -11.63 24.63
N PHE E 140 12.10 -11.93 25.91
CA PHE E 140 12.86 -13.11 26.38
C PHE E 140 12.27 -14.39 25.79
N LEU E 141 10.95 -14.56 25.84
CA LEU E 141 10.41 -15.84 25.44
C LEU E 141 10.40 -15.94 23.90
N LEU E 142 10.28 -14.79 23.22
CA LEU E 142 10.36 -14.75 21.74
C LEU E 142 11.74 -15.27 21.30
N ALA E 143 12.77 -14.78 21.97
CA ALA E 143 14.13 -15.19 21.61
C ALA E 143 14.29 -16.69 21.86
N GLN E 144 13.79 -17.19 22.98
CA GLN E 144 13.83 -18.68 23.31
C GLN E 144 13.05 -19.48 22.25
N ASP E 145 11.88 -18.98 21.87
CA ASP E 145 11.02 -19.68 20.99
C ASP E 145 11.73 -19.87 19.67
N ILE E 146 12.23 -18.81 19.09
CA ILE E 146 12.74 -18.87 17.70
C ILE E 146 14.17 -19.45 17.68
N SER E 147 14.95 -19.09 18.69
CA SER E 147 16.38 -19.29 18.66
C SER E 147 16.79 -20.62 19.36
N SER E 148 15.90 -21.23 20.17
CA SER E 148 16.26 -22.43 20.89
C SER E 148 15.21 -23.51 20.65
N TYR E 149 13.99 -23.27 21.09
CA TYR E 149 12.92 -24.30 20.91
C TYR E 149 12.82 -24.78 19.45
N SER E 150 12.96 -23.89 18.48
CA SER E 150 12.89 -24.30 17.08
C SER E 150 13.78 -25.52 16.83
N LEU E 151 14.92 -25.65 17.50
CA LEU E 151 15.82 -26.81 17.21
C LEU E 151 15.15 -28.11 17.65
N THR E 152 14.53 -28.10 18.81
CA THR E 152 13.92 -29.26 19.38
C THR E 152 12.83 -29.82 18.45
N ILE E 153 11.91 -28.95 18.00
CA ILE E 153 10.79 -29.40 17.16
C ILE E 153 11.33 -29.72 15.77
N VAL E 154 12.30 -28.97 15.24
CA VAL E 154 12.88 -29.34 13.95
C VAL E 154 13.49 -30.75 14.03
N ALA E 155 14.19 -31.03 15.12
CA ALA E 155 14.83 -32.34 15.36
C ALA E 155 13.80 -33.46 15.41
N HIS E 156 12.73 -33.24 16.18
CA HIS E 156 11.64 -34.22 16.27
C HIS E 156 11.06 -34.54 14.88
N GLU E 157 10.90 -33.53 14.04
CA GLU E 157 10.25 -33.74 12.74
C GLU E 157 11.26 -34.27 11.72
N ALA E 158 12.50 -33.78 11.80
CA ALA E 158 13.58 -34.27 10.88
C ALA E 158 13.91 -35.74 11.13
N LYS E 159 13.87 -36.18 12.38
CA LYS E 159 14.16 -37.59 12.81
C LYS E 159 13.35 -38.60 11.96
N LYS E 160 12.12 -38.22 11.62
CA LYS E 160 11.22 -39.04 10.85
C LYS E 160 11.77 -39.30 9.44
N LEU E 161 12.68 -38.47 8.96
CA LEU E 161 13.29 -38.61 7.63
C LEU E 161 14.72 -39.16 7.71
N MET E 162 15.13 -39.60 8.91
CA MET E 162 16.50 -40.12 9.12
C MET E 162 16.39 -41.50 9.80
N PRO E 163 15.68 -42.45 9.17
CA PRO E 163 15.43 -43.74 9.81
C PRO E 163 16.71 -44.50 10.16
N GLU E 164 17.75 -44.34 9.33
CA GLU E 164 19.07 -44.95 9.47
C GLU E 164 20.11 -43.99 10.08
N GLY E 165 19.68 -42.88 10.66
CA GLY E 165 20.61 -41.91 11.28
C GLY E 165 20.82 -40.68 10.41
N GLY E 166 21.50 -39.69 11.00
CA GLY E 166 21.97 -38.50 10.35
C GLY E 166 22.65 -37.51 11.30
N SER E 167 22.71 -36.24 10.88
CA SER E 167 23.40 -35.18 11.61
C SER E 167 22.60 -33.86 11.57
N ILE E 168 22.45 -33.27 12.74
CA ILE E 168 21.85 -31.98 12.88
C ILE E 168 22.89 -31.00 13.45
N VAL E 169 23.06 -29.82 12.82
CA VAL E 169 23.98 -28.77 13.29
C VAL E 169 23.20 -27.46 13.50
N ALA E 170 23.35 -26.82 14.67
CA ALA E 170 22.79 -25.48 14.94
C ALA E 170 23.94 -24.43 15.03
N THR E 171 23.60 -23.14 14.82
CA THR E 171 24.59 -22.09 14.83
C THR E 171 24.46 -21.29 16.13
N THR E 172 25.56 -21.18 16.88
CA THR E 172 25.58 -20.41 18.14
C THR E 172 26.72 -19.35 18.10
N TYR E 173 26.88 -18.68 19.21
CA TYR E 173 27.90 -17.65 19.36
C TYR E 173 28.36 -17.68 20.80
N LEU E 174 29.64 -17.36 20.96
CA LEU E 174 30.34 -17.33 22.22
C LEU E 174 29.54 -16.65 23.32
N GLY E 175 28.65 -15.71 22.98
CA GLY E 175 27.77 -15.03 24.00
C GLY E 175 26.79 -15.95 24.69
N GLY E 176 26.62 -17.15 24.21
CA GLY E 176 25.88 -18.25 24.99
C GLY E 176 26.70 -18.87 26.12
N GLU E 177 28.03 -18.76 26.09
CA GLU E 177 28.97 -19.31 27.14
C GLU E 177 29.50 -18.20 28.07
N PHE E 178 29.61 -16.96 27.59
CA PHE E 178 30.05 -15.82 28.42
C PHE E 178 29.14 -14.61 28.18
N ALA E 179 29.06 -13.75 29.18
CA ALA E 179 28.30 -12.53 29.01
C ALA E 179 29.14 -11.56 28.17
N VAL E 180 28.73 -11.34 26.93
CA VAL E 180 29.28 -10.37 26.00
C VAL E 180 28.38 -9.11 26.00
N GLN E 181 28.89 -7.91 26.30
CA GLN E 181 28.08 -6.69 26.28
C GLN E 181 27.27 -6.62 24.95
N ASN E 182 26.00 -6.21 25.10
CA ASN E 182 25.01 -5.96 24.05
C ASN E 182 24.37 -7.24 23.52
N TYR E 183 24.89 -8.43 23.79
CA TYR E 183 24.27 -9.57 23.19
C TYR E 183 23.06 -9.97 24.02
N ASN E 184 23.13 -9.68 25.31
CA ASN E 184 21.96 -9.63 26.21
C ASN E 184 21.04 -10.84 26.01
N VAL E 185 19.80 -10.61 25.61
CA VAL E 185 18.77 -11.65 25.60
C VAL E 185 19.18 -12.75 24.62
N MET E 186 19.87 -12.42 23.54
CA MET E 186 20.24 -13.47 22.59
C MET E 186 21.32 -14.43 23.22
N GLY E 187 22.10 -13.92 24.15
CA GLY E 187 23.09 -14.72 24.84
C GLY E 187 22.40 -15.81 25.68
N VAL E 188 21.31 -15.46 26.38
CA VAL E 188 20.59 -16.43 27.18
C VAL E 188 19.91 -17.42 26.24
N ALA E 189 19.45 -16.97 25.08
CA ALA E 189 18.87 -17.87 24.11
C ALA E 189 19.92 -18.83 23.57
N LYS E 190 21.15 -18.37 23.39
CA LYS E 190 22.19 -19.28 22.83
C LYS E 190 22.64 -20.25 23.94
N ALA E 191 22.61 -19.82 25.19
CA ALA E 191 22.89 -20.72 26.26
C ALA E 191 21.88 -21.87 26.24
N SER E 192 20.60 -21.51 26.12
CA SER E 192 19.51 -22.44 25.98
C SER E 192 19.76 -23.33 24.74
N LEU E 193 20.07 -22.74 23.59
CA LEU E 193 20.34 -23.55 22.39
C LEU E 193 21.50 -24.57 22.62
N GLU E 194 22.50 -24.19 23.32
CA GLU E 194 23.67 -25.06 23.43
C GLU E 194 23.30 -26.30 24.32
N ALA E 195 22.58 -26.09 25.42
CA ALA E 195 22.00 -27.14 26.28
C ALA E 195 21.06 -28.00 25.45
N ASN E 196 20.27 -27.36 24.59
CA ASN E 196 19.33 -28.04 23.65
C ASN E 196 20.09 -29.09 22.81
N VAL E 197 21.25 -28.71 22.27
CA VAL E 197 22.06 -29.60 21.42
C VAL E 197 22.50 -30.83 22.25
N LYS E 198 22.91 -30.60 23.49
CA LYS E 198 23.37 -31.66 24.37
C LYS E 198 22.22 -32.63 24.73
N TYR E 199 21.06 -32.10 25.16
CA TYR E 199 19.91 -32.93 25.50
C TYR E 199 19.43 -33.66 24.23
N LEU E 200 19.41 -32.99 23.09
CA LEU E 200 19.05 -33.68 21.84
C LEU E 200 20.05 -34.78 21.48
N ALA E 201 21.32 -34.48 21.65
CA ALA E 201 22.39 -35.48 21.38
C ALA E 201 22.16 -36.76 22.19
N LEU E 202 21.89 -36.56 23.47
CA LEU E 202 21.69 -37.67 24.39
C LEU E 202 20.45 -38.48 23.96
N ASP E 203 19.38 -37.77 23.67
CA ASP E 203 18.08 -38.40 23.32
C ASP E 203 18.12 -39.11 21.98
N LEU E 204 18.73 -38.50 20.97
CA LEU E 204 18.70 -39.05 19.60
C LEU E 204 19.94 -39.91 19.26
N GLY E 205 20.93 -39.90 20.15
CA GLY E 205 22.14 -40.74 19.99
C GLY E 205 21.80 -42.17 19.66
N PRO E 206 20.94 -42.80 20.43
CA PRO E 206 20.61 -44.22 20.16
C PRO E 206 19.97 -44.46 18.79
N ASP E 207 19.46 -43.41 18.19
CA ASP E 207 18.95 -43.43 16.84
C ASP E 207 20.01 -43.18 15.79
N ASN E 208 21.27 -42.96 16.23
CA ASN E 208 22.40 -42.65 15.34
C ASN E 208 22.19 -41.31 14.63
N ILE E 209 21.63 -40.38 15.39
CA ILE E 209 21.48 -39.00 14.94
C ILE E 209 22.41 -38.18 15.83
N ARG E 210 23.40 -37.57 15.21
CA ARG E 210 24.33 -36.73 15.98
C ARG E 210 23.81 -35.29 16.00
N VAL E 211 23.99 -34.59 17.12
CA VAL E 211 23.59 -33.20 17.19
C VAL E 211 24.76 -32.38 17.74
N ASN E 212 25.09 -31.32 17.03
CA ASN E 212 26.25 -30.48 17.35
C ASN E 212 25.94 -29.01 17.02
N ALA E 213 26.81 -28.14 17.47
CA ALA E 213 26.74 -26.68 17.27
C ALA E 213 28.05 -26.20 16.64
N ILE E 214 27.94 -25.16 15.83
CA ILE E 214 29.09 -24.37 15.43
C ILE E 214 28.96 -23.01 16.09
N SER E 215 30.00 -22.59 16.80
CA SER E 215 30.06 -21.30 17.43
C SER E 215 30.87 -20.38 16.50
N ALA E 216 30.16 -19.61 15.68
CA ALA E 216 30.74 -18.79 14.67
C ALA E 216 31.18 -17.48 15.29
N GLY E 217 32.37 -17.03 14.86
CA GLY E 217 32.78 -15.71 15.18
C GLY E 217 31.90 -14.64 14.47
N PRO E 218 32.07 -13.39 14.83
CA PRO E 218 31.14 -12.41 14.22
C PRO E 218 31.38 -12.29 12.71
N ILE E 219 30.29 -12.26 11.94
CA ILE E 219 30.29 -12.19 10.47
C ILE E 219 29.29 -11.09 10.05
N ARG E 220 29.66 -10.26 9.08
CA ARG E 220 28.78 -9.19 8.62
C ARG E 220 27.59 -9.79 7.87
N THR E 221 26.47 -9.90 8.57
CA THR E 221 25.18 -10.37 8.00
C THR E 221 24.07 -9.32 8.25
N LEU E 222 22.92 -9.56 7.63
CA LEU E 222 21.74 -8.69 7.87
C LEU E 222 21.34 -8.73 9.35
N SER E 223 21.29 -9.90 9.96
CA SER E 223 20.94 -10.00 11.39
C SER E 223 22.00 -9.32 12.30
N ALA E 224 23.29 -9.35 11.92
CA ALA E 224 24.36 -8.58 12.67
C ALA E 224 23.97 -7.11 12.87
N LYS E 225 23.20 -6.55 11.97
CA LYS E 225 22.84 -5.14 12.11
C LYS E 225 21.98 -4.92 13.36
N GLY E 226 21.35 -5.95 13.85
CA GLY E 226 20.53 -5.79 15.04
C GLY E 226 21.29 -5.77 16.35
N VAL E 227 22.59 -6.06 16.32
CA VAL E 227 23.30 -6.15 17.56
C VAL E 227 24.10 -4.87 17.79
N GLY E 228 23.85 -4.17 18.87
CA GLY E 228 24.73 -3.00 19.18
C GLY E 228 26.18 -3.44 19.32
N GLY E 229 27.08 -2.56 18.94
CA GLY E 229 28.52 -2.72 19.13
C GLY E 229 29.11 -3.83 18.28
N PHE E 230 28.43 -4.22 17.21
CA PHE E 230 28.93 -5.28 16.37
C PHE E 230 30.28 -4.94 15.73
N ASN E 231 30.44 -3.74 15.22
CA ASN E 231 31.68 -3.34 14.56
C ASN E 231 32.84 -3.34 15.57
N THR E 232 32.62 -2.90 16.81
CA THR E 232 33.64 -2.89 17.87
C THR E 232 34.19 -4.32 18.08
N ILE E 233 33.32 -5.33 18.03
CA ILE E 233 33.68 -6.74 18.26
C ILE E 233 34.48 -7.28 17.06
N LEU E 234 34.05 -7.01 15.84
CA LEU E 234 34.80 -7.41 14.66
C LEU E 234 36.25 -6.99 14.82
N LYS E 235 36.44 -5.73 15.23
CA LYS E 235 37.79 -5.21 15.23
C LYS E 235 38.55 -5.80 16.43
N GLU E 236 37.96 -5.98 17.59
CA GLU E 236 38.70 -6.62 18.67
C GLU E 236 39.12 -8.06 18.29
N ILE E 237 38.35 -8.80 17.50
CA ILE E 237 38.79 -10.13 17.03
C ILE E 237 40.10 -9.98 16.25
N GLU E 238 40.17 -8.99 15.34
CA GLU E 238 41.33 -8.82 14.48
C GLU E 238 42.55 -8.57 15.34
N GLU E 239 42.40 -7.90 16.47
CA GLU E 239 43.58 -7.47 17.22
C GLU E 239 44.01 -8.53 18.23
N ARG E 240 43.08 -9.37 18.70
CA ARG E 240 43.30 -10.20 19.87
C ARG E 240 43.16 -11.70 19.56
N ALA E 241 42.21 -12.11 18.71
CA ALA E 241 42.08 -13.53 18.41
C ALA E 241 43.42 -14.06 17.86
N PRO E 242 43.73 -15.33 18.18
CA PRO E 242 44.97 -16.01 17.79
C PRO E 242 45.33 -15.81 16.31
N LEU E 243 44.35 -15.97 15.40
CA LEU E 243 44.70 -15.86 14.00
C LEU E 243 44.60 -14.38 13.56
N LYS E 244 44.28 -13.46 14.45
CA LYS E 244 44.39 -11.99 14.10
C LYS E 244 43.61 -11.66 12.81
N ARG E 245 42.44 -12.24 12.67
CA ARG E 245 41.57 -12.02 11.51
C ARG E 245 40.21 -12.61 11.91
N ASN E 246 39.23 -12.20 11.14
CA ASN E 246 37.87 -12.65 11.37
C ASN E 246 37.63 -13.83 10.44
N VAL E 247 36.53 -14.54 10.70
CA VAL E 247 36.19 -15.71 9.88
C VAL E 247 35.10 -15.30 8.91
N ASP E 248 34.84 -16.13 7.94
CA ASP E 248 33.73 -15.91 7.06
C ASP E 248 32.75 -17.11 6.99
N GLN E 249 31.71 -16.90 6.21
CA GLN E 249 30.57 -17.79 6.13
C GLN E 249 31.02 -19.14 5.57
N VAL E 250 31.90 -19.10 4.58
CA VAL E 250 32.44 -20.30 3.95
C VAL E 250 33.27 -21.12 4.97
N GLU E 251 33.96 -20.46 5.89
CA GLU E 251 34.68 -21.19 6.92
C GLU E 251 33.69 -21.95 7.82
N VAL E 252 32.57 -21.31 8.13
CA VAL E 252 31.52 -21.99 8.89
C VAL E 252 31.04 -23.17 8.06
N GLY E 253 30.81 -22.94 6.79
CA GLY E 253 30.37 -23.99 5.89
C GLY E 253 31.29 -25.22 5.86
N LYS E 254 32.60 -25.00 5.94
CA LYS E 254 33.54 -26.13 5.84
C LYS E 254 33.46 -26.99 7.10
N THR E 255 33.30 -26.40 8.28
CA THR E 255 33.13 -27.12 9.51
C THR E 255 31.75 -27.79 9.53
N ALA E 256 30.71 -27.14 8.99
CA ALA E 256 29.42 -27.76 8.83
C ALA E 256 29.52 -29.05 7.99
N ALA E 257 30.29 -29.02 6.89
CA ALA E 257 30.43 -30.19 6.08
C ALA E 257 31.10 -31.32 6.91
N TYR E 258 32.03 -30.97 7.79
CA TYR E 258 32.63 -31.94 8.61
C TYR E 258 31.52 -32.54 9.48
N LEU E 259 30.76 -31.68 10.16
CA LEU E 259 29.82 -32.10 11.16
C LEU E 259 28.67 -32.88 10.53
N LEU E 260 28.38 -32.66 9.25
CA LEU E 260 27.21 -33.26 8.60
C LEU E 260 27.58 -34.56 7.85
N SER E 261 28.88 -34.87 7.82
CA SER E 261 29.38 -35.98 7.07
C SER E 261 29.90 -37.05 8.03
N ASP E 262 30.25 -38.19 7.45
CA ASP E 262 30.81 -39.30 8.21
C ASP E 262 32.22 -38.91 8.81
N LEU E 263 32.81 -37.74 8.41
CA LEU E 263 34.09 -37.40 8.97
C LEU E 263 33.97 -37.26 10.50
N SER E 264 32.81 -36.88 10.97
CA SER E 264 32.63 -36.58 12.39
C SER E 264 31.87 -37.69 13.11
N SER E 265 31.96 -38.92 12.62
N SER E 265 32.05 -38.93 12.68
CA SER E 265 31.37 -40.07 13.32
CA SER E 265 31.25 -40.08 13.21
C SER E 265 32.06 -40.17 14.69
C SER E 265 31.24 -40.27 14.75
N GLY E 266 31.30 -40.26 15.74
N GLY E 266 32.28 -40.07 15.56
CA GLY E 266 31.92 -40.24 17.04
CA GLY E 266 32.10 -40.21 17.01
C GLY E 266 31.81 -38.89 17.72
C GLY E 266 31.82 -38.89 17.72
N VAL E 267 31.43 -37.83 16.97
CA VAL E 267 31.28 -36.51 17.54
C VAL E 267 29.81 -36.16 17.68
N THR E 268 29.39 -35.87 18.91
CA THR E 268 28.00 -35.46 19.13
C THR E 268 27.98 -34.71 20.47
N GLY E 269 27.04 -33.80 20.60
CA GLY E 269 26.94 -32.97 21.77
C GLY E 269 28.07 -31.96 21.79
N GLU E 270 28.79 -31.80 20.68
CA GLU E 270 29.95 -30.90 20.66
C GLU E 270 29.57 -29.49 20.10
N ASN E 271 30.38 -28.49 20.50
CA ASN E 271 30.29 -27.07 20.12
C ASN E 271 31.63 -26.71 19.45
N ILE E 272 31.75 -26.68 18.13
CA ILE E 272 33.00 -26.34 17.52
C ILE E 272 33.09 -24.84 17.27
N HIS E 273 34.14 -24.24 17.81
CA HIS E 273 34.31 -22.79 17.66
C HIS E 273 35.04 -22.47 16.35
N VAL E 274 34.33 -21.76 15.45
CA VAL E 274 34.92 -21.30 14.19
C VAL E 274 35.09 -19.78 14.26
N ASP E 275 36.11 -19.37 15.00
CA ASP E 275 36.22 -18.03 15.48
C ASP E 275 37.62 -17.50 15.61
N SER E 276 38.54 -17.94 14.79
CA SER E 276 39.95 -17.53 14.90
C SER E 276 40.61 -17.79 16.27
N GLY E 277 40.05 -18.67 17.07
CA GLY E 277 40.64 -19.04 18.37
C GLY E 277 40.17 -18.13 19.50
N PHE E 278 39.22 -17.19 19.25
CA PHE E 278 38.93 -16.17 20.22
C PHE E 278 38.37 -16.81 21.48
N HIS E 279 37.63 -17.91 21.35
CA HIS E 279 37.11 -18.64 22.54
C HIS E 279 38.25 -19.07 23.49
N ALA E 280 39.48 -19.22 22.99
CA ALA E 280 40.52 -19.89 23.83
C ALA E 280 41.31 -18.84 24.61
N ILE E 281 41.00 -17.54 24.43
CA ILE E 281 41.80 -16.54 25.07
C ILE E 281 40.99 -15.71 26.06
N LYS E 282 41.74 -14.99 26.81
CA LYS E 282 41.24 -14.03 27.73
C LYS E 282 42.26 -12.85 27.86
N MET F 27 -43.66 -20.45 -48.78
CA MET F 27 -43.14 -21.83 -48.47
C MET F 27 -42.87 -22.60 -49.78
N VAL F 28 -42.06 -22.02 -50.66
CA VAL F 28 -41.33 -22.82 -51.60
C VAL F 28 -39.85 -22.67 -51.17
N ASN F 29 -39.22 -23.57 -50.44
CA ASN F 29 -37.95 -24.10 -50.96
C ASN F 29 -36.71 -23.57 -50.20
N LEU F 30 -35.89 -24.47 -49.71
CA LEU F 30 -34.62 -24.09 -49.11
C LEU F 30 -33.45 -24.49 -50.00
N GLU F 31 -33.63 -24.69 -51.31
CA GLU F 31 -32.50 -24.83 -52.21
C GLU F 31 -31.61 -23.56 -52.15
N ASN F 32 -30.31 -23.72 -52.32
CA ASN F 32 -29.34 -22.60 -52.26
C ASN F 32 -29.19 -22.10 -50.83
N LYS F 33 -29.80 -22.73 -49.84
CA LYS F 33 -29.57 -22.38 -48.45
C LYS F 33 -28.60 -23.38 -47.80
N THR F 34 -27.93 -22.95 -46.72
CA THR F 34 -27.01 -23.80 -46.00
C THR F 34 -27.25 -23.63 -44.50
N TYR F 35 -27.38 -24.74 -43.78
CA TYR F 35 -27.69 -24.66 -42.34
C TYR F 35 -26.68 -25.54 -41.59
N VAL F 36 -26.27 -25.08 -40.43
CA VAL F 36 -25.45 -25.87 -39.55
C VAL F 36 -26.37 -26.51 -38.49
N ILE F 37 -26.35 -27.84 -38.36
CA ILE F 37 -27.13 -28.53 -37.35
C ILE F 37 -26.18 -29.12 -36.31
N MET F 38 -26.34 -28.68 -35.08
CA MET F 38 -25.51 -29.03 -33.97
C MET F 38 -26.28 -29.97 -33.04
N GLY F 39 -25.77 -31.20 -32.83
CA GLY F 39 -26.25 -32.07 -31.72
C GLY F 39 -27.03 -33.31 -32.17
N ILE F 40 -26.78 -33.81 -33.39
CA ILE F 40 -27.20 -35.14 -33.71
C ILE F 40 -26.25 -36.16 -33.05
N ALA F 41 -26.81 -37.12 -32.27
CA ALA F 41 -26.06 -38.32 -31.73
C ALA F 41 -26.48 -39.61 -32.47
N ASN F 42 -27.76 -39.72 -32.87
CA ASN F 42 -28.28 -40.96 -33.47
C ASN F 42 -29.60 -40.66 -34.20
N LYS F 43 -30.23 -41.68 -34.77
CA LYS F 43 -31.46 -41.51 -35.54
C LYS F 43 -32.61 -40.97 -34.68
N ARG F 44 -32.58 -41.07 -33.35
CA ARG F 44 -33.70 -40.60 -32.49
CA ARG F 44 -33.71 -40.60 -32.50
C ARG F 44 -33.47 -39.15 -32.05
N SER F 45 -32.33 -38.56 -32.40
CA SER F 45 -32.05 -37.19 -32.00
C SER F 45 -33.09 -36.23 -32.61
N ILE F 46 -33.57 -35.30 -31.81
CA ILE F 46 -34.43 -34.15 -32.29
C ILE F 46 -33.78 -33.51 -33.51
N ALA F 47 -32.49 -33.27 -33.46
CA ALA F 47 -31.76 -32.64 -34.55
C ALA F 47 -31.79 -33.48 -35.83
N PHE F 48 -31.96 -34.77 -35.73
CA PHE F 48 -32.06 -35.57 -36.97
C PHE F 48 -33.47 -35.37 -37.58
N GLY F 49 -34.49 -35.12 -36.75
CA GLY F 49 -35.77 -34.70 -37.31
C GLY F 49 -35.64 -33.40 -38.14
N VAL F 50 -34.99 -32.41 -37.52
CA VAL F 50 -34.66 -31.20 -38.20
C VAL F 50 -33.91 -31.51 -39.50
N ALA F 51 -32.90 -32.32 -39.44
CA ALA F 51 -32.10 -32.58 -40.63
C ALA F 51 -32.97 -33.19 -41.73
N LYS F 52 -33.84 -34.14 -41.41
CA LYS F 52 -34.63 -34.84 -42.44
C LYS F 52 -35.59 -33.84 -43.13
N VAL F 53 -36.16 -32.92 -42.35
CA VAL F 53 -37.08 -31.94 -42.93
C VAL F 53 -36.28 -30.97 -43.83
N LEU F 54 -35.18 -30.41 -43.31
CA LEU F 54 -34.40 -29.40 -44.07
C LEU F 54 -33.82 -30.05 -45.32
N ASP F 55 -33.33 -31.28 -45.20
CA ASP F 55 -32.76 -32.00 -46.32
C ASP F 55 -33.79 -32.22 -47.40
N GLN F 56 -35.00 -32.64 -46.97
CA GLN F 56 -36.09 -32.92 -47.89
C GLN F 56 -36.53 -31.62 -48.60
N LEU F 57 -36.33 -30.45 -47.98
CA LEU F 57 -36.68 -29.16 -48.58
C LEU F 57 -35.51 -28.60 -49.44
N GLY F 58 -34.42 -29.34 -49.62
CA GLY F 58 -33.35 -28.94 -50.56
C GLY F 58 -32.21 -28.20 -49.87
N ALA F 59 -32.19 -28.01 -48.56
CA ALA F 59 -31.07 -27.30 -47.93
C ALA F 59 -29.76 -28.10 -48.06
N LYS F 60 -28.64 -27.37 -48.09
CA LYS F 60 -27.37 -27.93 -47.81
C LYS F 60 -27.17 -27.91 -46.30
N LEU F 61 -26.65 -29.01 -45.78
CA LEU F 61 -26.55 -29.23 -44.34
C LEU F 61 -25.10 -29.55 -43.93
N VAL F 62 -24.76 -29.06 -42.76
CA VAL F 62 -23.45 -29.13 -42.19
C VAL F 62 -23.70 -29.57 -40.75
N PHE F 63 -22.99 -30.60 -40.28
CA PHE F 63 -23.29 -31.20 -39.00
C PHE F 63 -22.11 -31.04 -38.05
N THR F 64 -22.39 -30.76 -36.78
CA THR F 64 -21.36 -30.76 -35.79
C THR F 64 -21.70 -31.74 -34.65
N TYR F 65 -20.64 -32.33 -34.09
CA TYR F 65 -20.81 -33.44 -33.09
C TYR F 65 -19.73 -33.30 -32.01
N ARG F 66 -19.92 -33.89 -30.84
CA ARG F 66 -18.86 -33.94 -29.82
C ARG F 66 -18.15 -35.31 -29.87
N LYS F 67 -18.89 -36.39 -29.66
CA LYS F 67 -18.28 -37.72 -29.49
C LYS F 67 -18.05 -38.41 -30.83
N GLU F 68 -16.98 -39.16 -30.91
CA GLU F 68 -16.58 -39.87 -32.11
C GLU F 68 -17.76 -40.76 -32.57
N ARG F 69 -18.45 -41.37 -31.60
CA ARG F 69 -19.60 -42.24 -31.91
C ARG F 69 -20.68 -41.42 -32.65
N SER F 70 -20.90 -40.18 -32.26
CA SER F 70 -21.91 -39.34 -32.94
C SER F 70 -21.48 -39.13 -34.42
N ARG F 71 -20.17 -38.92 -34.72
CA ARG F 71 -19.72 -38.81 -36.13
C ARG F 71 -20.07 -40.12 -36.86
N LYS F 72 -19.77 -41.28 -36.25
CA LYS F 72 -20.07 -42.58 -36.88
C LYS F 72 -21.57 -42.67 -37.22
N GLU F 73 -22.43 -42.35 -36.26
CA GLU F 73 -23.87 -42.35 -36.49
C GLU F 73 -24.20 -41.40 -37.65
N LEU F 74 -23.59 -40.21 -37.67
CA LEU F 74 -23.85 -39.25 -38.74
C LEU F 74 -23.44 -39.82 -40.10
N GLU F 75 -22.28 -40.48 -40.20
CA GLU F 75 -21.86 -40.96 -41.51
C GLU F 75 -22.87 -42.00 -42.03
N LYS F 76 -23.45 -42.80 -41.12
CA LYS F 76 -24.48 -43.83 -41.44
C LYS F 76 -25.84 -43.17 -41.75
N LEU F 77 -26.24 -42.17 -40.97
CA LEU F 77 -27.51 -41.45 -41.20
C LEU F 77 -27.48 -40.63 -42.49
N LEU F 78 -26.32 -40.11 -42.89
CA LEU F 78 -26.25 -39.35 -44.15
C LEU F 78 -26.65 -40.19 -45.36
N GLU F 79 -26.59 -41.52 -45.25
CA GLU F 79 -26.99 -42.41 -46.33
C GLU F 79 -28.49 -42.21 -46.66
N GLN F 80 -29.32 -41.91 -45.63
CA GLN F 80 -30.78 -41.69 -45.78
C GLN F 80 -31.10 -40.31 -46.38
N LEU F 81 -30.25 -39.30 -46.17
CA LEU F 81 -30.48 -37.93 -46.69
C LEU F 81 -30.02 -37.83 -48.15
N ASN F 82 -30.36 -36.73 -48.79
CA ASN F 82 -30.02 -36.50 -50.18
C ASN F 82 -28.75 -35.68 -50.27
N GLN F 83 -28.18 -35.27 -49.14
CA GLN F 83 -26.93 -34.52 -49.13
C GLN F 83 -25.87 -35.28 -49.93
N PRO F 84 -25.31 -34.65 -50.98
CA PRO F 84 -24.28 -35.32 -51.77
C PRO F 84 -22.86 -35.22 -51.17
N GLU F 85 -22.70 -34.54 -50.04
CA GLU F 85 -21.40 -34.32 -49.40
C GLU F 85 -21.61 -34.26 -47.89
N ALA F 86 -20.85 -35.04 -47.16
CA ALA F 86 -20.87 -35.01 -45.70
C ALA F 86 -20.02 -33.81 -45.26
N HIS F 87 -20.60 -32.85 -44.59
CA HIS F 87 -19.79 -31.80 -43.98
C HIS F 87 -19.88 -31.99 -42.46
N LEU F 88 -18.86 -32.65 -41.87
CA LEU F 88 -18.90 -33.02 -40.44
C LEU F 88 -17.78 -32.31 -39.68
N TYR F 89 -18.07 -31.73 -38.52
CA TYR F 89 -17.11 -30.94 -37.81
C TYR F 89 -17.29 -31.27 -36.34
N GLN F 90 -16.20 -31.59 -35.69
CA GLN F 90 -16.21 -31.90 -34.30
C GLN F 90 -16.20 -30.59 -33.51
N ILE F 91 -17.21 -30.33 -32.70
CA ILE F 91 -17.24 -29.14 -31.88
C ILE F 91 -17.82 -29.52 -30.52
N ASP F 92 -16.97 -29.42 -29.51
CA ASP F 92 -17.38 -29.53 -28.15
C ASP F 92 -17.57 -28.07 -27.69
N VAL F 93 -18.82 -27.74 -27.33
CA VAL F 93 -19.19 -26.31 -27.06
C VAL F 93 -18.66 -25.87 -25.69
N GLN F 94 -17.97 -26.76 -24.96
CA GLN F 94 -17.30 -26.35 -23.73
C GLN F 94 -15.97 -25.64 -24.03
N SER F 95 -15.50 -25.78 -25.27
CA SER F 95 -14.23 -25.20 -25.71
C SER F 95 -14.49 -24.03 -26.68
N ASP F 96 -14.09 -22.82 -26.27
CA ASP F 96 -14.12 -21.67 -27.16
C ASP F 96 -13.40 -21.92 -28.48
N GLU F 97 -12.20 -22.50 -28.38
CA GLU F 97 -11.32 -22.75 -29.53
C GLU F 97 -12.06 -23.62 -30.56
N GLU F 98 -12.70 -24.69 -30.09
CA GLU F 98 -13.38 -25.61 -31.00
C GLU F 98 -14.57 -24.90 -31.67
N VAL F 99 -15.30 -24.08 -30.93
CA VAL F 99 -16.43 -23.34 -31.55
C VAL F 99 -15.87 -22.34 -32.57
N ILE F 100 -14.85 -21.53 -32.13
CA ILE F 100 -14.24 -20.53 -33.01
C ILE F 100 -13.67 -21.21 -34.26
N ASN F 101 -12.87 -22.24 -34.08
CA ASN F 101 -12.15 -22.88 -35.21
C ASN F 101 -13.12 -23.72 -36.05
N GLY F 102 -14.06 -24.41 -35.41
CA GLY F 102 -15.12 -25.16 -36.13
C GLY F 102 -15.86 -24.28 -37.15
N PHE F 103 -16.40 -23.16 -36.68
CA PHE F 103 -17.17 -22.26 -37.59
C PHE F 103 -16.24 -21.64 -38.62
N GLU F 104 -15.07 -21.23 -38.19
CA GLU F 104 -14.13 -20.67 -39.16
C GLU F 104 -13.88 -21.67 -40.30
N GLN F 105 -13.74 -22.95 -39.96
CA GLN F 105 -13.47 -23.98 -40.95
C GLN F 105 -14.73 -24.26 -41.80
N ILE F 106 -15.91 -24.24 -41.16
CA ILE F 106 -17.17 -24.37 -41.90
C ILE F 106 -17.23 -23.27 -42.99
N GLY F 107 -16.91 -22.05 -42.57
CA GLY F 107 -16.89 -20.94 -43.50
C GLY F 107 -15.95 -21.17 -44.68
N LYS F 108 -14.76 -21.71 -44.44
CA LYS F 108 -13.82 -21.97 -45.54
C LYS F 108 -14.34 -23.09 -46.45
N ASP F 109 -15.00 -24.06 -45.88
CA ASP F 109 -15.44 -25.22 -46.65
C ASP F 109 -16.75 -25.01 -47.46
N VAL F 110 -17.76 -24.32 -46.91
CA VAL F 110 -19.04 -24.13 -47.64
C VAL F 110 -19.39 -22.65 -47.84
N GLY F 111 -18.67 -21.72 -47.24
CA GLY F 111 -18.99 -20.29 -47.41
C GLY F 111 -19.98 -19.82 -46.36
N ASN F 112 -20.73 -18.77 -46.69
CA ASN F 112 -21.69 -18.15 -45.77
C ASN F 112 -22.86 -19.12 -45.56
N ILE F 113 -23.45 -19.05 -44.39
CA ILE F 113 -24.56 -19.90 -44.06
C ILE F 113 -25.81 -19.02 -43.86
N ASP F 114 -26.95 -19.69 -43.80
CA ASP F 114 -28.20 -19.06 -43.58
C ASP F 114 -28.74 -19.26 -42.18
N GLY F 115 -28.21 -20.22 -41.42
CA GLY F 115 -28.68 -20.35 -40.03
C GLY F 115 -28.10 -21.57 -39.32
N VAL F 116 -28.46 -21.69 -38.06
CA VAL F 116 -27.90 -22.67 -37.18
C VAL F 116 -29.06 -23.25 -36.36
N TYR F 117 -29.16 -24.60 -36.32
CA TYR F 117 -30.02 -25.30 -35.37
C TYR F 117 -29.19 -25.86 -34.22
N HIS F 118 -29.41 -25.34 -33.02
CA HIS F 118 -28.67 -25.74 -31.81
C HIS F 118 -29.54 -26.75 -31.03
N SER F 119 -29.05 -27.98 -30.90
CA SER F 119 -29.81 -29.05 -30.22
C SER F 119 -28.91 -29.69 -29.16
N ILE F 120 -28.37 -28.87 -28.24
CA ILE F 120 -27.29 -29.32 -27.34
C ILE F 120 -27.68 -28.98 -25.91
N ALA F 121 -27.65 -29.99 -25.07
CA ALA F 121 -27.73 -29.75 -23.65
C ALA F 121 -27.05 -30.88 -22.87
N PHE F 122 -26.74 -30.64 -21.60
CA PHE F 122 -26.22 -31.66 -20.74
C PHE F 122 -26.36 -31.23 -19.27
N ALA F 123 -26.68 -32.19 -18.43
CA ALA F 123 -26.51 -32.04 -17.00
C ALA F 123 -26.08 -33.40 -16.42
N ASN F 124 -25.52 -33.43 -15.25
CA ASN F 124 -25.18 -34.75 -14.64
C ASN F 124 -26.47 -35.45 -14.20
N MET F 125 -26.55 -36.77 -14.44
CA MET F 125 -27.67 -37.54 -13.98
C MET F 125 -27.85 -37.40 -12.47
N GLU F 126 -26.79 -37.31 -11.71
CA GLU F 126 -26.92 -37.14 -10.25
C GLU F 126 -27.92 -36.00 -9.99
N ASP F 127 -27.77 -34.88 -10.70
CA ASP F 127 -28.64 -33.73 -10.44
C ASP F 127 -30.07 -33.77 -11.12
N LEU F 128 -30.55 -34.83 -11.80
CA LEU F 128 -31.85 -34.81 -12.59
C LEU F 128 -33.00 -35.68 -11.99
N ARG F 129 -33.04 -35.63 -10.66
CA ARG F 129 -33.91 -36.55 -9.85
C ARG F 129 -33.71 -36.25 -8.38
N GLY F 130 -32.46 -35.92 -8.00
CA GLY F 130 -32.22 -35.50 -6.66
C GLY F 130 -33.37 -34.60 -6.14
N ARG F 131 -33.10 -33.97 -5.05
CA ARG F 131 -33.78 -32.78 -4.66
C ARG F 131 -33.03 -31.68 -5.38
N PHE F 132 -33.75 -30.72 -5.94
CA PHE F 132 -33.08 -29.67 -6.64
C PHE F 132 -32.21 -28.88 -5.64
N SER F 133 -32.65 -28.76 -4.40
CA SER F 133 -31.91 -27.97 -3.44
C SER F 133 -30.53 -28.57 -3.11
N GLU F 134 -30.26 -29.82 -3.46
CA GLU F 134 -28.98 -30.48 -3.20
C GLU F 134 -28.07 -30.36 -4.43
N THR F 135 -28.47 -29.66 -5.48
CA THR F 135 -27.59 -29.50 -6.64
C THR F 135 -26.22 -28.88 -6.21
N SER F 136 -25.15 -29.48 -6.72
CA SER F 136 -23.76 -29.01 -6.61
C SER F 136 -23.51 -27.78 -7.54
N ARG F 137 -22.58 -26.90 -7.11
CA ARG F 137 -22.12 -25.76 -7.89
C ARG F 137 -21.58 -26.23 -9.23
N GLU F 138 -20.82 -27.27 -9.20
CA GLU F 138 -20.16 -27.77 -10.41
C GLU F 138 -21.25 -28.29 -11.37
N GLY F 139 -22.25 -28.99 -10.83
CA GLY F 139 -23.32 -29.52 -11.67
C GLY F 139 -24.16 -28.41 -12.31
N PHE F 140 -24.49 -27.41 -11.50
CA PHE F 140 -25.25 -26.25 -11.92
C PHE F 140 -24.50 -25.51 -13.04
N LEU F 141 -23.20 -25.26 -12.85
CA LEU F 141 -22.51 -24.44 -13.82
C LEU F 141 -22.23 -25.21 -15.10
N LEU F 142 -22.05 -26.53 -14.96
CA LEU F 142 -21.87 -27.42 -16.14
C LEU F 142 -23.13 -27.33 -17.03
N ALA F 143 -24.29 -27.41 -16.39
CA ALA F 143 -25.52 -27.39 -17.15
C ALA F 143 -25.67 -26.01 -17.84
N GLN F 144 -25.36 -24.93 -17.14
CA GLN F 144 -25.39 -23.54 -17.77
C GLN F 144 -24.38 -23.44 -18.93
N ASP F 145 -23.19 -23.99 -18.74
CA ASP F 145 -22.16 -23.86 -19.69
C ASP F 145 -22.61 -24.53 -20.98
N ILE F 146 -23.04 -25.80 -20.91
CA ILE F 146 -23.29 -26.57 -22.14
C ILE F 146 -24.66 -26.19 -22.74
N SER F 147 -25.64 -25.96 -21.88
CA SER F 147 -27.02 -25.90 -22.26
C SER F 147 -27.48 -24.45 -22.57
N SER F 148 -26.74 -23.43 -22.11
CA SER F 148 -27.14 -22.05 -22.30
C SER F 148 -26.00 -21.25 -22.94
N TYR F 149 -24.88 -21.12 -22.23
CA TYR F 149 -23.77 -20.32 -22.76
C TYR F 149 -23.38 -20.76 -24.18
N SER F 150 -23.36 -22.07 -24.45
CA SER F 150 -23.00 -22.53 -25.80
C SER F 150 -23.76 -21.73 -26.87
N LEU F 151 -25.00 -21.34 -26.62
CA LEU F 151 -25.76 -20.60 -27.69
C LEU F 151 -25.12 -19.23 -27.96
N THR F 152 -24.73 -18.54 -26.91
CA THR F 152 -24.15 -17.23 -27.04
C THR F 152 -22.88 -17.26 -27.91
N ILE F 153 -21.95 -18.18 -27.60
CA ILE F 153 -20.70 -18.23 -28.33
C ILE F 153 -20.94 -18.81 -29.72
N VAL F 154 -21.84 -19.77 -29.88
CA VAL F 154 -22.17 -20.26 -31.23
C VAL F 154 -22.69 -19.11 -32.09
N ALA F 155 -23.59 -18.30 -31.50
CA ALA F 155 -24.18 -17.12 -32.18
C ALA F 155 -23.11 -16.12 -32.60
N HIS F 156 -22.19 -15.81 -31.67
CA HIS F 156 -21.09 -14.88 -31.97
C HIS F 156 -20.27 -15.37 -33.16
N GLU F 157 -20.00 -16.68 -33.24
CA GLU F 157 -19.11 -17.19 -34.27
C GLU F 157 -19.91 -17.41 -35.56
N ALA F 158 -21.16 -17.85 -35.44
CA ALA F 158 -22.02 -18.06 -36.64
C ALA F 158 -22.32 -16.74 -37.36
N LYS F 159 -22.50 -15.67 -36.60
CA LYS F 159 -22.77 -14.29 -37.14
C LYS F 159 -21.77 -13.90 -38.25
N LYS F 160 -20.51 -14.32 -38.08
CA LYS F 160 -19.45 -14.01 -39.02
C LYS F 160 -19.71 -14.65 -40.38
N LEU F 161 -20.54 -15.67 -40.44
CA LEU F 161 -20.88 -16.38 -41.70
C LEU F 161 -22.28 -15.98 -42.20
N MET F 162 -22.89 -14.98 -41.58
CA MET F 162 -24.24 -14.50 -41.96
C MET F 162 -24.20 -12.99 -42.17
N PRO F 163 -23.34 -12.53 -43.10
CA PRO F 163 -23.13 -11.10 -43.27
C PRO F 163 -24.41 -10.37 -43.71
N GLU F 164 -25.28 -11.06 -44.45
CA GLU F 164 -26.58 -10.52 -44.91
C GLU F 164 -27.75 -11.02 -44.06
N GLY F 165 -27.51 -11.56 -42.88
CA GLY F 165 -28.57 -12.04 -41.99
C GLY F 165 -28.69 -13.56 -42.00
N GLY F 166 -29.49 -14.06 -41.07
CA GLY F 166 -29.93 -15.43 -41.02
C GLY F 166 -30.81 -15.71 -39.80
N SER F 167 -30.83 -17.00 -39.40
CA SER F 167 -31.72 -17.49 -38.33
C SER F 167 -31.00 -18.53 -37.46
N ILE F 168 -31.11 -18.33 -36.16
CA ILE F 168 -30.60 -19.25 -35.21
C ILE F 168 -31.77 -19.79 -34.35
N VAL F 169 -31.88 -21.15 -34.21
CA VAL F 169 -32.94 -21.75 -33.41
C VAL F 169 -32.30 -22.66 -32.33
N ALA F 170 -32.72 -22.52 -31.06
CA ALA F 170 -32.29 -23.43 -29.97
C ALA F 170 -33.48 -24.29 -29.50
N THR F 171 -33.17 -25.45 -28.85
CA THR F 171 -34.21 -26.36 -28.42
C THR F 171 -34.36 -26.24 -26.90
N THR F 172 -35.59 -25.94 -26.44
CA THR F 172 -35.87 -25.85 -24.99
C THR F 172 -37.04 -26.78 -24.59
N TYR F 173 -37.43 -26.71 -23.35
CA TYR F 173 -38.53 -27.52 -22.83
C TYR F 173 -39.25 -26.69 -21.78
N LEU F 174 -40.55 -26.94 -21.67
CA LEU F 174 -41.46 -26.31 -20.78
C LEU F 174 -40.91 -26.18 -19.37
N GLY F 175 -39.99 -27.06 -18.96
CA GLY F 175 -39.36 -26.97 -17.58
C GLY F 175 -38.48 -25.76 -17.38
N GLY F 176 -38.17 -25.03 -18.45
CA GLY F 176 -37.53 -23.67 -18.32
C GLY F 176 -38.51 -22.56 -17.94
N GLU F 177 -39.82 -22.78 -18.12
CA GLU F 177 -40.90 -21.78 -17.79
C GLU F 177 -41.64 -22.15 -16.49
N PHE F 178 -41.71 -23.44 -16.15
CA PHE F 178 -42.34 -23.91 -14.90
C PHE F 178 -41.45 -24.95 -14.22
N ALA F 179 -41.63 -25.10 -12.91
CA ALA F 179 -40.90 -26.16 -12.26
C ALA F 179 -41.62 -27.48 -12.54
N VAL F 180 -41.01 -28.34 -13.35
CA VAL F 180 -41.42 -29.68 -13.65
C VAL F 180 -40.63 -30.67 -12.77
N GLN F 181 -41.27 -31.51 -11.95
CA GLN F 181 -40.62 -32.54 -11.15
C GLN F 181 -39.56 -33.29 -11.97
N ASN F 182 -38.37 -33.47 -11.34
CA ASN F 182 -37.20 -34.21 -11.86
C ASN F 182 -36.39 -33.42 -12.88
N TYR F 183 -36.87 -32.35 -13.46
CA TYR F 183 -36.07 -31.73 -14.50
C TYR F 183 -35.02 -30.83 -13.84
N ASN F 184 -35.34 -30.34 -12.65
CA ASN F 184 -34.38 -29.78 -11.68
C ASN F 184 -33.37 -28.85 -12.37
N VAL F 185 -32.09 -29.18 -12.33
CA VAL F 185 -31.01 -28.28 -12.76
C VAL F 185 -31.18 -27.98 -14.25
N MET F 186 -31.67 -28.90 -15.03
CA MET F 186 -31.83 -28.61 -16.48
C MET F 186 -32.94 -27.54 -16.72
N GLY F 187 -33.90 -27.47 -15.82
CA GLY F 187 -34.95 -26.46 -15.89
C GLY F 187 -34.37 -25.06 -15.75
N VAL F 188 -33.44 -24.88 -14.78
CA VAL F 188 -32.81 -23.57 -14.56
C VAL F 188 -31.93 -23.26 -15.75
N ALA F 189 -31.30 -24.27 -16.34
CA ALA F 189 -30.49 -24.05 -17.54
C ALA F 189 -31.39 -23.64 -18.71
N LYS F 190 -32.59 -24.19 -18.81
CA LYS F 190 -33.47 -23.85 -19.97
C LYS F 190 -34.05 -22.46 -19.73
N ALA F 191 -34.27 -22.07 -18.46
CA ALA F 191 -34.70 -20.73 -18.20
C ALA F 191 -33.62 -19.75 -18.70
N SER F 192 -32.38 -20.03 -18.35
CA SER F 192 -31.21 -19.30 -18.82
C SER F 192 -31.19 -19.31 -20.36
N LEU F 193 -31.34 -20.48 -20.99
CA LEU F 193 -31.33 -20.54 -22.46
C LEU F 193 -32.44 -19.63 -23.09
N GLU F 194 -33.57 -19.60 -22.48
CA GLU F 194 -34.69 -18.91 -23.10
C GLU F 194 -34.42 -17.36 -23.04
N ALA F 195 -33.92 -16.86 -21.91
CA ALA F 195 -33.44 -15.47 -21.74
C ALA F 195 -32.31 -15.19 -22.73
N ASN F 196 -31.43 -16.16 -22.91
CA ASN F 196 -30.30 -16.10 -23.89
C ASN F 196 -30.83 -15.79 -25.29
N VAL F 197 -31.92 -16.47 -25.69
CA VAL F 197 -32.50 -16.29 -27.03
C VAL F 197 -33.02 -14.83 -27.18
N LYS F 198 -33.65 -14.34 -26.14
CA LYS F 198 -34.22 -12.98 -26.14
C LYS F 198 -33.09 -11.91 -26.19
N TYR F 199 -32.05 -12.03 -25.35
CA TYR F 199 -30.93 -11.09 -25.35
C TYR F 199 -30.19 -11.21 -26.67
N LEU F 200 -30.02 -12.40 -27.19
CA LEU F 200 -29.38 -12.55 -28.52
C LEU F 200 -30.24 -11.93 -29.63
N ALA F 201 -31.52 -12.15 -29.54
CA ALA F 201 -32.49 -11.55 -30.55
C ALA F 201 -32.34 -10.03 -30.59
N LEU F 202 -32.29 -9.44 -29.41
CA LEU F 202 -32.21 -7.99 -29.27
C LEU F 202 -30.89 -7.49 -29.87
N ASP F 203 -29.80 -8.18 -29.51
CA ASP F 203 -28.44 -7.80 -29.92
C ASP F 203 -28.22 -8.00 -31.40
N LEU F 204 -28.65 -9.10 -31.97
CA LEU F 204 -28.35 -9.45 -33.37
C LEU F 204 -29.46 -9.01 -34.35
N GLY F 205 -30.61 -8.58 -33.82
CA GLY F 205 -31.69 -8.03 -34.63
C GLY F 205 -31.22 -7.04 -35.68
N PRO F 206 -30.45 -6.04 -35.26
CA PRO F 206 -29.98 -5.02 -36.22
C PRO F 206 -29.10 -5.58 -37.34
N ASP F 207 -28.55 -6.75 -37.11
CA ASP F 207 -27.80 -7.47 -38.13
C ASP F 207 -28.68 -8.35 -39.01
N ASN F 208 -30.02 -8.34 -38.77
CA ASN F 208 -30.99 -9.17 -39.51
C ASN F 208 -30.74 -10.67 -39.26
N ILE F 209 -30.36 -10.97 -38.02
CA ILE F 209 -30.23 -12.33 -37.56
C ILE F 209 -31.34 -12.55 -36.53
N ARG F 210 -32.24 -13.45 -36.86
CA ARG F 210 -33.34 -13.76 -35.92
C ARG F 210 -32.91 -14.89 -34.98
N VAL F 211 -33.34 -14.85 -33.73
CA VAL F 211 -33.04 -15.88 -32.78
C VAL F 211 -34.33 -16.30 -32.08
N ASN F 212 -34.59 -17.61 -32.10
CA ASN F 212 -35.83 -18.16 -31.55
C ASN F 212 -35.55 -19.53 -30.91
N ALA F 213 -36.50 -20.04 -30.16
CA ALA F 213 -36.51 -21.33 -29.50
C ALA F 213 -37.70 -22.17 -29.97
N ILE F 214 -37.52 -23.47 -30.01
CA ILE F 214 -38.62 -24.42 -30.06
C ILE F 214 -38.69 -25.11 -28.71
N SER F 215 -39.86 -25.11 -28.09
CA SER F 215 -40.10 -25.81 -26.85
C SER F 215 -40.78 -27.14 -27.22
N ALA F 216 -39.99 -28.18 -27.33
CA ALA F 216 -40.43 -29.49 -27.76
C ALA F 216 -41.05 -30.21 -26.58
N GLY F 217 -42.12 -30.91 -26.88
CA GLY F 217 -42.67 -31.84 -25.94
C GLY F 217 -41.71 -33.03 -25.70
N PRO F 218 -42.02 -33.86 -24.71
CA PRO F 218 -41.07 -34.96 -24.46
C PRO F 218 -41.05 -35.95 -25.64
N ILE F 219 -39.85 -36.35 -26.05
CA ILE F 219 -39.58 -37.26 -27.15
C ILE F 219 -38.58 -38.32 -26.68
N ARG F 220 -38.81 -39.59 -27.03
CA ARG F 220 -37.93 -40.66 -26.64
C ARG F 220 -36.60 -40.51 -27.36
N THR F 221 -35.62 -39.99 -26.65
CA THR F 221 -34.22 -39.86 -27.16
C THR F 221 -33.24 -40.52 -26.14
N LEU F 222 -32.00 -40.63 -26.57
CA LEU F 222 -30.91 -41.12 -25.69
C LEU F 222 -30.77 -40.18 -24.46
N SER F 223 -30.78 -38.87 -24.65
CA SER F 223 -30.71 -37.96 -23.49
C SER F 223 -31.95 -38.04 -22.57
N ALA F 224 -33.13 -38.32 -23.10
CA ALA F 224 -34.36 -38.59 -22.25
C ALA F 224 -34.08 -39.64 -21.17
N LYS F 225 -33.19 -40.58 -21.44
CA LYS F 225 -32.93 -41.61 -20.42
C LYS F 225 -32.31 -41.00 -19.17
N GLY F 226 -31.74 -39.82 -19.26
CA GLY F 226 -31.15 -39.20 -18.09
C GLY F 226 -32.15 -38.54 -17.15
N VAL F 227 -33.40 -38.40 -17.56
CA VAL F 227 -34.32 -37.65 -16.77
C VAL F 227 -35.23 -38.62 -16.02
N GLY F 228 -35.23 -38.57 -14.71
CA GLY F 228 -36.22 -39.36 -13.96
C GLY F 228 -37.65 -39.05 -14.38
N GLY F 229 -38.51 -40.04 -14.31
CA GLY F 229 -39.95 -39.88 -14.50
C GLY F 229 -40.33 -39.55 -15.94
N PHE F 230 -39.44 -39.81 -16.90
CA PHE F 230 -39.71 -39.45 -18.25
C PHE F 230 -40.95 -40.18 -18.82
N ASN F 231 -41.09 -41.45 -18.58
CA ASN F 231 -42.23 -42.21 -19.08
C ASN F 231 -43.55 -41.69 -18.49
N THR F 232 -43.57 -41.34 -17.21
CA THR F 232 -44.77 -40.78 -16.55
C THR F 232 -45.25 -39.53 -17.29
N ILE F 233 -44.32 -38.68 -17.76
CA ILE F 233 -44.64 -37.41 -18.45
C ILE F 233 -45.17 -37.71 -19.85
N LEU F 234 -44.54 -38.58 -20.60
CA LEU F 234 -45.04 -38.98 -21.91
C LEU F 234 -46.52 -39.33 -21.80
N LYS F 235 -46.86 -40.12 -20.78
CA LYS F 235 -48.20 -40.64 -20.74
C LYS F 235 -49.15 -39.52 -20.26
N GLU F 236 -48.76 -38.68 -19.33
CA GLU F 236 -49.66 -37.58 -18.98
C GLU F 236 -49.93 -36.65 -20.19
N ILE F 237 -48.97 -36.45 -21.09
CA ILE F 237 -49.22 -35.68 -22.32
C ILE F 237 -50.39 -36.31 -23.11
N GLU F 238 -50.35 -37.65 -23.25
CA GLU F 238 -51.32 -38.34 -24.06
C GLU F 238 -52.71 -38.12 -23.47
N GLU F 239 -52.81 -38.01 -22.16
CA GLU F 239 -54.13 -37.99 -21.52
C GLU F 239 -54.68 -36.56 -21.41
N ARG F 240 -53.80 -35.57 -21.34
CA ARG F 240 -54.18 -34.22 -20.95
C ARG F 240 -53.89 -33.17 -22.05
N ALA F 241 -52.79 -33.29 -22.79
CA ALA F 241 -52.54 -32.31 -23.84
C ALA F 241 -53.72 -32.27 -24.81
N PRO F 242 -54.01 -31.06 -25.34
CA PRO F 242 -55.12 -30.81 -26.27
C PRO F 242 -55.20 -31.85 -27.41
N LEU F 243 -54.05 -32.18 -28.05
CA LEU F 243 -54.13 -33.10 -29.15
C LEU F 243 -54.06 -34.56 -28.62
N LYS F 244 -53.97 -34.77 -27.32
CA LYS F 244 -54.10 -36.17 -26.77
C LYS F 244 -53.10 -37.14 -27.45
N ARG F 245 -51.90 -36.68 -27.68
CA ARG F 245 -50.85 -37.46 -28.30
C ARG F 245 -49.54 -36.64 -28.09
N ASN F 246 -48.46 -37.33 -28.29
CA ASN F 246 -47.16 -36.79 -28.11
C ASN F 246 -46.67 -36.37 -29.49
N VAL F 247 -45.59 -35.59 -29.51
CA VAL F 247 -45.05 -35.09 -30.78
C VAL F 247 -43.84 -35.94 -31.12
N ASP F 248 -43.37 -35.80 -32.34
CA ASP F 248 -42.15 -36.40 -32.69
C ASP F 248 -41.11 -35.41 -33.27
N GLN F 249 -39.94 -35.97 -33.59
CA GLN F 249 -38.77 -35.22 -33.96
C GLN F 249 -39.03 -34.48 -35.27
N VAL F 250 -39.71 -35.14 -36.19
CA VAL F 250 -40.08 -34.56 -37.47
C VAL F 250 -41.03 -33.33 -37.27
N GLU F 251 -41.90 -33.39 -36.28
CA GLU F 251 -42.75 -32.25 -35.99
C GLU F 251 -41.91 -31.05 -35.56
N VAL F 252 -40.88 -31.32 -34.72
CA VAL F 252 -39.97 -30.28 -34.32
C VAL F 252 -39.28 -29.75 -35.58
N GLY F 253 -38.83 -30.65 -36.42
CA GLY F 253 -38.17 -30.29 -37.67
C GLY F 253 -39.01 -29.37 -38.55
N LYS F 254 -40.32 -29.58 -38.60
CA LYS F 254 -41.16 -28.77 -39.52
C LYS F 254 -41.25 -27.33 -39.00
N THR F 255 -41.37 -27.11 -37.69
CA THR F 255 -41.36 -25.82 -37.10
C THR F 255 -39.98 -25.19 -37.22
N ALA F 256 -38.89 -25.98 -37.07
CA ALA F 256 -37.57 -25.48 -37.32
C ALA F 256 -37.43 -24.94 -38.75
N ALA F 257 -37.97 -25.64 -39.75
CA ALA F 257 -37.88 -25.15 -41.11
C ALA F 257 -38.64 -23.80 -41.23
N TYR F 258 -39.74 -23.65 -40.50
CA TYR F 258 -40.42 -22.41 -40.50
C TYR F 258 -39.45 -21.35 -39.96
N LEU F 259 -38.91 -21.60 -38.79
CA LEU F 259 -38.11 -20.63 -38.07
C LEU F 259 -36.82 -20.30 -38.82
N LEU F 260 -36.33 -21.18 -39.65
CA LEU F 260 -35.02 -21.02 -40.31
C LEU F 260 -35.20 -20.45 -41.71
N SER F 261 -36.43 -20.28 -42.15
CA SER F 261 -36.74 -19.83 -43.48
C SER F 261 -37.35 -18.43 -43.42
N ASP F 262 -37.51 -17.84 -44.58
CA ASP F 262 -38.13 -16.51 -44.71
C ASP F 262 -39.64 -16.59 -44.29
N LEU F 263 -40.23 -17.77 -44.06
CA LEU F 263 -41.61 -17.80 -43.65
C LEU F 263 -41.78 -17.03 -42.33
N SER F 264 -40.74 -17.01 -41.53
CA SER F 264 -40.85 -16.46 -40.18
C SER F 264 -40.15 -15.09 -40.09
N SER F 265 -40.07 -14.36 -41.21
N SER F 265 -40.13 -14.32 -41.18
CA SER F 265 -39.53 -13.00 -41.22
CA SER F 265 -39.29 -13.07 -41.26
C SER F 265 -40.46 -12.16 -40.32
C SER F 265 -39.62 -11.99 -40.18
N GLY F 266 -39.89 -11.45 -39.39
N GLY F 266 -40.83 -11.85 -39.64
CA GLY F 266 -40.76 -10.76 -38.49
CA GLY F 266 -41.02 -10.87 -38.59
C GLY F 266 -40.86 -11.43 -37.14
C GLY F 266 -40.90 -11.44 -37.18
N VAL F 267 -40.42 -12.70 -37.03
CA VAL F 267 -40.49 -13.42 -35.78
C VAL F 267 -39.09 -13.57 -35.20
N THR F 268 -38.92 -13.05 -33.99
CA THR F 268 -37.60 -13.18 -33.33
C THR F 268 -37.84 -13.02 -31.83
N GLY F 269 -37.01 -13.63 -31.04
CA GLY F 269 -37.14 -13.64 -29.60
C GLY F 269 -38.31 -14.52 -29.19
N GLU F 270 -38.82 -15.34 -30.10
CA GLU F 270 -40.02 -16.14 -29.81
C GLU F 270 -39.63 -17.59 -29.38
N ASN F 271 -40.57 -18.22 -28.64
CA ASN F 271 -40.48 -19.59 -28.09
C ASN F 271 -41.68 -20.35 -28.66
N ILE F 272 -41.56 -21.15 -29.72
CA ILE F 272 -42.69 -21.84 -30.23
C ILE F 272 -42.83 -23.21 -29.58
N HIS F 273 -43.99 -23.46 -28.99
CA HIS F 273 -44.25 -24.73 -28.33
C HIS F 273 -44.73 -25.78 -29.33
N VAL F 274 -43.91 -26.84 -29.50
CA VAL F 274 -44.28 -27.98 -30.35
C VAL F 274 -44.53 -29.19 -29.44
N ASP F 275 -45.69 -29.17 -28.78
CA ASP F 275 -45.96 -30.00 -27.66
C ASP F 275 -47.41 -30.40 -27.51
N SER F 276 -48.15 -30.56 -28.60
CA SER F 276 -49.56 -30.90 -28.53
C SER F 276 -50.46 -29.95 -27.70
N GLY F 277 -50.01 -28.75 -27.46
CA GLY F 277 -50.77 -27.73 -26.72
C GLY F 277 -50.59 -27.82 -25.21
N PHE F 278 -49.67 -28.66 -24.71
CA PHE F 278 -49.60 -28.94 -23.28
C PHE F 278 -49.24 -27.65 -22.54
N HIS F 279 -48.42 -26.79 -23.14
CA HIS F 279 -48.10 -25.47 -22.54
C HIS F 279 -49.38 -24.66 -22.24
N ALA F 280 -50.48 -24.88 -22.94
CA ALA F 280 -51.62 -23.94 -22.85
C ALA F 280 -52.61 -24.39 -21.79
N ILE F 281 -52.34 -25.53 -21.12
CA ILE F 281 -53.30 -26.01 -20.18
C ILE F 281 -52.74 -26.06 -18.76
N LYS F 282 -53.68 -26.24 -17.90
CA LYS F 282 -53.49 -26.51 -16.53
C LYS F 282 -54.63 -27.41 -16.00
N ASN G 29 28.42 -12.11 60.71
CA ASN G 29 27.19 -11.53 61.30
C ASN G 29 26.35 -10.84 60.22
N LEU G 30 25.10 -11.26 60.11
CA LEU G 30 24.18 -10.61 59.21
C LEU G 30 23.13 -9.82 60.00
N GLU G 31 23.39 -9.40 61.23
CA GLU G 31 22.52 -8.45 61.91
C GLU G 31 22.41 -7.14 61.10
N ASN G 32 21.25 -6.49 61.13
CA ASN G 32 21.02 -5.25 60.37
C ASN G 32 20.97 -5.51 58.87
N LYS G 33 20.99 -6.75 58.43
CA LYS G 33 20.78 -7.08 57.03
C LYS G 33 19.34 -7.59 56.82
N THR G 34 18.83 -7.44 55.59
CA THR G 34 17.51 -7.90 55.26
C THR G 34 17.57 -8.64 53.93
N TYR G 35 16.98 -9.85 53.88
CA TYR G 35 17.05 -10.65 52.67
C TYR G 35 15.63 -11.09 52.30
N VAL G 36 15.35 -11.14 51.02
CA VAL G 36 14.10 -11.68 50.54
C VAL G 36 14.37 -13.11 50.08
N ILE G 37 13.63 -14.08 50.63
CA ILE G 37 13.78 -15.48 50.19
C ILE G 37 12.51 -15.89 49.45
N MET G 38 12.70 -16.27 48.19
CA MET G 38 11.63 -16.65 47.32
C MET G 38 11.64 -18.18 47.10
N GLY G 39 10.57 -18.87 47.50
CA GLY G 39 10.36 -20.28 47.01
C GLY G 39 10.34 -21.34 48.10
N ILE G 40 10.04 -20.97 49.33
CA ILE G 40 9.75 -21.98 50.35
C ILE G 40 8.34 -22.54 50.13
N ALA G 41 8.21 -23.87 50.00
CA ALA G 41 6.87 -24.59 49.99
C ALA G 41 6.65 -25.40 51.29
N ASN G 42 7.73 -25.93 51.88
CA ASN G 42 7.61 -26.73 53.12
C ASN G 42 8.99 -26.82 53.81
N LYS G 43 9.06 -27.56 54.92
CA LYS G 43 10.28 -27.69 55.69
C LYS G 43 11.43 -28.34 54.89
N ARG G 44 11.19 -29.07 53.80
CA ARG G 44 12.25 -29.71 53.01
C ARG G 44 12.75 -28.80 51.87
N SER G 45 12.13 -27.64 51.69
CA SER G 45 12.54 -26.74 50.61
C SER G 45 14.00 -26.30 50.79
N ILE G 46 14.78 -26.31 49.72
CA ILE G 46 16.18 -25.69 49.73
C ILE G 46 16.14 -24.30 50.35
N ALA G 47 15.14 -23.50 49.98
CA ALA G 47 15.05 -22.13 50.49
C ALA G 47 14.81 -22.10 52.01
N PHE G 48 14.24 -23.13 52.58
CA PHE G 48 14.10 -23.14 54.05
C PHE G 48 15.46 -23.46 54.70
N GLY G 49 16.33 -24.21 54.03
CA GLY G 49 17.73 -24.34 54.49
C GLY G 49 18.41 -22.97 54.56
N VAL G 50 18.31 -22.24 53.45
CA VAL G 50 18.78 -20.88 53.37
C VAL G 50 18.20 -20.08 54.52
N ALA G 51 16.89 -20.13 54.71
CA ALA G 51 16.27 -19.32 55.73
C ALA G 51 16.84 -19.64 57.11
N LYS G 52 17.01 -20.91 57.43
CA LYS G 52 17.46 -21.31 58.80
C LYS G 52 18.89 -20.80 59.05
N VAL G 53 19.73 -20.84 58.01
CA VAL G 53 21.11 -20.37 58.17
C VAL G 53 21.10 -18.84 58.35
N LEU G 54 20.40 -18.11 57.46
CA LEU G 54 20.40 -16.62 57.51
C LEU G 54 19.76 -16.17 58.81
N ASP G 55 18.68 -16.83 59.23
CA ASP G 55 17.99 -16.50 60.47
C ASP G 55 18.90 -16.67 61.66
N GLN G 56 19.62 -17.79 61.67
CA GLN G 56 20.55 -18.14 62.73
C GLN G 56 21.70 -17.11 62.80
N LEU G 57 22.06 -16.50 61.68
CA LEU G 57 23.11 -15.48 61.64
C LEU G 57 22.56 -14.07 61.90
N GLY G 58 21.27 -13.92 62.25
CA GLY G 58 20.74 -12.61 62.68
C GLY G 58 20.12 -11.79 61.56
N ALA G 59 19.99 -12.31 60.35
CA ALA G 59 19.33 -11.53 59.27
C ALA G 59 17.85 -11.31 59.59
N LYS G 60 17.32 -10.20 59.07
CA LYS G 60 15.90 -10.05 58.94
C LYS G 60 15.51 -10.66 57.60
N LEU G 61 14.41 -11.41 57.62
CA LEU G 61 13.99 -12.20 56.46
C LEU G 61 12.55 -11.84 56.05
N VAL G 62 12.35 -11.89 54.75
CA VAL G 62 11.11 -11.59 54.11
C VAL G 62 10.87 -12.75 53.14
N PHE G 63 9.68 -13.32 53.12
CA PHE G 63 9.39 -14.51 52.34
C PHE G 63 8.35 -14.25 51.26
N THR G 64 8.52 -14.86 50.09
CA THR G 64 7.50 -14.80 49.08
C THR G 64 7.07 -16.23 48.69
N TYR G 65 5.79 -16.37 48.33
CA TYR G 65 5.19 -17.69 48.05
C TYR G 65 4.22 -17.55 46.87
N ARG G 66 3.89 -18.67 46.18
CA ARG G 66 2.88 -18.66 45.13
C ARG G 66 1.51 -19.10 45.68
N LYS G 67 1.44 -20.34 46.14
CA LYS G 67 0.14 -20.98 46.49
C LYS G 67 -0.19 -20.68 47.96
N GLU G 68 -1.47 -20.63 48.22
CA GLU G 68 -1.98 -20.36 49.54
C GLU G 68 -1.43 -21.40 50.53
N ARG G 69 -1.30 -22.65 50.09
CA ARG G 69 -0.75 -23.72 50.93
C ARG G 69 0.68 -23.36 51.39
N SER G 70 1.49 -22.79 50.47
CA SER G 70 2.86 -22.42 50.86
C SER G 70 2.81 -21.32 51.95
N ARG G 71 1.87 -20.36 51.90
CA ARG G 71 1.74 -19.35 53.00
C ARG G 71 1.45 -20.08 54.31
N LYS G 72 0.51 -21.02 54.30
CA LYS G 72 0.18 -21.79 55.53
C LYS G 72 1.43 -22.48 56.09
N GLU G 73 2.18 -23.17 55.23
CA GLU G 73 3.43 -23.82 55.64
C GLU G 73 4.38 -22.76 56.23
N LEU G 74 4.48 -21.59 55.57
CA LEU G 74 5.38 -20.55 56.03
C LEU G 74 4.97 -20.06 57.42
N GLU G 75 3.68 -19.84 57.65
CA GLU G 75 3.28 -19.29 58.95
C GLU G 75 3.67 -20.26 60.06
N LYS G 76 3.58 -21.58 59.78
CA LYS G 76 3.93 -22.65 60.73
C LYS G 76 5.46 -22.77 60.88
N LEU G 77 6.19 -22.73 59.76
CA LEU G 77 7.65 -22.82 59.81
C LEU G 77 8.29 -21.59 60.47
N LEU G 78 7.68 -20.42 60.37
CA LEU G 78 8.27 -19.23 61.01
C LEU G 78 8.34 -19.38 62.53
N GLU G 79 7.56 -20.28 63.09
CA GLU G 79 7.60 -20.54 64.54
C GLU G 79 8.95 -21.11 64.95
N GLN G 80 9.63 -21.84 64.05
CA GLN G 80 11.00 -22.43 64.27
C GLN G 80 12.11 -21.37 64.14
N LEU G 81 11.92 -20.33 63.34
CA LEU G 81 12.94 -19.23 63.20
C LEU G 81 12.82 -18.23 64.35
N ASN G 82 13.78 -17.35 64.45
CA ASN G 82 13.83 -16.36 65.51
C ASN G 82 13.25 -15.04 65.01
N GLN G 83 12.84 -14.98 63.74
CA GLN G 83 12.21 -13.78 63.17
C GLN G 83 11.06 -13.33 64.07
N PRO G 84 11.12 -12.08 64.55
CA PRO G 84 10.04 -11.60 65.44
C PRO G 84 8.81 -11.06 64.67
N GLU G 85 8.84 -11.05 63.34
CA GLU G 85 7.74 -10.61 62.51
C GLU G 85 7.75 -11.43 61.22
N ALA G 86 6.58 -11.97 60.88
CA ALA G 86 6.40 -12.63 59.60
C ALA G 86 6.23 -11.56 58.51
N HIS G 87 7.12 -11.51 57.54
CA HIS G 87 6.90 -10.67 56.39
C HIS G 87 6.65 -11.60 55.19
N LEU G 88 5.38 -11.82 54.85
CA LEU G 88 5.00 -12.80 53.81
C LEU G 88 4.32 -12.07 52.63
N TYR G 89 4.69 -12.39 51.40
CA TYR G 89 4.17 -11.67 50.26
C TYR G 89 3.90 -12.72 49.19
N GLN G 90 2.72 -12.68 48.61
CA GLN G 90 2.38 -13.60 47.57
C GLN G 90 2.95 -13.07 46.25
N ILE G 91 3.81 -13.83 45.60
CA ILE G 91 4.32 -13.44 44.29
C ILE G 91 4.39 -14.68 43.42
N ASP G 92 3.58 -14.70 42.38
CA ASP G 92 3.70 -15.65 41.32
C ASP G 92 4.54 -14.94 40.23
N VAL G 93 5.72 -15.49 39.95
CA VAL G 93 6.72 -14.84 39.08
C VAL G 93 6.31 -14.95 37.60
N GLN G 94 5.17 -15.59 37.30
CA GLN G 94 4.61 -15.55 35.95
C GLN G 94 3.91 -14.21 35.67
N SER G 95 3.63 -13.45 36.72
CA SER G 95 2.96 -12.17 36.63
C SER G 95 3.93 -11.03 36.96
N ASP G 96 4.21 -10.20 35.98
CA ASP G 96 4.99 -8.96 36.19
C ASP G 96 4.40 -8.10 37.31
N GLU G 97 3.08 -7.91 37.30
CA GLU G 97 2.38 -7.09 38.29
C GLU G 97 2.69 -7.56 39.70
N GLU G 98 2.59 -8.85 39.92
CA GLU G 98 2.80 -9.40 41.27
C GLU G 98 4.27 -9.19 41.69
N VAL G 99 5.20 -9.36 40.76
CA VAL G 99 6.62 -9.16 41.10
C VAL G 99 6.85 -7.67 41.39
N ILE G 100 6.35 -6.79 40.48
CA ILE G 100 6.51 -5.35 40.62
C ILE G 100 5.89 -4.90 41.94
N ASN G 101 4.63 -5.28 42.18
CA ASN G 101 3.88 -4.79 43.35
C ASN G 101 4.38 -5.45 44.64
N GLY G 102 4.72 -6.74 44.58
CA GLY G 102 5.33 -7.45 45.72
C GLY G 102 6.56 -6.71 46.27
N PHE G 103 7.54 -6.47 45.39
CA PHE G 103 8.79 -5.81 45.83
C PHE G 103 8.51 -4.37 46.27
N GLU G 104 7.67 -3.67 45.51
CA GLU G 104 7.36 -2.31 45.90
C GLU G 104 6.81 -2.30 47.34
N GLN G 105 5.95 -3.26 47.66
CA GLN G 105 5.33 -3.33 49.00
C GLN G 105 6.37 -3.77 50.04
N ILE G 106 7.26 -4.70 49.68
CA ILE G 106 8.34 -5.10 50.58
C ILE G 106 9.16 -3.84 50.97
N GLY G 107 9.48 -3.05 49.96
CA GLY G 107 10.17 -1.79 50.20
C GLY G 107 9.45 -0.88 51.17
N LYS G 108 8.13 -0.73 51.03
CA LYS G 108 7.40 0.14 51.95
C LYS G 108 7.35 -0.47 53.36
N ASP G 109 7.32 -1.77 53.47
CA ASP G 109 7.19 -2.41 54.77
C ASP G 109 8.51 -2.53 55.57
N VAL G 110 9.63 -2.88 54.93
CA VAL G 110 10.90 -3.10 55.66
C VAL G 110 12.03 -2.18 55.15
N GLY G 111 11.84 -1.44 54.06
CA GLY G 111 12.87 -0.56 53.56
C GLY G 111 13.78 -1.25 52.57
N ASN G 112 15.00 -0.74 52.43
CA ASN G 112 15.98 -1.29 51.47
C ASN G 112 16.43 -2.67 51.95
N ILE G 113 16.77 -3.53 51.01
CA ILE G 113 17.21 -4.85 51.30
C ILE G 113 18.68 -5.02 50.88
N ASP G 114 19.25 -6.12 51.33
CA ASP G 114 20.61 -6.44 51.03
C ASP G 114 20.73 -7.55 50.03
N GLY G 115 19.68 -8.32 49.76
CA GLY G 115 19.78 -9.33 48.70
C GLY G 115 18.56 -10.21 48.60
N VAL G 116 18.62 -11.10 47.62
CA VAL G 116 17.49 -11.93 47.27
C VAL G 116 18.01 -13.34 47.04
N TYR G 117 17.38 -14.33 47.71
CA TYR G 117 17.61 -15.76 47.38
C TYR G 117 16.43 -16.27 46.52
N HIS G 118 16.71 -16.62 45.28
CA HIS G 118 15.73 -17.12 44.33
C HIS G 118 15.80 -18.66 44.29
N SER G 119 14.72 -19.32 44.72
CA SER G 119 14.68 -20.77 44.75
C SER G 119 13.40 -21.25 44.06
N ILE G 120 13.21 -20.85 42.79
CA ILE G 120 11.95 -21.07 42.08
C ILE G 120 12.23 -21.74 40.74
N ALA G 121 11.50 -22.81 40.48
CA ALA G 121 11.53 -23.38 39.15
C ALA G 121 10.26 -24.21 38.92
N PHE G 122 9.97 -24.51 37.66
CA PHE G 122 8.89 -25.37 37.33
C PHE G 122 9.04 -25.89 35.90
N ALA G 123 8.66 -27.13 35.68
CA ALA G 123 8.39 -27.65 34.37
C ALA G 123 7.25 -28.66 34.47
N ASN G 124 6.57 -28.97 33.38
CA ASN G 124 5.49 -29.99 33.48
C ASN G 124 6.12 -31.37 33.68
N MET G 125 5.54 -32.18 34.54
CA MET G 125 5.99 -33.55 34.75
C MET G 125 5.97 -34.32 33.42
N GLU G 126 5.00 -34.08 32.55
CA GLU G 126 4.99 -34.76 31.24
C GLU G 126 6.40 -34.63 30.60
N ASP G 127 6.97 -33.42 30.63
CA ASP G 127 8.25 -33.19 29.96
C ASP G 127 9.53 -33.62 30.81
N LEU G 128 9.47 -34.25 31.97
CA LEU G 128 10.67 -34.56 32.85
C LEU G 128 11.03 -36.07 32.94
N ARG G 129 10.88 -36.71 31.78
CA ARG G 129 10.99 -38.18 31.60
C ARG G 129 10.86 -38.48 30.10
N GLY G 130 11.11 -39.71 29.73
CA GLY G 130 11.10 -40.04 28.32
C GLY G 130 11.97 -39.09 27.53
N ARG G 131 11.45 -38.58 26.41
CA ARG G 131 12.30 -38.12 25.33
C ARG G 131 12.22 -36.58 25.28
N PHE G 132 13.39 -35.96 25.39
CA PHE G 132 13.46 -34.56 25.37
C PHE G 132 12.99 -34.05 23.99
N SER G 133 13.23 -34.80 22.93
CA SER G 133 12.89 -34.34 21.61
C SER G 133 11.36 -34.21 21.42
N GLU G 134 10.53 -34.79 22.31
CA GLU G 134 9.10 -34.69 22.24
C GLU G 134 8.58 -33.52 23.09
N THR G 135 9.43 -32.72 23.70
CA THR G 135 8.98 -31.57 24.46
C THR G 135 8.09 -30.65 23.59
N SER G 136 6.95 -30.22 24.17
CA SER G 136 6.03 -29.22 23.60
C SER G 136 6.59 -27.79 23.72
N ARG G 137 6.19 -26.92 22.79
CA ARG G 137 6.56 -25.50 22.80
C ARG G 137 6.08 -24.87 24.10
N GLU G 138 4.88 -25.19 24.49
CA GLU G 138 4.29 -24.56 25.65
C GLU G 138 5.05 -25.02 26.90
N GLY G 139 5.41 -26.30 26.94
CA GLY G 139 6.20 -26.83 28.09
C GLY G 139 7.56 -26.19 28.21
N PHE G 140 8.23 -26.09 27.07
CA PHE G 140 9.55 -25.48 26.98
C PHE G 140 9.50 -24.01 27.45
N LEU G 141 8.52 -23.25 26.97
CA LEU G 141 8.55 -21.82 27.27
C LEU G 141 8.09 -21.59 28.72
N LEU G 142 7.22 -22.47 29.23
CA LEU G 142 6.78 -22.40 30.65
C LEU G 142 7.99 -22.58 31.56
N ALA G 143 8.84 -23.56 31.23
CA ALA G 143 10.00 -23.80 32.06
C ALA G 143 10.95 -22.58 32.01
N GLN G 144 11.16 -22.02 30.80
CA GLN G 144 11.97 -20.76 30.65
C GLN G 144 11.38 -19.60 31.47
N ASP G 145 10.06 -19.45 31.38
CA ASP G 145 9.41 -18.35 31.99
C ASP G 145 9.64 -18.40 33.50
N ILE G 146 9.34 -19.52 34.11
CA ILE G 146 9.31 -19.60 35.60
C ILE G 146 10.74 -19.78 36.15
N SER G 147 11.54 -20.54 35.43
CA SER G 147 12.82 -21.04 35.97
C SER G 147 13.99 -20.12 35.56
N SER G 148 13.84 -19.26 34.55
CA SER G 148 14.92 -18.41 34.09
C SER G 148 14.47 -16.96 34.08
N TYR G 149 13.49 -16.63 33.26
CA TYR G 149 13.05 -15.22 33.16
C TYR G 149 12.71 -14.63 34.53
N SER G 150 12.08 -15.41 35.40
CA SER G 150 11.72 -14.88 36.72
C SER G 150 12.92 -14.20 37.37
N LEU G 151 14.14 -14.68 37.15
CA LEU G 151 15.29 -14.05 37.83
C LEU G 151 15.52 -12.63 37.29
N THR G 152 15.40 -12.45 35.99
CA THR G 152 15.66 -11.16 35.36
C THR G 152 14.70 -10.10 35.93
N ILE G 153 13.38 -10.42 35.97
CA ILE G 153 12.42 -9.43 36.44
C ILE G 153 12.54 -9.27 37.95
N VAL G 154 12.80 -10.33 38.70
CA VAL G 154 13.02 -10.19 40.14
C VAL G 154 14.21 -9.24 40.40
N ALA G 155 15.29 -9.43 39.62
CA ALA G 155 16.51 -8.59 39.73
C ALA G 155 16.19 -7.13 39.43
N HIS G 156 15.46 -6.88 38.34
CA HIS G 156 15.07 -5.50 37.98
C HIS G 156 14.29 -4.83 39.11
N GLU G 157 13.40 -5.57 39.78
CA GLU G 157 12.54 -4.97 40.78
C GLU G 157 13.29 -4.89 42.11
N ALA G 158 14.09 -5.92 42.43
CA ALA G 158 14.88 -5.92 43.68
C ALA G 158 15.95 -4.81 43.69
N LYS G 159 16.55 -4.52 42.53
CA LYS G 159 17.55 -3.44 42.35
C LYS G 159 17.07 -2.11 42.95
N LYS G 160 15.78 -1.83 42.83
CA LYS G 160 15.19 -0.59 43.32
C LYS G 160 15.28 -0.50 44.84
N LEU G 161 15.48 -1.63 45.53
CA LEU G 161 15.61 -1.65 47.00
C LEU G 161 17.07 -1.86 47.44
N MET G 162 18.00 -1.78 46.49
CA MET G 162 19.44 -1.98 46.78
C MET G 162 20.21 -0.79 46.19
N PRO G 163 19.88 0.44 46.63
CA PRO G 163 20.50 1.62 46.03
C PRO G 163 22.02 1.65 46.23
N GLU G 164 22.49 1.10 47.35
CA GLU G 164 23.92 1.02 47.70
C GLU G 164 24.50 -0.37 47.45
N GLY G 165 23.83 -1.20 46.66
CA GLY G 165 24.33 -2.53 46.30
C GLY G 165 23.65 -3.63 47.08
N GLY G 166 23.97 -4.87 46.67
CA GLY G 166 23.63 -6.09 47.39
C GLY G 166 23.99 -7.33 46.59
N SER G 167 23.30 -8.44 46.90
CA SER G 167 23.61 -9.76 46.34
C SER G 167 22.34 -10.52 45.97
N ILE G 168 22.34 -11.09 44.80
CA ILE G 168 21.26 -11.96 44.35
C ILE G 168 21.83 -13.36 44.08
N VAL G 169 21.20 -14.40 44.64
CA VAL G 169 21.63 -15.80 44.41
C VAL G 169 20.46 -16.61 43.83
N ALA G 170 20.70 -17.31 42.72
CA ALA G 170 19.71 -18.30 42.16
C ALA G 170 20.20 -19.76 42.39
N THR G 171 19.27 -20.72 42.36
CA THR G 171 19.54 -22.11 42.58
C THR G 171 19.50 -22.86 41.25
N THR G 172 20.58 -23.53 40.89
CA THR G 172 20.67 -24.32 39.65
C THR G 172 21.06 -25.79 39.95
N TYR G 173 21.22 -26.57 38.89
CA TYR G 173 21.62 -27.96 39.01
C TYR G 173 22.51 -28.26 37.81
N LEU G 174 23.43 -29.18 38.05
CA LEU G 174 24.39 -29.67 37.10
C LEU G 174 23.77 -29.99 35.73
N GLY G 175 22.47 -30.31 35.66
CA GLY G 175 21.81 -30.60 34.37
C GLY G 175 21.69 -29.38 33.44
N GLY G 176 22.00 -28.21 33.96
CA GLY G 176 22.14 -26.99 33.07
C GLY G 176 23.48 -26.95 32.31
N GLU G 177 24.51 -27.69 32.78
CA GLU G 177 25.85 -27.71 32.20
C GLU G 177 26.14 -29.00 31.41
N PHE G 178 25.48 -30.11 31.76
CA PHE G 178 25.58 -31.37 31.02
C PHE G 178 24.15 -31.97 30.88
N ALA G 179 23.93 -32.72 29.82
CA ALA G 179 22.75 -33.46 29.66
C ALA G 179 22.67 -34.62 30.66
N VAL G 180 21.80 -34.52 31.65
CA VAL G 180 21.46 -35.54 32.62
C VAL G 180 20.14 -36.23 32.18
N GLN G 181 20.11 -37.55 31.95
CA GLN G 181 18.84 -38.23 31.56
C GLN G 181 17.72 -37.83 32.55
N ASN G 182 16.53 -37.61 31.98
CA ASN G 182 15.26 -37.26 32.66
C ASN G 182 15.20 -35.78 33.07
N TYR G 183 16.25 -35.03 33.11
CA TYR G 183 16.09 -33.66 33.57
C TYR G 183 15.61 -32.81 32.40
N ASN G 184 15.95 -33.22 31.18
CA ASN G 184 15.30 -32.81 29.94
C ASN G 184 15.07 -31.29 29.90
N VAL G 185 13.82 -30.86 29.84
CA VAL G 185 13.47 -29.45 29.58
C VAL G 185 13.99 -28.61 30.74
N MET G 186 14.00 -29.13 31.96
CA MET G 186 14.50 -28.29 33.08
C MET G 186 16.03 -28.00 32.94
N GLY G 187 16.74 -28.91 32.29
CA GLY G 187 18.14 -28.72 32.02
C GLY G 187 18.39 -27.51 31.11
N VAL G 188 17.58 -27.39 30.05
CA VAL G 188 17.71 -26.25 29.12
C VAL G 188 17.30 -24.98 29.86
N ALA G 189 16.33 -25.05 30.76
CA ALA G 189 15.96 -23.90 31.54
C ALA G 189 17.06 -23.51 32.50
N LYS G 190 17.80 -24.49 33.05
CA LYS G 190 18.90 -24.13 34.01
C LYS G 190 20.09 -23.60 33.21
N ALA G 191 20.28 -24.07 31.99
CA ALA G 191 21.31 -23.50 31.17
C ALA G 191 21.02 -22.01 30.93
N SER G 192 19.75 -21.73 30.57
CA SER G 192 19.26 -20.38 30.41
C SER G 192 19.45 -19.61 31.72
N LEU G 193 19.05 -20.17 32.87
CA LEU G 193 19.24 -19.46 34.16
C LEU G 193 20.70 -19.10 34.40
N GLU G 194 21.63 -20.00 34.06
CA GLU G 194 22.97 -19.77 34.46
C GLU G 194 23.56 -18.59 33.62
N ALA G 195 23.28 -18.55 32.31
CA ALA G 195 23.63 -17.45 31.41
C ALA G 195 22.95 -16.16 31.90
N ASN G 196 21.72 -16.27 32.39
CA ASN G 196 20.95 -15.14 32.98
C ASN G 196 21.76 -14.51 34.13
N VAL G 197 22.32 -15.33 34.99
CA VAL G 197 23.12 -14.87 36.17
C VAL G 197 24.33 -14.07 35.67
N LYS G 198 24.98 -14.58 34.63
CA LYS G 198 26.16 -13.94 34.06
C LYS G 198 25.78 -12.57 33.40
N TYR G 199 24.74 -12.53 32.55
CA TYR G 199 24.31 -11.26 31.93
C TYR G 199 23.81 -10.29 33.03
N LEU G 200 23.12 -10.78 34.03
CA LEU G 200 22.71 -9.88 35.14
C LEU G 200 23.94 -9.37 35.91
N ALA G 201 24.92 -10.26 36.15
CA ALA G 201 26.13 -9.87 36.85
C ALA G 201 26.83 -8.70 36.12
N LEU G 202 26.93 -8.85 34.81
CA LEU G 202 27.61 -7.90 34.01
C LEU G 202 26.85 -6.55 34.07
N ASP G 203 25.54 -6.63 33.90
CA ASP G 203 24.68 -5.45 33.87
C ASP G 203 24.61 -4.71 35.21
N LEU G 204 24.46 -5.44 36.29
CA LEU G 204 24.24 -4.84 37.62
C LEU G 204 25.54 -4.64 38.42
N GLY G 205 26.65 -5.19 37.93
CA GLY G 205 27.97 -4.98 38.54
C GLY G 205 28.23 -3.53 38.88
N PRO G 206 28.09 -2.64 37.90
CA PRO G 206 28.34 -1.22 38.14
C PRO G 206 27.45 -0.59 39.23
N ASP G 207 26.33 -1.23 39.52
CA ASP G 207 25.48 -0.85 40.62
C ASP G 207 25.89 -1.49 41.96
N ASN G 208 26.98 -2.26 41.97
CA ASN G 208 27.49 -3.00 43.16
C ASN G 208 26.45 -4.04 43.62
N ILE G 209 25.81 -4.67 42.64
CA ILE G 209 24.91 -5.78 42.90
C ILE G 209 25.58 -7.01 42.28
N ARG G 210 25.91 -7.96 43.16
CA ARG G 210 26.54 -9.20 42.67
C ARG G 210 25.43 -10.21 42.35
N VAL G 211 25.63 -11.03 41.31
CA VAL G 211 24.66 -12.07 40.98
C VAL G 211 25.42 -13.38 40.78
N ASN G 212 24.97 -14.41 41.46
CA ASN G 212 25.66 -15.72 41.45
C ASN G 212 24.62 -16.84 41.55
N ALA G 213 25.06 -18.07 41.30
CA ALA G 213 24.26 -19.28 41.37
C ALA G 213 24.90 -20.26 42.36
N ILE G 214 24.06 -21.06 43.01
CA ILE G 214 24.50 -22.24 43.69
C ILE G 214 23.96 -23.42 42.89
N SER G 215 24.85 -24.36 42.54
CA SER G 215 24.49 -25.58 41.86
C SER G 215 24.44 -26.67 42.92
N ALA G 216 23.22 -26.95 43.39
CA ALA G 216 22.97 -27.87 44.47
C ALA G 216 22.96 -29.29 43.90
N GLY G 217 23.56 -30.17 44.67
CA GLY G 217 23.39 -31.60 44.39
C GLY G 217 21.95 -32.05 44.70
N PRO G 218 21.64 -33.30 44.37
CA PRO G 218 20.24 -33.70 44.54
C PRO G 218 19.84 -33.73 46.02
N ILE G 219 18.67 -33.19 46.34
CA ILE G 219 18.12 -33.10 47.67
C ILE G 219 16.65 -33.52 47.61
N ARG G 220 16.23 -34.36 48.57
CA ARG G 220 14.85 -34.82 48.62
C ARG G 220 13.93 -33.66 48.99
N THR G 221 13.29 -33.10 47.98
CA THR G 221 12.27 -32.03 48.15
C THR G 221 10.95 -32.40 47.46
N LEU G 222 9.92 -31.59 47.69
CA LEU G 222 8.63 -31.75 46.99
C LEU G 222 8.81 -31.68 45.47
N SER G 223 9.56 -30.72 44.96
CA SER G 223 9.78 -30.60 43.51
C SER G 223 10.61 -31.79 42.97
N ALA G 224 11.57 -32.33 43.75
CA ALA G 224 12.31 -33.56 43.32
C ALA G 224 11.36 -34.70 42.92
N LYS G 225 10.15 -34.76 43.49
CA LYS G 225 9.26 -35.85 43.13
C LYS G 225 8.87 -35.79 41.66
N GLY G 226 8.96 -34.62 41.04
CA GLY G 226 8.55 -34.50 39.66
C GLY G 226 9.61 -34.97 38.67
N VAL G 227 10.83 -35.30 39.12
CA VAL G 227 11.85 -35.66 38.19
C VAL G 227 11.99 -37.18 38.15
N GLY G 228 11.80 -37.80 37.01
CA GLY G 228 12.07 -39.23 36.93
C GLY G 228 13.52 -39.56 37.31
N GLY G 229 13.71 -40.73 37.91
CA GLY G 229 15.03 -41.29 38.18
C GLY G 229 15.75 -40.55 39.30
N PHE G 230 15.04 -39.77 40.09
CA PHE G 230 15.69 -38.98 41.12
C PHE G 230 16.36 -39.88 42.17
N ASN G 231 15.72 -40.96 42.62
CA ASN G 231 16.35 -41.82 43.61
C ASN G 231 17.65 -42.46 43.08
N THR G 232 17.67 -42.87 41.81
CA THR G 232 18.85 -43.46 41.18
C THR G 232 20.05 -42.52 41.28
N ILE G 233 19.81 -41.20 41.09
CA ILE G 233 20.84 -40.16 41.12
C ILE G 233 21.35 -39.95 42.55
N LEU G 234 20.46 -39.86 43.54
CA LEU G 234 20.87 -39.75 44.94
C LEU G 234 21.93 -40.83 45.23
N LYS G 235 21.64 -42.05 44.82
CA LYS G 235 22.49 -43.12 45.23
C LYS G 235 23.79 -43.11 44.42
N GLU G 236 23.76 -42.77 43.13
CA GLU G 236 25.02 -42.66 42.42
C GLU G 236 25.93 -41.56 43.04
N ILE G 237 25.39 -40.47 43.59
CA ILE G 237 26.21 -39.48 44.27
C ILE G 237 26.99 -40.13 45.44
N GLU G 238 26.30 -40.96 46.22
CA GLU G 238 26.90 -41.56 47.39
C GLU G 238 28.08 -42.43 46.97
N GLU G 239 28.00 -43.06 45.81
CA GLU G 239 29.02 -44.02 45.43
C GLU G 239 30.20 -43.39 44.70
N ARG G 240 29.96 -42.26 44.02
CA ARG G 240 30.90 -41.71 43.06
C ARG G 240 31.38 -40.31 43.46
N ALA G 241 30.56 -39.45 44.01
CA ALA G 241 31.03 -38.11 44.37
C ALA G 241 32.21 -38.23 45.35
N PRO G 242 33.19 -37.31 45.23
CA PRO G 242 34.37 -37.22 46.11
C PRO G 242 34.08 -37.41 47.60
N LEU G 243 33.06 -36.77 48.14
CA LEU G 243 32.78 -36.91 49.57
C LEU G 243 31.90 -38.12 49.82
N LYS G 244 31.50 -38.86 48.79
CA LYS G 244 30.79 -40.17 49.03
C LYS G 244 29.57 -39.98 49.93
N ARG G 245 28.83 -38.88 49.70
CA ARG G 245 27.65 -38.57 50.48
C ARG G 245 26.91 -37.47 49.73
N ASN G 246 25.66 -37.30 50.11
CA ASN G 246 24.81 -36.32 49.51
C ASN G 246 24.87 -35.07 50.37
N VAL G 247 24.42 -33.94 49.81
CA VAL G 247 24.39 -32.70 50.55
C VAL G 247 22.98 -32.46 51.06
N ASP G 248 22.82 -31.52 51.95
CA ASP G 248 21.52 -31.13 52.37
C ASP G 248 21.26 -29.60 52.22
N GLN G 249 20.06 -29.22 52.61
CA GLN G 249 19.51 -27.90 52.36
C GLN G 249 20.30 -26.87 53.16
N VAL G 250 20.69 -27.23 54.37
CA VAL G 250 21.49 -26.36 55.24
C VAL G 250 22.88 -26.13 54.63
N GLU G 251 23.44 -27.12 53.96
CA GLU G 251 24.73 -26.92 53.28
C GLU G 251 24.56 -25.87 52.17
N VAL G 252 23.44 -25.93 51.45
CA VAL G 252 23.15 -24.92 50.43
C VAL G 252 23.03 -23.57 51.14
N GLY G 253 22.32 -23.55 52.24
CA GLY G 253 22.14 -22.34 53.04
C GLY G 253 23.47 -21.71 53.47
N LYS G 254 24.47 -22.52 53.82
CA LYS G 254 25.73 -21.96 54.33
C LYS G 254 26.49 -21.27 53.20
N THR G 255 26.51 -21.84 52.00
CA THR G 255 27.11 -21.23 50.86
C THR G 255 26.29 -19.99 50.41
N ALA G 256 24.98 -20.03 50.52
CA ALA G 256 24.13 -18.86 50.29
C ALA G 256 24.52 -17.72 51.24
N ALA G 257 24.76 -18.01 52.51
CA ALA G 257 25.17 -16.97 53.44
C ALA G 257 26.52 -16.36 52.98
N TYR G 258 27.40 -17.20 52.46
CA TYR G 258 28.64 -16.68 51.94
C TYR G 258 28.31 -15.70 50.81
N LEU G 259 27.52 -16.17 49.84
CA LEU G 259 27.29 -15.44 48.62
C LEU G 259 26.48 -14.15 48.89
N LEU G 260 25.71 -14.10 49.96
CA LEU G 260 24.81 -12.99 50.24
C LEU G 260 25.47 -11.97 51.18
N SER G 261 26.65 -12.30 51.68
CA SER G 261 27.35 -11.48 52.65
C SER G 261 28.58 -10.83 52.00
N ASP G 262 29.18 -9.96 52.76
CA ASP G 262 30.41 -9.31 52.34
C ASP G 262 31.61 -10.32 52.22
N LEU G 263 31.44 -11.58 52.70
CA LEU G 263 32.52 -12.53 52.57
C LEU G 263 32.86 -12.74 51.10
N SER G 264 31.86 -12.59 50.23
CA SER G 264 32.03 -12.91 48.82
C SER G 264 32.17 -11.64 47.96
N SER G 265 32.69 -10.54 48.55
N SER G 265 32.66 -10.53 48.53
CA SER G 265 32.99 -9.34 47.80
CA SER G 265 32.53 -9.19 47.86
C SER G 265 34.06 -9.71 46.78
C SER G 265 33.19 -9.12 46.47
N GLY G 266 33.81 -9.35 45.55
N GLY G 266 34.16 -9.98 46.16
CA GLY G 266 34.74 -9.76 44.55
CA GLY G 266 34.83 -9.94 44.83
C GLY G 266 34.25 -10.92 43.72
C GLY G 266 34.22 -10.89 43.80
N VAL G 267 33.21 -11.63 44.19
CA VAL G 267 32.67 -12.76 43.45
C VAL G 267 31.33 -12.39 42.79
N THR G 268 31.27 -12.51 41.49
CA THR G 268 30.01 -12.32 40.80
C THR G 268 30.05 -13.09 39.48
N GLY G 269 28.90 -13.45 38.97
CA GLY G 269 28.81 -14.19 37.75
C GLY G 269 29.25 -15.64 37.99
N GLU G 270 29.38 -16.04 39.26
CA GLU G 270 29.93 -17.39 39.57
C GLU G 270 28.79 -18.38 39.84
N ASN G 271 29.11 -19.66 39.64
CA ASN G 271 28.25 -20.85 39.90
C ASN G 271 28.99 -21.72 40.94
N ILE G 272 28.65 -21.69 42.19
CA ILE G 272 29.31 -22.52 43.19
C ILE G 272 28.58 -23.86 43.33
N HIS G 273 29.31 -24.93 43.11
CA HIS G 273 28.73 -26.28 43.20
C HIS G 273 28.77 -26.78 44.65
N VAL G 274 27.57 -26.98 45.21
CA VAL G 274 27.42 -27.56 46.54
C VAL G 274 26.84 -28.97 46.38
N ASP G 275 27.74 -29.89 46.00
CA ASP G 275 27.38 -31.15 45.49
C ASP G 275 28.33 -32.29 45.80
N SER G 276 29.05 -32.22 46.93
CA SER G 276 30.04 -33.28 47.26
C SER G 276 31.15 -33.49 46.22
N GLY G 277 31.37 -32.54 45.34
CA GLY G 277 32.40 -32.60 44.34
C GLY G 277 31.98 -33.29 43.05
N PHE G 278 30.69 -33.62 42.90
CA PHE G 278 30.27 -34.48 41.77
C PHE G 278 30.54 -33.76 40.45
N HIS G 279 30.43 -32.45 40.44
CA HIS G 279 30.72 -31.65 39.22
C HIS G 279 32.16 -31.89 38.75
N ALA G 280 33.07 -32.28 39.62
CA ALA G 280 34.53 -32.24 39.26
C ALA G 280 34.97 -33.59 38.71
N ILE G 281 34.05 -34.54 38.64
CA ILE G 281 34.43 -35.87 38.19
C ILE G 281 33.66 -36.24 36.94
N LYS G 282 34.24 -37.18 36.24
CA LYS G 282 33.56 -37.83 35.18
C LYS G 282 33.59 -39.35 35.47
N VAL H 28 7.84 12.04 -35.38
CA VAL H 28 8.11 13.51 -35.57
C VAL H 28 8.71 13.84 -36.96
N ASN H 29 7.99 13.70 -38.11
CA ASN H 29 8.38 14.50 -39.27
C ASN H 29 8.02 15.97 -39.03
N LEU H 30 9.02 16.85 -39.09
CA LEU H 30 8.75 18.27 -38.99
C LEU H 30 8.96 18.96 -40.34
N GLU H 31 8.87 18.26 -41.47
CA GLU H 31 8.84 18.93 -42.77
C GLU H 31 7.64 19.89 -42.85
N ASN H 32 7.79 21.02 -43.52
CA ASN H 32 6.72 22.03 -43.64
C ASN H 32 6.44 22.71 -42.31
N LYS H 33 7.26 22.48 -41.30
CA LYS H 33 7.20 23.26 -40.08
C LYS H 33 8.32 24.32 -40.07
N THR H 34 8.12 25.39 -39.30
CA THR H 34 9.11 26.45 -39.18
C THR H 34 9.25 26.84 -37.71
N TYR H 35 10.49 26.89 -37.22
CA TYR H 35 10.70 27.17 -35.80
C TYR H 35 11.71 28.30 -35.67
N VAL H 36 11.51 29.15 -34.70
CA VAL H 36 12.47 30.20 -34.39
C VAL H 36 13.30 29.72 -33.19
N ILE H 37 14.62 29.67 -33.33
CA ILE H 37 15.51 29.29 -32.24
C ILE H 37 16.30 30.52 -31.79
N MET H 38 16.11 30.89 -30.54
CA MET H 38 16.71 32.05 -29.95
C MET H 38 17.81 31.62 -28.98
N GLY H 39 19.06 32.04 -29.23
CA GLY H 39 20.13 31.96 -28.20
C GLY H 39 21.26 31.01 -28.54
N ILE H 40 21.52 30.73 -29.81
CA ILE H 40 22.76 30.09 -30.19
C ILE H 40 23.89 31.13 -30.16
N ALA H 41 24.98 30.85 -29.41
CA ALA H 41 26.26 31.66 -29.42
C ALA H 41 27.39 30.88 -30.11
N ASN H 42 27.41 29.55 -30.00
CA ASN H 42 28.49 28.73 -30.58
C ASN H 42 28.04 27.27 -30.65
N LYS H 43 28.93 26.38 -31.11
CA LYS H 43 28.60 24.97 -31.31
C LYS H 43 28.23 24.28 -29.98
N ARG H 44 28.60 24.80 -28.80
CA ARG H 44 28.27 24.14 -27.51
C ARG H 44 26.94 24.64 -26.94
N SER H 45 26.31 25.62 -27.58
CA SER H 45 25.05 26.15 -27.07
C SER H 45 23.98 25.06 -27.03
N ILE H 46 23.23 24.99 -25.94
CA ILE H 46 22.01 24.09 -25.86
C ILE H 46 21.14 24.27 -27.12
N ALA H 47 20.92 25.50 -27.52
CA ALA H 47 20.09 25.80 -28.68
C ALA H 47 20.66 25.22 -29.97
N PHE H 48 21.96 25.01 -30.06
CA PHE H 48 22.49 24.37 -31.28
C PHE H 48 22.17 22.86 -31.22
N GLY H 49 22.08 22.26 -30.04
CA GLY H 49 21.55 20.88 -29.94
C GLY H 49 20.13 20.79 -30.51
N VAL H 50 19.28 21.69 -30.01
CA VAL H 50 17.94 21.84 -30.53
C VAL H 50 17.99 22.00 -32.05
N ALA H 51 18.81 22.90 -32.56
CA ALA H 51 18.83 23.15 -33.98
C ALA H 51 19.19 21.88 -34.75
N LYS H 52 20.19 21.14 -34.30
CA LYS H 52 20.65 19.95 -35.05
C LYS H 52 19.55 18.89 -35.09
N VAL H 53 18.80 18.75 -34.01
CA VAL H 53 17.72 17.76 -33.98
C VAL H 53 16.58 18.21 -34.91
N LEU H 54 16.14 19.47 -34.77
CA LEU H 54 15.00 19.97 -35.58
C LEU H 54 15.39 19.96 -37.07
N ASP H 55 16.62 20.35 -37.37
CA ASP H 55 17.12 20.37 -38.73
C ASP H 55 17.11 18.98 -39.34
N GLN H 56 17.60 18.02 -38.54
CA GLN H 56 17.67 16.61 -38.95
C GLN H 56 16.25 16.06 -39.18
N LEU H 57 15.24 16.59 -38.51
CA LEU H 57 13.85 16.15 -38.68
C LEU H 57 13.14 16.93 -39.81
N GLY H 58 13.83 17.81 -40.54
CA GLY H 58 13.25 18.46 -41.72
C GLY H 58 12.62 19.83 -41.43
N ALA H 59 12.72 20.36 -40.22
CA ALA H 59 12.14 21.70 -39.96
C ALA H 59 12.90 22.78 -40.74
N LYS H 60 12.18 23.85 -41.08
CA LYS H 60 12.80 25.08 -41.47
C LYS H 60 13.08 25.86 -40.18
N LEU H 61 14.27 26.43 -40.13
CA LEU H 61 14.77 27.07 -38.92
C LEU H 61 15.13 28.55 -39.19
N VAL H 62 14.87 29.34 -38.17
CA VAL H 62 15.11 30.75 -38.17
C VAL H 62 15.84 31.02 -36.85
N PHE H 63 16.93 31.78 -36.89
CA PHE H 63 17.79 31.96 -35.75
C PHE H 63 17.82 33.43 -35.31
N THR H 64 17.84 33.69 -34.02
CA THR H 64 18.05 35.02 -33.53
C THR H 64 19.28 35.05 -32.60
N TYR H 65 19.98 36.19 -32.63
CA TYR H 65 21.23 36.37 -31.89
C TYR H 65 21.29 37.80 -31.31
N ARG H 66 22.11 38.03 -30.29
CA ARG H 66 22.35 39.37 -29.76
C ARG H 66 23.65 39.94 -30.34
N LYS H 67 24.77 39.28 -30.09
CA LYS H 67 26.12 39.79 -30.38
C LYS H 67 26.50 39.47 -31.82
N GLU H 68 27.26 40.37 -32.41
CA GLU H 68 27.68 40.21 -33.79
C GLU H 68 28.49 38.90 -33.93
N ARG H 69 29.27 38.58 -32.90
CA ARG H 69 30.06 37.34 -32.87
C ARG H 69 29.12 36.11 -32.99
N SER H 70 27.97 36.15 -32.31
CA SER H 70 27.05 35.01 -32.41
C SER H 70 26.54 34.87 -33.86
N ARG H 71 26.27 35.97 -34.60
CA ARG H 71 25.90 35.86 -36.04
C ARG H 71 27.02 35.15 -36.80
N LYS H 72 28.27 35.57 -36.57
CA LYS H 72 29.41 34.93 -37.28
C LYS H 72 29.45 33.42 -36.99
N GLU H 73 29.34 33.04 -35.71
CA GLU H 73 29.27 31.62 -35.33
C GLU H 73 28.11 30.94 -36.07
N LEU H 74 26.94 31.60 -36.12
CA LEU H 74 25.77 31.01 -36.77
C LEU H 74 26.03 30.79 -38.26
N GLU H 75 26.65 31.76 -38.94
CA GLU H 75 26.85 31.59 -40.39
C GLU H 75 27.74 30.38 -40.65
N LYS H 76 28.72 30.14 -39.77
CA LYS H 76 29.67 29.00 -39.85
C LYS H 76 28.98 27.69 -39.45
N LEU H 77 28.18 27.70 -38.37
CA LEU H 77 27.47 26.50 -37.93
C LEU H 77 26.37 26.09 -38.92
N LEU H 78 25.77 27.02 -39.64
CA LEU H 78 24.74 26.65 -40.63
C LEU H 78 25.32 25.76 -41.75
N GLU H 79 26.63 25.76 -41.93
CA GLU H 79 27.26 24.89 -42.92
C GLU H 79 27.07 23.41 -42.54
N GLN H 80 26.98 23.09 -41.25
CA GLN H 80 26.73 21.71 -40.72
C GLN H 80 25.26 21.29 -40.88
N LEU H 81 24.30 22.23 -40.86
CA LEU H 81 22.86 21.91 -41.00
C LEU H 81 22.50 21.76 -42.48
N ASN H 82 21.29 21.28 -42.74
CA ASN H 82 20.81 21.08 -44.09
C ASN H 82 19.99 22.28 -44.53
N GLN H 83 19.78 23.26 -43.65
CA GLN H 83 19.03 24.47 -44.00
C GLN H 83 19.61 25.07 -45.29
N PRO H 84 18.78 25.25 -46.32
CA PRO H 84 19.29 25.81 -47.58
C PRO H 84 19.30 27.35 -47.61
N GLU H 85 18.85 28.00 -46.53
CA GLU H 85 18.79 29.43 -46.42
C GLU H 85 19.02 29.81 -44.96
N ALA H 86 19.94 30.74 -44.75
CA ALA H 86 20.17 31.31 -43.44
C ALA H 86 19.08 32.35 -43.16
N HIS H 87 18.27 32.15 -42.16
CA HIS H 87 17.36 33.19 -41.72
C HIS H 87 17.86 33.67 -40.34
N LEU H 88 18.63 34.75 -40.31
CA LEU H 88 19.27 35.25 -39.08
C LEU H 88 18.73 36.64 -38.72
N TYR H 89 18.40 36.89 -37.47
CA TYR H 89 17.78 38.12 -37.07
C TYR H 89 18.42 38.53 -35.75
N GLN H 90 18.87 39.77 -35.68
CA GLN H 90 19.46 40.26 -34.47
C GLN H 90 18.35 40.70 -33.53
N ILE H 91 18.26 40.10 -32.35
CA ILE H 91 17.26 40.52 -31.38
C ILE H 91 17.90 40.49 -30.00
N ASP H 92 17.99 41.67 -29.41
CA ASP H 92 18.32 41.79 -28.02
C ASP H 92 16.99 41.89 -27.27
N VAL H 93 16.70 40.91 -26.42
CA VAL H 93 15.38 40.76 -25.77
C VAL H 93 15.22 41.81 -24.64
N GLN H 94 16.25 42.62 -24.39
CA GLN H 94 16.10 43.77 -23.48
C GLN H 94 15.35 44.93 -24.16
N SER H 95 15.23 44.89 -25.49
CA SER H 95 14.57 45.91 -26.27
C SER H 95 13.24 45.39 -26.84
N ASP H 96 12.15 45.98 -26.39
CA ASP H 96 10.82 45.70 -26.96
C ASP H 96 10.81 45.85 -28.49
N GLU H 97 11.39 46.95 -28.98
CA GLU H 97 11.40 47.28 -30.40
C GLU H 97 12.06 46.16 -31.20
N GLU H 98 13.20 45.68 -30.73
CA GLU H 98 13.92 44.64 -31.46
C GLU H 98 13.10 43.33 -31.48
N VAL H 99 12.43 43.02 -30.37
CA VAL H 99 11.61 41.79 -30.35
C VAL H 99 10.42 41.99 -31.29
N ILE H 100 9.72 43.14 -31.15
CA ILE H 100 8.55 43.45 -31.99
C ILE H 100 8.97 43.43 -33.46
N ASN H 101 10.02 44.17 -33.82
CA ASN H 101 10.43 44.31 -35.23
C ASN H 101 11.04 43.01 -35.76
N GLY H 102 11.85 42.33 -34.95
CA GLY H 102 12.41 41.03 -35.30
C GLY H 102 11.34 40.03 -35.77
N PHE H 103 10.33 39.81 -34.91
CA PHE H 103 9.29 38.82 -35.25
C PHE H 103 8.45 39.32 -36.43
N GLU H 104 8.14 40.61 -36.44
CA GLU H 104 7.38 41.13 -37.57
C GLU H 104 8.14 40.82 -38.88
N GLN H 105 9.45 40.99 -38.87
CA GLN H 105 10.26 40.76 -40.07
C GLN H 105 10.36 39.26 -40.37
N ILE H 106 10.47 38.41 -39.33
CA ILE H 106 10.46 36.96 -39.52
C ILE H 106 9.17 36.56 -40.26
N GLY H 107 8.05 37.10 -39.79
CA GLY H 107 6.78 36.87 -40.43
C GLY H 107 6.77 37.26 -41.91
N LYS H 108 7.34 38.41 -42.26
CA LYS H 108 7.36 38.83 -43.66
C LYS H 108 8.30 37.93 -44.49
N ASP H 109 9.36 37.46 -43.89
CA ASP H 109 10.33 36.66 -44.64
C ASP H 109 9.95 35.17 -44.84
N VAL H 110 9.39 34.50 -43.81
CA VAL H 110 9.08 33.05 -43.92
C VAL H 110 7.60 32.76 -43.67
N GLY H 111 6.80 33.73 -43.26
CA GLY H 111 5.37 33.48 -43.02
C GLY H 111 5.09 33.05 -41.60
N ASN H 112 3.99 32.34 -41.39
CA ASN H 112 3.58 31.88 -40.05
C ASN H 112 4.56 30.81 -39.57
N ILE H 113 4.76 30.74 -38.27
CA ILE H 113 5.65 29.77 -37.69
C ILE H 113 4.86 28.79 -36.83
N ASP H 114 5.55 27.72 -36.46
CA ASP H 114 4.95 26.70 -35.65
C ASP H 114 5.45 26.72 -34.23
N GLY H 115 6.54 27.42 -33.92
CA GLY H 115 6.95 27.52 -32.51
C GLY H 115 8.27 28.22 -32.33
N VAL H 116 8.65 28.38 -31.07
CA VAL H 116 9.81 29.14 -30.69
C VAL H 116 10.55 28.36 -29.61
N TYR H 117 11.86 28.15 -29.79
CA TYR H 117 12.74 27.64 -28.71
C TYR H 117 13.52 28.83 -28.12
N HIS H 118 13.27 29.12 -26.86
CA HIS H 118 13.91 30.20 -26.13
C HIS H 118 15.06 29.64 -25.27
N SER H 119 16.29 30.02 -25.60
CA SER H 119 17.45 29.54 -24.87
C SER H 119 18.31 30.74 -24.43
N ILE H 120 17.72 31.66 -23.67
CA ILE H 120 18.34 32.97 -23.38
C ILE H 120 18.30 33.20 -21.88
N ALA H 121 19.46 33.55 -21.35
CA ALA H 121 19.50 33.98 -19.96
C ALA H 121 20.77 34.80 -19.72
N PHE H 122 20.79 35.56 -18.65
CA PHE H 122 21.96 36.28 -18.25
C PHE H 122 21.85 36.70 -16.78
N ALA H 123 22.97 36.66 -16.09
CA ALA H 123 23.12 37.38 -14.84
C ALA H 123 24.57 37.86 -14.74
N ASN H 124 24.86 38.84 -13.90
CA ASN H 124 26.29 39.27 -13.81
C ASN H 124 27.09 38.21 -13.05
N MET H 125 28.29 37.92 -13.49
CA MET H 125 29.18 37.02 -12.78
C MET H 125 29.39 37.47 -11.34
N GLU H 126 29.45 38.75 -11.07
CA GLU H 126 29.58 39.22 -9.67
C GLU H 126 28.51 38.50 -8.81
N ASP H 127 27.26 38.45 -9.30
CA ASP H 127 26.19 37.86 -8.52
C ASP H 127 26.09 36.28 -8.57
N LEU H 128 26.98 35.49 -9.18
CA LEU H 128 26.82 33.99 -9.37
C LEU H 128 27.82 33.12 -8.53
N ARG H 129 28.04 33.63 -7.32
CA ARG H 129 29.07 33.11 -6.37
C ARG H 129 28.92 33.92 -5.08
N GLY H 130 29.65 33.52 -4.05
CA GLY H 130 29.48 34.15 -2.76
C GLY H 130 28.00 34.21 -2.38
N ARG H 131 27.54 35.39 -1.92
CA ARG H 131 26.38 35.38 -1.05
C ARG H 131 25.19 35.98 -1.82
N PHE H 132 24.11 35.20 -1.87
CA PHE H 132 22.97 35.64 -2.54
C PHE H 132 22.40 36.90 -1.83
N SER H 133 22.55 36.98 -0.52
CA SER H 133 21.98 38.12 0.20
C SER H 133 22.63 39.47 -0.20
N GLU H 134 23.80 39.45 -0.84
CA GLU H 134 24.51 40.64 -1.26
C GLU H 134 24.14 41.02 -2.70
N THR H 135 23.24 40.30 -3.36
CA THR H 135 22.85 40.67 -4.71
C THR H 135 22.35 42.13 -4.75
N SER H 136 22.81 42.86 -5.77
CA SER H 136 22.36 44.22 -6.12
C SER H 136 20.97 44.20 -6.79
N ARG H 137 20.20 45.28 -6.60
CA ARG H 137 18.89 45.48 -7.22
C ARG H 137 19.07 45.43 -8.75
N GLU H 138 20.10 46.07 -9.24
CA GLU H 138 20.29 46.16 -10.67
C GLU H 138 20.62 44.77 -11.22
N GLY H 139 21.42 43.99 -10.47
CA GLY H 139 21.76 42.63 -10.92
C GLY H 139 20.55 41.71 -10.94
N PHE H 140 19.76 41.80 -9.87
CA PHE H 140 18.53 41.02 -9.72
C PHE H 140 17.56 41.35 -10.87
N LEU H 141 17.35 42.63 -11.17
CA LEU H 141 16.31 42.95 -12.14
C LEU H 141 16.81 42.66 -13.55
N LEU H 142 18.14 42.77 -13.77
CA LEU H 142 18.75 42.44 -15.07
C LEU H 142 18.50 40.94 -15.37
N ALA H 143 18.71 40.11 -14.34
CA ALA H 143 18.53 38.69 -14.54
C ALA H 143 17.03 38.39 -14.84
N GLN H 144 16.12 39.03 -14.12
CA GLN H 144 14.65 38.89 -14.38
C GLN H 144 14.30 39.35 -15.81
N ASP H 145 14.87 40.47 -16.21
CA ASP H 145 14.55 41.07 -17.46
C ASP H 145 14.93 40.08 -18.57
N ILE H 146 16.16 39.62 -18.59
CA ILE H 146 16.69 38.86 -19.73
C ILE H 146 16.22 37.40 -19.67
N SER H 147 16.15 36.86 -18.46
CA SER H 147 16.00 35.43 -18.27
C SER H 147 14.54 35.04 -18.08
N SER H 148 13.64 35.96 -17.78
CA SER H 148 12.25 35.62 -17.51
C SER H 148 11.32 36.49 -18.38
N TYR H 149 11.36 37.80 -18.17
CA TYR H 149 10.45 38.70 -18.94
C TYR H 149 10.59 38.48 -20.45
N SER H 150 11.81 38.25 -20.94
CA SER H 150 12.00 38.03 -22.37
C SER H 150 11.01 37.00 -22.90
N LEU H 151 10.66 35.98 -22.12
CA LEU H 151 9.75 34.93 -22.64
C LEU H 151 8.35 35.51 -22.86
N THR H 152 7.87 36.34 -21.95
CA THR H 152 6.55 36.93 -22.04
C THR H 152 6.41 37.73 -23.34
N ILE H 153 7.38 38.63 -23.61
CA ILE H 153 7.27 39.49 -24.75
C ILE H 153 7.55 38.68 -26.03
N VAL H 154 8.46 37.74 -25.98
CA VAL H 154 8.67 36.87 -27.17
C VAL H 154 7.37 36.13 -27.53
N ALA H 155 6.68 35.63 -26.49
CA ALA H 155 5.41 34.91 -26.64
C ALA H 155 4.35 35.81 -27.27
N HIS H 156 4.22 37.03 -26.73
CA HIS H 156 3.24 38.00 -27.28
C HIS H 156 3.49 38.27 -28.76
N GLU H 157 4.75 38.36 -29.17
CA GLU H 157 5.05 38.73 -30.54
C GLU H 157 4.99 37.50 -31.43
N ALA H 158 5.45 36.35 -30.92
CA ALA H 158 5.39 35.10 -31.71
C ALA H 158 3.96 34.64 -31.96
N LYS H 159 3.05 34.86 -31.01
CA LYS H 159 1.60 34.54 -31.13
C LYS H 159 1.01 35.06 -32.44
N LYS H 160 1.45 36.25 -32.86
CA LYS H 160 0.94 36.89 -34.06
C LYS H 160 1.30 36.08 -35.32
N LEU H 161 2.28 35.19 -35.22
CA LEU H 161 2.69 34.33 -36.36
C LEU H 161 2.19 32.89 -36.17
N MET H 162 1.32 32.66 -35.18
CA MET H 162 0.80 31.32 -34.90
C MET H 162 -0.74 31.40 -34.82
N PRO H 163 -1.37 31.86 -35.91
CA PRO H 163 -2.81 32.09 -35.87
C PRO H 163 -3.61 30.80 -35.59
N GLU H 164 -3.09 29.66 -36.04
CA GLU H 164 -3.70 28.35 -35.86
C GLU H 164 -3.02 27.55 -34.75
N GLY H 165 -2.26 28.19 -33.88
CA GLY H 165 -1.61 27.53 -32.75
C GLY H 165 -0.13 27.27 -33.00
N GLY H 166 0.54 26.82 -31.94
CA GLY H 166 1.92 26.40 -31.98
C GLY H 166 2.44 26.04 -30.59
N SER H 167 3.78 26.01 -30.48
CA SER H 167 4.47 25.58 -29.26
C SER H 167 5.67 26.48 -28.94
N ILE H 168 5.74 26.90 -27.70
CA ILE H 168 6.86 27.68 -27.21
C ILE H 168 7.57 26.88 -26.09
N VAL H 169 8.89 26.72 -26.19
CA VAL H 169 9.68 26.00 -25.14
C VAL H 169 10.78 26.92 -24.60
N ALA H 170 10.86 27.07 -23.29
CA ALA H 170 12.00 27.79 -22.62
C ALA H 170 12.94 26.79 -21.90
N THR H 171 14.19 27.20 -21.66
CA THR H 171 15.20 26.39 -21.02
C THR H 171 15.38 26.84 -19.58
N THR H 172 15.23 25.93 -18.63
CA THR H 172 15.42 26.23 -17.19
C THR H 172 16.44 25.25 -16.57
N TYR H 173 16.64 25.37 -15.27
CA TYR H 173 17.55 24.52 -14.52
C TYR H 173 16.93 24.32 -13.14
N LEU H 174 17.23 23.14 -12.58
CA LEU H 174 16.79 22.70 -11.29
C LEU H 174 16.95 23.79 -10.21
N GLY H 175 17.92 24.72 -10.36
CA GLY H 175 18.12 25.81 -9.37
C GLY H 175 16.92 26.81 -9.29
N GLY H 176 16.00 26.72 -10.23
CA GLY H 176 14.71 27.49 -10.10
C GLY H 176 13.70 26.85 -9.13
N GLU H 177 13.87 25.53 -8.82
CA GLU H 177 12.96 24.76 -7.91
C GLU H 177 13.60 24.51 -6.54
N PHE H 178 14.94 24.46 -6.45
CA PHE H 178 15.66 24.34 -5.18
C PHE H 178 16.85 25.32 -5.16
N ALA H 179 17.24 25.74 -3.98
CA ALA H 179 18.41 26.56 -3.85
C ALA H 179 19.66 25.69 -4.04
N VAL H 180 20.36 25.85 -5.15
CA VAL H 180 21.64 25.25 -5.47
C VAL H 180 22.76 26.26 -5.18
N GLN H 181 23.73 25.97 -4.32
CA GLN H 181 24.82 26.93 -4.03
C GLN H 181 25.45 27.43 -5.34
N ASN H 182 25.75 28.72 -5.35
CA ASN H 182 26.37 29.51 -6.46
C ASN H 182 25.37 29.88 -7.57
N TYR H 183 24.22 29.29 -7.67
CA TYR H 183 23.38 29.66 -8.80
C TYR H 183 22.63 30.96 -8.46
N ASN H 184 22.40 31.17 -7.16
CA ASN H 184 22.05 32.47 -6.58
C ASN H 184 20.98 33.19 -7.41
N VAL H 185 21.31 34.35 -7.95
CA VAL H 185 20.32 35.25 -8.60
C VAL H 185 19.73 34.53 -9.80
N MET H 186 20.48 33.72 -10.49
CA MET H 186 19.91 33.02 -11.68
C MET H 186 18.82 32.00 -11.26
N GLY H 187 18.95 31.47 -10.04
CA GLY H 187 17.95 30.57 -9.50
C GLY H 187 16.59 31.27 -9.34
N VAL H 188 16.61 32.49 -8.82
CA VAL H 188 15.37 33.25 -8.61
C VAL H 188 14.83 33.66 -9.98
N ALA H 189 15.70 33.93 -10.95
CA ALA H 189 15.24 34.23 -12.29
C ALA H 189 14.61 32.99 -12.93
N LYS H 190 15.14 31.78 -12.66
CA LYS H 190 14.56 30.57 -13.29
C LYS H 190 13.24 30.23 -12.56
N ALA H 191 13.13 30.54 -11.28
CA ALA H 191 11.88 30.36 -10.61
C ALA H 191 10.80 31.24 -11.28
N SER H 192 11.16 32.49 -11.52
CA SER H 192 10.33 33.44 -12.24
C SER H 192 10.02 32.88 -13.62
N LEU H 193 11.02 32.40 -14.37
CA LEU H 193 10.76 31.84 -15.70
C LEU H 193 9.74 30.67 -15.65
N GLU H 194 9.84 29.83 -14.65
CA GLU H 194 9.04 28.66 -14.67
C GLU H 194 7.54 29.05 -14.42
N ALA H 195 7.28 29.97 -13.49
CA ALA H 195 5.95 30.55 -13.24
C ALA H 195 5.47 31.26 -14.53
N ASN H 196 6.38 31.94 -15.22
CA ASN H 196 6.10 32.61 -16.52
C ASN H 196 5.50 31.62 -17.52
N VAL H 197 6.09 30.43 -17.62
CA VAL H 197 5.66 29.39 -18.56
C VAL H 197 4.21 28.96 -18.21
N LYS H 198 3.93 28.80 -16.92
CA LYS H 198 2.63 28.40 -16.44
C LYS H 198 1.57 29.51 -16.73
N TYR H 199 1.83 30.78 -16.40
CA TYR H 199 0.89 31.88 -16.67
C TYR H 199 0.74 32.04 -18.19
N LEU H 200 1.80 31.90 -18.96
CA LEU H 200 1.66 31.96 -20.42
C LEU H 200 0.84 30.79 -20.96
N ALA H 201 1.06 29.60 -20.41
CA ALA H 201 0.31 28.42 -20.81
C ALA H 201 -1.19 28.65 -20.61
N LEU H 202 -1.54 29.18 -19.44
CA LEU H 202 -2.91 29.40 -19.09
C LEU H 202 -3.50 30.43 -20.06
N ASP H 203 -2.79 31.52 -20.29
CA ASP H 203 -3.26 32.61 -21.10
C ASP H 203 -3.40 32.24 -22.58
N LEU H 204 -2.41 31.56 -23.13
CA LEU H 204 -2.36 31.27 -24.57
C LEU H 204 -2.98 29.91 -24.95
N GLY H 205 -3.31 29.10 -23.94
CA GLY H 205 -4.00 27.82 -24.16
C GLY H 205 -5.18 27.94 -25.08
N PRO H 206 -6.08 28.86 -24.79
CA PRO H 206 -7.28 29.06 -25.66
C PRO H 206 -6.94 29.41 -27.11
N ASP H 207 -5.75 29.91 -27.35
CA ASP H 207 -5.25 30.15 -28.68
C ASP H 207 -4.58 28.93 -29.31
N ASN H 208 -4.56 27.78 -28.59
CA ASN H 208 -3.90 26.54 -29.03
C ASN H 208 -2.37 26.73 -29.16
N ILE H 209 -1.84 27.53 -28.25
CA ILE H 209 -0.40 27.72 -28.15
C ILE H 209 0.04 27.09 -26.82
N ARG H 210 0.85 26.07 -26.93
CA ARG H 210 1.32 25.37 -25.72
C ARG H 210 2.64 26.03 -25.25
N VAL H 211 2.84 26.13 -23.97
CA VAL H 211 4.08 26.69 -23.43
C VAL H 211 4.62 25.74 -22.36
N ASN H 212 5.87 25.37 -22.51
CA ASN H 212 6.52 24.38 -21.64
C ASN H 212 8.00 24.75 -21.43
N ALA H 213 8.65 24.09 -20.51
CA ALA H 213 10.05 24.27 -20.15
C ALA H 213 10.78 22.93 -20.24
N ILE H 214 12.05 22.98 -20.61
CA ILE H 214 12.96 21.88 -20.41
C ILE H 214 13.93 22.30 -19.31
N SER H 215 14.06 21.47 -18.27
CA SER H 215 15.00 21.66 -17.22
C SER H 215 16.21 20.77 -17.52
N ALA H 216 17.23 21.38 -18.10
CA ALA H 216 18.42 20.70 -18.56
C ALA H 216 19.36 20.50 -17.37
N GLY H 217 19.95 19.33 -17.35
CA GLY H 217 21.06 19.09 -16.43
C GLY H 217 22.29 19.88 -16.84
N PRO H 218 23.32 19.89 -16.00
CA PRO H 218 24.46 20.75 -16.35
C PRO H 218 25.15 20.27 -17.64
N ILE H 219 25.46 21.22 -18.52
CA ILE H 219 26.11 20.98 -19.80
C ILE H 219 27.24 22.01 -19.96
N ARG H 220 28.42 21.58 -20.41
CA ARG H 220 29.52 22.49 -20.65
C ARG H 220 29.18 23.42 -21.81
N THR H 221 28.78 24.63 -21.48
CA THR H 221 28.52 25.72 -22.46
C THR H 221 29.35 26.99 -22.11
N LEU H 222 29.32 27.96 -23.01
CA LEU H 222 29.95 29.28 -22.76
C LEU H 222 29.34 29.93 -21.49
N SER H 223 28.02 29.93 -21.35
CA SER H 223 27.41 30.53 -20.15
C SER H 223 27.74 29.73 -18.87
N ALA H 224 27.89 28.39 -18.94
CA ALA H 224 28.36 27.57 -17.76
C ALA H 224 29.64 28.15 -17.14
N LYS H 225 30.49 28.81 -17.93
CA LYS H 225 31.73 29.32 -17.36
C LYS H 225 31.43 30.41 -16.31
N GLY H 226 30.26 31.02 -16.37
CA GLY H 226 29.96 32.09 -15.43
C GLY H 226 29.50 31.58 -14.07
N VAL H 227 29.24 30.28 -13.92
CA VAL H 227 28.64 29.83 -12.70
C VAL H 227 29.73 29.20 -11.82
N GLY H 228 29.94 29.71 -10.63
CA GLY H 228 30.87 29.04 -9.72
C GLY H 228 30.50 27.57 -9.48
N GLY H 229 31.51 26.72 -9.29
CA GLY H 229 31.30 25.36 -8.83
C GLY H 229 30.70 24.45 -9.89
N PHE H 230 30.71 24.87 -11.13
CA PHE H 230 30.09 24.11 -12.20
C PHE H 230 30.72 22.71 -12.36
N ASN H 231 32.04 22.59 -12.34
CA ASN H 231 32.68 21.28 -12.50
C ASN H 231 32.31 20.31 -11.36
N THR H 232 32.22 20.83 -10.12
CA THR H 232 31.84 20.00 -8.97
C THR H 232 30.47 19.35 -9.21
N ILE H 233 29.54 20.11 -9.82
CA ILE H 233 28.15 19.66 -10.07
C ILE H 233 28.16 18.59 -11.18
N LEU H 234 28.86 18.81 -12.27
CA LEU H 234 28.97 17.80 -13.34
C LEU H 234 29.32 16.45 -12.71
N LYS H 235 30.30 16.45 -11.82
CA LYS H 235 30.79 15.20 -11.34
C LYS H 235 29.80 14.61 -10.33
N GLU H 236 29.17 15.41 -9.49
CA GLU H 236 28.18 14.84 -8.58
C GLU H 236 26.99 14.20 -9.38
N ILE H 237 26.62 14.73 -10.55
CA ILE H 237 25.61 14.10 -11.38
C ILE H 237 26.03 12.66 -11.74
N GLU H 238 27.28 12.50 -12.16
CA GLU H 238 27.76 11.21 -12.62
C GLU H 238 27.66 10.21 -11.48
N GLU H 239 27.85 10.65 -10.24
CA GLU H 239 27.94 9.69 -9.14
C GLU H 239 26.57 9.38 -8.54
N ARG H 240 25.61 10.31 -8.66
CA ARG H 240 24.38 10.25 -7.88
C ARG H 240 23.15 10.18 -8.81
N ALA H 241 23.11 10.84 -9.93
CA ALA H 241 21.91 10.78 -10.76
C ALA H 241 21.64 9.33 -11.16
N PRO H 242 20.35 8.96 -11.28
CA PRO H 242 19.88 7.61 -11.67
C PRO H 242 20.65 6.99 -12.84
N LEU H 243 20.88 7.75 -13.91
CA LEU H 243 21.57 7.16 -15.07
C LEU H 243 23.07 7.28 -14.89
N LYS H 244 23.55 7.88 -13.80
CA LYS H 244 25.05 7.83 -13.52
C LYS H 244 25.83 8.40 -14.69
N ARG H 245 25.32 9.48 -15.30
CA ARG H 245 25.95 10.12 -16.43
C ARG H 245 25.26 11.47 -16.61
N ASN H 246 25.93 12.31 -17.37
CA ASN H 246 25.46 13.64 -17.62
C ASN H 246 24.74 13.62 -18.95
N VAL H 247 23.93 14.67 -19.21
CA VAL H 247 23.21 14.73 -20.48
C VAL H 247 23.97 15.67 -21.42
N ASP H 248 23.57 15.69 -22.66
CA ASP H 248 24.13 16.62 -23.59
C ASP H 248 23.04 17.44 -24.34
N GLN H 249 23.51 18.31 -25.21
CA GLN H 249 22.70 19.33 -25.86
C GLN H 249 21.71 18.64 -26.80
N VAL H 250 22.17 17.59 -27.48
CA VAL H 250 21.31 16.82 -28.37
C VAL H 250 20.17 16.13 -27.60
N GLU H 251 20.43 15.69 -26.38
CA GLU H 251 19.37 15.10 -25.57
C GLU H 251 18.29 16.17 -25.28
N VAL H 252 18.74 17.39 -24.98
CA VAL H 252 17.79 18.49 -24.78
C VAL H 252 17.02 18.70 -26.10
N GLY H 253 17.74 18.70 -27.19
CA GLY H 253 17.14 18.86 -28.52
C GLY H 253 16.05 17.82 -28.81
N LYS H 254 16.24 16.59 -28.35
CA LYS H 254 15.26 15.53 -28.69
C LYS H 254 13.96 15.76 -27.92
N THR H 255 14.03 16.17 -26.67
CA THR H 255 12.87 16.50 -25.90
C THR H 255 12.23 17.81 -26.43
N ALA H 256 13.02 18.77 -26.88
CA ALA H 256 12.51 19.96 -27.55
C ALA H 256 11.68 19.57 -28.80
N ALA H 257 12.17 18.62 -29.59
CA ALA H 257 11.41 18.17 -30.74
C ALA H 257 10.05 17.58 -30.30
N TYR H 258 10.05 16.87 -29.17
CA TYR H 258 8.82 16.35 -28.68
C TYR H 258 7.89 17.54 -28.36
N LEU H 259 8.40 18.48 -27.58
CA LEU H 259 7.59 19.55 -27.04
C LEU H 259 7.11 20.48 -28.16
N LEU H 260 7.83 20.55 -29.29
CA LEU H 260 7.52 21.48 -30.35
C LEU H 260 6.66 20.84 -31.44
N SER H 261 6.39 19.54 -31.31
CA SER H 261 5.69 18.78 -32.31
C SER H 261 4.32 18.37 -31.78
N ASP H 262 3.54 17.78 -32.67
CA ASP H 262 2.24 17.25 -32.31
C ASP H 262 2.33 16.06 -31.29
N LEU H 263 3.55 15.51 -31.06
CA LEU H 263 3.65 14.40 -30.15
C LEU H 263 3.18 14.83 -28.77
N SER H 264 3.35 16.11 -28.45
CA SER H 264 3.08 16.61 -27.10
C SER H 264 1.73 17.39 -27.04
N SER H 265 0.79 17.05 -27.93
N SER H 265 0.77 17.05 -27.91
CA SER H 265 -0.54 17.65 -27.90
CA SER H 265 -0.37 17.95 -28.14
C SER H 265 -1.17 17.22 -26.56
C SER H 265 -1.17 18.25 -26.86
N GLY H 266 -1.68 18.19 -25.83
N GLY H 266 -1.22 17.35 -25.89
CA GLY H 266 -2.21 17.87 -24.54
CA GLY H 266 -2.03 17.59 -24.70
C GLY H 266 -1.25 18.18 -23.40
C GLY H 266 -1.24 18.12 -23.49
N VAL H 267 0.02 18.50 -23.71
CA VAL H 267 0.97 18.90 -22.69
C VAL H 267 1.21 20.41 -22.77
N THR H 268 0.96 21.10 -21.67
CA THR H 268 1.29 22.52 -21.59
C THR H 268 1.46 22.88 -20.12
N GLY H 269 2.23 23.90 -19.86
CA GLY H 269 2.50 24.33 -18.51
C GLY H 269 3.46 23.34 -17.83
N GLU H 270 4.08 22.45 -18.62
CA GLU H 270 4.93 21.39 -18.03
C GLU H 270 6.42 21.81 -18.06
N ASN H 271 7.19 21.19 -17.15
CA ASN H 271 8.65 21.32 -16.97
C ASN H 271 9.25 19.93 -17.14
N ILE H 272 9.81 19.57 -18.29
CA ILE H 272 10.39 18.26 -18.44
C ILE H 272 11.87 18.29 -18.07
N HIS H 273 12.24 17.43 -17.11
CA HIS H 273 13.62 17.38 -16.67
C HIS H 273 14.44 16.45 -17.55
N VAL H 274 15.43 17.02 -18.25
CA VAL H 274 16.36 16.25 -19.06
C VAL H 274 17.73 16.29 -18.36
N ASP H 275 17.83 15.45 -17.32
CA ASP H 275 18.87 15.58 -16.36
C ASP H 275 19.35 14.27 -15.73
N SER H 276 19.25 13.15 -16.45
CA SER H 276 19.60 11.82 -15.90
C SER H 276 18.83 11.42 -14.63
N GLY H 277 17.71 12.03 -14.35
CA GLY H 277 16.88 11.73 -13.22
C GLY H 277 17.26 12.46 -11.96
N PHE H 278 18.21 13.42 -12.02
CA PHE H 278 18.74 14.02 -10.82
C PHE H 278 17.64 14.75 -10.05
N HIS H 279 16.65 15.32 -10.75
CA HIS H 279 15.54 16.01 -10.09
C HIS H 279 14.79 15.05 -9.17
N ALA H 280 14.82 13.72 -9.40
CA ALA H 280 13.90 12.81 -8.68
C ALA H 280 14.55 12.28 -7.41
N ILE H 281 15.78 12.66 -7.16
CA ILE H 281 16.50 12.11 -6.01
C ILE H 281 16.88 13.23 -5.05
N LYS H 282 17.17 12.79 -3.84
CA LYS H 282 17.69 13.59 -2.78
C LYS H 282 18.75 12.76 -2.03
#